data_1GGZ
# 
_entry.id   1GGZ 
# 
_audit_conform.dict_name       mmcif_pdbx.dic 
_audit_conform.dict_version    5.383 
_audit_conform.dict_location   http://mmcif.pdb.org/dictionaries/ascii/mmcif_pdbx.dic 
# 
loop_
_database_2.database_id 
_database_2.database_code 
_database_2.pdbx_database_accession 
_database_2.pdbx_DOI 
PDB   1GGZ         pdb_00001ggz 10.2210/pdb1ggz/pdb 
RCSB  RCSB001503   ?            ?                   
WWPDB D_1000001503 ?            ?                   
# 
loop_
_pdbx_audit_revision_history.ordinal 
_pdbx_audit_revision_history.data_content_type 
_pdbx_audit_revision_history.major_revision 
_pdbx_audit_revision_history.minor_revision 
_pdbx_audit_revision_history.revision_date 
1 'Structure model' 1 0 2002-06-05 
2 'Structure model' 1 1 2007-10-16 
3 'Structure model' 1 2 2011-07-13 
4 'Structure model' 1 3 2017-10-04 
5 'Structure model' 1 4 2023-12-27 
# 
_pdbx_audit_revision_details.ordinal             1 
_pdbx_audit_revision_details.revision_ordinal    1 
_pdbx_audit_revision_details.data_content_type   'Structure model' 
_pdbx_audit_revision_details.provider            repository 
_pdbx_audit_revision_details.type                'Initial release' 
_pdbx_audit_revision_details.description         ? 
_pdbx_audit_revision_details.details             ? 
# 
loop_
_pdbx_audit_revision_group.ordinal 
_pdbx_audit_revision_group.revision_ordinal 
_pdbx_audit_revision_group.data_content_type 
_pdbx_audit_revision_group.group 
1 2 'Structure model' 'Version format compliance' 
2 3 'Structure model' 'Version format compliance' 
3 4 'Structure model' 'Refinement description'    
4 5 'Structure model' 'Data collection'           
5 5 'Structure model' 'Database references'       
6 5 'Structure model' 'Derived calculations'      
# 
loop_
_pdbx_audit_revision_category.ordinal 
_pdbx_audit_revision_category.revision_ordinal 
_pdbx_audit_revision_category.data_content_type 
_pdbx_audit_revision_category.category 
1 4 'Structure model' software       
2 5 'Structure model' chem_comp_atom 
3 5 'Structure model' chem_comp_bond 
4 5 'Structure model' database_2     
5 5 'Structure model' struct_site    
# 
loop_
_pdbx_audit_revision_item.ordinal 
_pdbx_audit_revision_item.revision_ordinal 
_pdbx_audit_revision_item.data_content_type 
_pdbx_audit_revision_item.item 
1 5 'Structure model' '_database_2.pdbx_DOI'                
2 5 'Structure model' '_database_2.pdbx_database_accession' 
3 5 'Structure model' '_struct_site.pdbx_auth_asym_id'      
4 5 'Structure model' '_struct_site.pdbx_auth_comp_id'      
5 5 'Structure model' '_struct_site.pdbx_auth_seq_id'       
# 
_pdbx_database_status.entry_id                        1GGZ 
_pdbx_database_status.status_code                     REL 
_pdbx_database_status.deposit_site                    RCSB 
_pdbx_database_status.process_site                    RCSB 
_pdbx_database_status.recvd_initial_deposition_date   2000-10-13 
_pdbx_database_status.SG_entry                        . 
_pdbx_database_status.pdb_format_compatible           Y 
_pdbx_database_status.status_code_mr                  ? 
_pdbx_database_status.status_code_sf                  ? 
_pdbx_database_status.status_code_cs                  ? 
_pdbx_database_status.methods_development_category    ? 
_pdbx_database_status.status_code_nmr_data            ? 
# 
_pdbx_database_related.db_name        PDB 
_pdbx_database_related.db_id          1CLL 
_pdbx_database_related.details        '1CLL (calmodulin) has 85% sequence homology and similar structure.' 
_pdbx_database_related.content_type   unspecified 
# 
loop_
_audit_author.name 
_audit_author.pdbx_ordinal 
'Han, B.-G.'   1 
'Han, M.'      2 
'Sui, H.'      3 
'Yaswen, P.'   4 
'Walian, P.J.' 5 
'Jap, B.K.'    6 
# 
_citation.id                        primary 
_citation.title                     'Crystal structure of human calmodulin-like protein: insights into its functional role.' 
_citation.journal_abbrev            'FEBS Lett.' 
_citation.journal_volume            521 
_citation.page_first                24 
_citation.page_last                 30 
_citation.year                      2002 
_citation.journal_id_ASTM           FEBLAL 
_citation.country                   NE 
_citation.journal_id_ISSN           0014-5793 
_citation.journal_id_CSD            0165 
_citation.book_publisher            ? 
_citation.pdbx_database_id_PubMed   12067719 
_citation.pdbx_database_id_DOI      '10.1016/S0014-5793(02)02780-1' 
# 
loop_
_citation_author.citation_id 
_citation_author.name 
_citation_author.ordinal 
_citation_author.identifier_ORCID 
primary 'Han, B.G.'    1 ? 
primary 'Han, M.'      2 ? 
primary 'Sui, H.'      3 ? 
primary 'Yaswen, P.'   4 ? 
primary 'Walian, P.J.' 5 ? 
primary 'Jap, B.K.'    6 ? 
# 
loop_
_entity.id 
_entity.type 
_entity.src_method 
_entity.pdbx_description 
_entity.formula_weight 
_entity.pdbx_number_of_molecules 
_entity.pdbx_ec 
_entity.pdbx_mutation 
_entity.pdbx_fragment 
_entity.details 
1 polymer     man 'CALMODULIN-RELATED PROTEIN NB-1' 16778.508 1   ? ? ? ? 
2 non-polymer syn 'CALCIUM ION'                     40.078    4   ? ? ? ? 
3 water       nat water                             18.015    260 ? ? ? ? 
# 
_entity_name_com.entity_id   1 
_entity_name_com.name        'CALMODULIN-LIKE PROTEIN' 
# 
_entity_poly.entity_id                      1 
_entity_poly.type                           'polypeptide(L)' 
_entity_poly.nstd_linkage                   no 
_entity_poly.nstd_monomer                   no 
_entity_poly.pdbx_seq_one_letter_code       
;ADQLTEEQVTEFKEAFSLFDKDGDGCITTRELGTVMRSLGQNPTEAELRDMMSEIDRDGNGTVDFPEFLGMMARKMKDTD
NEEEIREAFRVFDKDGNGFVSAAELRHVMTRLGEKLSDEEVDEMIRAADTDGDGQVNYEEFVRVLVSK
;
_entity_poly.pdbx_seq_one_letter_code_can   
;ADQLTEEQVTEFKEAFSLFDKDGDGCITTRELGTVMRSLGQNPTEAELRDMMSEIDRDGNGTVDFPEFLGMMARKMKDTD
NEEEIREAFRVFDKDGNGFVSAAELRHVMTRLGEKLSDEEVDEMIRAADTDGDGQVNYEEFVRVLVSK
;
_entity_poly.pdbx_strand_id                 A 
_entity_poly.pdbx_target_identifier         ? 
# 
loop_
_pdbx_entity_nonpoly.entity_id 
_pdbx_entity_nonpoly.name 
_pdbx_entity_nonpoly.comp_id 
2 'CALCIUM ION' CA  
3 water         HOH 
# 
loop_
_entity_poly_seq.entity_id 
_entity_poly_seq.num 
_entity_poly_seq.mon_id 
_entity_poly_seq.hetero 
1 1   ALA n 
1 2   ASP n 
1 3   GLN n 
1 4   LEU n 
1 5   THR n 
1 6   GLU n 
1 7   GLU n 
1 8   GLN n 
1 9   VAL n 
1 10  THR n 
1 11  GLU n 
1 12  PHE n 
1 13  LYS n 
1 14  GLU n 
1 15  ALA n 
1 16  PHE n 
1 17  SER n 
1 18  LEU n 
1 19  PHE n 
1 20  ASP n 
1 21  LYS n 
1 22  ASP n 
1 23  GLY n 
1 24  ASP n 
1 25  GLY n 
1 26  CYS n 
1 27  ILE n 
1 28  THR n 
1 29  THR n 
1 30  ARG n 
1 31  GLU n 
1 32  LEU n 
1 33  GLY n 
1 34  THR n 
1 35  VAL n 
1 36  MET n 
1 37  ARG n 
1 38  SER n 
1 39  LEU n 
1 40  GLY n 
1 41  GLN n 
1 42  ASN n 
1 43  PRO n 
1 44  THR n 
1 45  GLU n 
1 46  ALA n 
1 47  GLU n 
1 48  LEU n 
1 49  ARG n 
1 50  ASP n 
1 51  MET n 
1 52  MET n 
1 53  SER n 
1 54  GLU n 
1 55  ILE n 
1 56  ASP n 
1 57  ARG n 
1 58  ASP n 
1 59  GLY n 
1 60  ASN n 
1 61  GLY n 
1 62  THR n 
1 63  VAL n 
1 64  ASP n 
1 65  PHE n 
1 66  PRO n 
1 67  GLU n 
1 68  PHE n 
1 69  LEU n 
1 70  GLY n 
1 71  MET n 
1 72  MET n 
1 73  ALA n 
1 74  ARG n 
1 75  LYS n 
1 76  MET n 
1 77  LYS n 
1 78  ASP n 
1 79  THR n 
1 80  ASP n 
1 81  ASN n 
1 82  GLU n 
1 83  GLU n 
1 84  GLU n 
1 85  ILE n 
1 86  ARG n 
1 87  GLU n 
1 88  ALA n 
1 89  PHE n 
1 90  ARG n 
1 91  VAL n 
1 92  PHE n 
1 93  ASP n 
1 94  LYS n 
1 95  ASP n 
1 96  GLY n 
1 97  ASN n 
1 98  GLY n 
1 99  PHE n 
1 100 VAL n 
1 101 SER n 
1 102 ALA n 
1 103 ALA n 
1 104 GLU n 
1 105 LEU n 
1 106 ARG n 
1 107 HIS n 
1 108 VAL n 
1 109 MET n 
1 110 THR n 
1 111 ARG n 
1 112 LEU n 
1 113 GLY n 
1 114 GLU n 
1 115 LYS n 
1 116 LEU n 
1 117 SER n 
1 118 ASP n 
1 119 GLU n 
1 120 GLU n 
1 121 VAL n 
1 122 ASP n 
1 123 GLU n 
1 124 MET n 
1 125 ILE n 
1 126 ARG n 
1 127 ALA n 
1 128 ALA n 
1 129 ASP n 
1 130 THR n 
1 131 ASP n 
1 132 GLY n 
1 133 ASP n 
1 134 GLY n 
1 135 GLN n 
1 136 VAL n 
1 137 ASN n 
1 138 TYR n 
1 139 GLU n 
1 140 GLU n 
1 141 PHE n 
1 142 VAL n 
1 143 ARG n 
1 144 VAL n 
1 145 LEU n 
1 146 VAL n 
1 147 SER n 
1 148 LYS n 
# 
_entity_src_gen.entity_id                          1 
_entity_src_gen.pdbx_src_id                        1 
_entity_src_gen.pdbx_alt_source_flag               sample 
_entity_src_gen.pdbx_seq_type                      ? 
_entity_src_gen.pdbx_beg_seq_num                   ? 
_entity_src_gen.pdbx_end_seq_num                   ? 
_entity_src_gen.gene_src_common_name               human 
_entity_src_gen.gene_src_genus                     Homo 
_entity_src_gen.pdbx_gene_src_gene                 ? 
_entity_src_gen.gene_src_species                   ? 
_entity_src_gen.gene_src_strain                    ? 
_entity_src_gen.gene_src_tissue                    ? 
_entity_src_gen.gene_src_tissue_fraction           ? 
_entity_src_gen.gene_src_details                   ? 
_entity_src_gen.pdbx_gene_src_fragment             ? 
_entity_src_gen.pdbx_gene_src_scientific_name      'Homo sapiens' 
_entity_src_gen.pdbx_gene_src_ncbi_taxonomy_id     9606 
_entity_src_gen.pdbx_gene_src_variant              ? 
_entity_src_gen.pdbx_gene_src_cell_line            ? 
_entity_src_gen.pdbx_gene_src_atcc                 ? 
_entity_src_gen.pdbx_gene_src_organ                ? 
_entity_src_gen.pdbx_gene_src_organelle            ? 
_entity_src_gen.pdbx_gene_src_cell                 EPITHELIAL 
_entity_src_gen.pdbx_gene_src_cellular_location    ? 
_entity_src_gen.host_org_common_name               ? 
_entity_src_gen.pdbx_host_org_scientific_name      'Escherichia coli' 
_entity_src_gen.pdbx_host_org_ncbi_taxonomy_id     562 
_entity_src_gen.host_org_genus                     Escherichia 
_entity_src_gen.pdbx_host_org_gene                 ? 
_entity_src_gen.pdbx_host_org_organ                ? 
_entity_src_gen.host_org_species                   ? 
_entity_src_gen.pdbx_host_org_tissue               ? 
_entity_src_gen.pdbx_host_org_tissue_fraction      ? 
_entity_src_gen.pdbx_host_org_strain               ? 
_entity_src_gen.pdbx_host_org_variant              ? 
_entity_src_gen.pdbx_host_org_cell_line            ? 
_entity_src_gen.pdbx_host_org_atcc                 ? 
_entity_src_gen.pdbx_host_org_culture_collection   ? 
_entity_src_gen.pdbx_host_org_cell                 ? 
_entity_src_gen.pdbx_host_org_organelle            ? 
_entity_src_gen.pdbx_host_org_cellular_location    ? 
_entity_src_gen.pdbx_host_org_vector_type          PLASMID 
_entity_src_gen.pdbx_host_org_vector               ? 
_entity_src_gen.host_org_details                   ? 
_entity_src_gen.expression_system_id               ? 
_entity_src_gen.plasmid_name                       PET-11D 
_entity_src_gen.plasmid_details                    ? 
_entity_src_gen.pdbx_description                   ? 
# 
loop_
_chem_comp.id 
_chem_comp.type 
_chem_comp.mon_nstd_flag 
_chem_comp.name 
_chem_comp.pdbx_synonyms 
_chem_comp.formula 
_chem_comp.formula_weight 
ALA 'L-peptide linking' y ALANINE         ? 'C3 H7 N O2'     89.093  
ARG 'L-peptide linking' y ARGININE        ? 'C6 H15 N4 O2 1' 175.209 
ASN 'L-peptide linking' y ASPARAGINE      ? 'C4 H8 N2 O3'    132.118 
ASP 'L-peptide linking' y 'ASPARTIC ACID' ? 'C4 H7 N O4'     133.103 
CA  non-polymer         . 'CALCIUM ION'   ? 'Ca 2'           40.078  
CYS 'L-peptide linking' y CYSTEINE        ? 'C3 H7 N O2 S'   121.158 
GLN 'L-peptide linking' y GLUTAMINE       ? 'C5 H10 N2 O3'   146.144 
GLU 'L-peptide linking' y 'GLUTAMIC ACID' ? 'C5 H9 N O4'     147.129 
GLY 'peptide linking'   y GLYCINE         ? 'C2 H5 N O2'     75.067  
HIS 'L-peptide linking' y HISTIDINE       ? 'C6 H10 N3 O2 1' 156.162 
HOH non-polymer         . WATER           ? 'H2 O'           18.015  
ILE 'L-peptide linking' y ISOLEUCINE      ? 'C6 H13 N O2'    131.173 
LEU 'L-peptide linking' y LEUCINE         ? 'C6 H13 N O2'    131.173 
LYS 'L-peptide linking' y LYSINE          ? 'C6 H15 N2 O2 1' 147.195 
MET 'L-peptide linking' y METHIONINE      ? 'C5 H11 N O2 S'  149.211 
PHE 'L-peptide linking' y PHENYLALANINE   ? 'C9 H11 N O2'    165.189 
PRO 'L-peptide linking' y PROLINE         ? 'C5 H9 N O2'     115.130 
SER 'L-peptide linking' y SERINE          ? 'C3 H7 N O3'     105.093 
THR 'L-peptide linking' y THREONINE       ? 'C4 H9 N O3'     119.119 
TYR 'L-peptide linking' y TYROSINE        ? 'C9 H11 N O3'    181.189 
VAL 'L-peptide linking' y VALINE          ? 'C5 H11 N O2'    117.146 
# 
loop_
_pdbx_poly_seq_scheme.asym_id 
_pdbx_poly_seq_scheme.entity_id 
_pdbx_poly_seq_scheme.seq_id 
_pdbx_poly_seq_scheme.mon_id 
_pdbx_poly_seq_scheme.ndb_seq_num 
_pdbx_poly_seq_scheme.pdb_seq_num 
_pdbx_poly_seq_scheme.auth_seq_num 
_pdbx_poly_seq_scheme.pdb_mon_id 
_pdbx_poly_seq_scheme.auth_mon_id 
_pdbx_poly_seq_scheme.pdb_strand_id 
_pdbx_poly_seq_scheme.pdb_ins_code 
_pdbx_poly_seq_scheme.hetero 
A 1 1   ALA 1   1   ?   ?   ?   A . n 
A 1 2   ASP 2   2   ?   ?   ?   A . n 
A 1 3   GLN 3   3   ?   ?   ?   A . n 
A 1 4   LEU 4   4   4   LEU LEU A . n 
A 1 5   THR 5   5   5   THR THR A . n 
A 1 6   GLU 6   6   6   GLU GLU A . n 
A 1 7   GLU 7   7   7   GLU GLU A . n 
A 1 8   GLN 8   8   8   GLN GLN A . n 
A 1 9   VAL 9   9   9   VAL VAL A . n 
A 1 10  THR 10  10  10  THR THR A . n 
A 1 11  GLU 11  11  11  GLU GLU A . n 
A 1 12  PHE 12  12  12  PHE PHE A . n 
A 1 13  LYS 13  13  13  LYS LYS A . n 
A 1 14  GLU 14  14  14  GLU GLU A . n 
A 1 15  ALA 15  15  15  ALA ALA A . n 
A 1 16  PHE 16  16  16  PHE PHE A . n 
A 1 17  SER 17  17  17  SER SER A . n 
A 1 18  LEU 18  18  18  LEU LEU A . n 
A 1 19  PHE 19  19  19  PHE PHE A . n 
A 1 20  ASP 20  20  20  ASP ASP A . n 
A 1 21  LYS 21  21  21  LYS LYS A . n 
A 1 22  ASP 22  22  22  ASP ASP A . n 
A 1 23  GLY 23  23  23  GLY GLY A . n 
A 1 24  ASP 24  24  24  ASP ASP A . n 
A 1 25  GLY 25  25  25  GLY GLY A . n 
A 1 26  CYS 26  26  26  CYS CYS A . n 
A 1 27  ILE 27  27  27  ILE ILE A . n 
A 1 28  THR 28  28  28  THR THR A . n 
A 1 29  THR 29  29  29  THR THR A . n 
A 1 30  ARG 30  30  30  ARG ARG A . n 
A 1 31  GLU 31  31  31  GLU GLU A . n 
A 1 32  LEU 32  32  32  LEU LEU A . n 
A 1 33  GLY 33  33  33  GLY GLY A . n 
A 1 34  THR 34  34  34  THR THR A . n 
A 1 35  VAL 35  35  35  VAL VAL A . n 
A 1 36  MET 36  36  36  MET MET A . n 
A 1 37  ARG 37  37  37  ARG ARG A . n 
A 1 38  SER 38  38  38  SER SER A . n 
A 1 39  LEU 39  39  39  LEU LEU A . n 
A 1 40  GLY 40  40  40  GLY GLY A . n 
A 1 41  GLN 41  41  41  GLN GLN A . n 
A 1 42  ASN 42  42  42  ASN ASN A . n 
A 1 43  PRO 43  43  43  PRO PRO A . n 
A 1 44  THR 44  44  44  THR THR A . n 
A 1 45  GLU 45  45  45  GLU GLU A . n 
A 1 46  ALA 46  46  46  ALA ALA A . n 
A 1 47  GLU 47  47  47  GLU GLU A . n 
A 1 48  LEU 48  48  48  LEU LEU A . n 
A 1 49  ARG 49  49  49  ARG ARG A . n 
A 1 50  ASP 50  50  50  ASP ASP A . n 
A 1 51  MET 51  51  51  MET MET A . n 
A 1 52  MET 52  52  52  MET MET A . n 
A 1 53  SER 53  53  53  SER SER A . n 
A 1 54  GLU 54  54  54  GLU GLU A . n 
A 1 55  ILE 55  55  55  ILE ILE A . n 
A 1 56  ASP 56  56  56  ASP ASP A . n 
A 1 57  ARG 57  57  57  ARG ARG A . n 
A 1 58  ASP 58  58  58  ASP ASP A . n 
A 1 59  GLY 59  59  59  GLY GLY A . n 
A 1 60  ASN 60  60  60  ASN ASN A . n 
A 1 61  GLY 61  61  61  GLY GLY A . n 
A 1 62  THR 62  62  62  THR THR A . n 
A 1 63  VAL 63  63  63  VAL VAL A . n 
A 1 64  ASP 64  64  64  ASP ASP A . n 
A 1 65  PHE 65  65  65  PHE PHE A . n 
A 1 66  PRO 66  66  66  PRO PRO A . n 
A 1 67  GLU 67  67  67  GLU GLU A . n 
A 1 68  PHE 68  68  68  PHE PHE A . n 
A 1 69  LEU 69  69  69  LEU LEU A . n 
A 1 70  GLY 70  70  70  GLY GLY A . n 
A 1 71  MET 71  71  71  MET MET A . n 
A 1 72  MET 72  72  72  MET MET A . n 
A 1 73  ALA 73  73  73  ALA ALA A . n 
A 1 74  ARG 74  74  74  ARG ARG A . n 
A 1 75  LYS 75  75  75  LYS LYS A . n 
A 1 76  MET 76  76  76  MET MET A . n 
A 1 77  LYS 77  77  77  LYS LYS A . n 
A 1 78  ASP 78  78  78  ASP ASP A . n 
A 1 79  THR 79  79  79  THR THR A . n 
A 1 80  ASP 80  80  80  ASP ASP A . n 
A 1 81  ASN 81  81  81  ASN ASN A . n 
A 1 82  GLU 82  82  82  GLU GLU A . n 
A 1 83  GLU 83  83  83  GLU GLU A . n 
A 1 84  GLU 84  84  84  GLU GLU A . n 
A 1 85  ILE 85  85  85  ILE ILE A . n 
A 1 86  ARG 86  86  86  ARG ARG A . n 
A 1 87  GLU 87  87  87  GLU GLU A . n 
A 1 88  ALA 88  88  88  ALA ALA A . n 
A 1 89  PHE 89  89  89  PHE PHE A . n 
A 1 90  ARG 90  90  90  ARG ARG A . n 
A 1 91  VAL 91  91  91  VAL VAL A . n 
A 1 92  PHE 92  92  92  PHE PHE A . n 
A 1 93  ASP 93  93  93  ASP ASP A . n 
A 1 94  LYS 94  94  94  LYS LYS A . n 
A 1 95  ASP 95  95  95  ASP ASP A . n 
A 1 96  GLY 96  96  96  GLY GLY A . n 
A 1 97  ASN 97  97  97  ASN ASN A . n 
A 1 98  GLY 98  98  98  GLY GLY A . n 
A 1 99  PHE 99  99  99  PHE PHE A . n 
A 1 100 VAL 100 100 100 VAL VAL A . n 
A 1 101 SER 101 101 101 SER SER A . n 
A 1 102 ALA 102 102 102 ALA ALA A . n 
A 1 103 ALA 103 103 103 ALA ALA A . n 
A 1 104 GLU 104 104 104 GLU GLU A . n 
A 1 105 LEU 105 105 105 LEU LEU A . n 
A 1 106 ARG 106 106 106 ARG ARG A . n 
A 1 107 HIS 107 107 107 HIS HIS A . n 
A 1 108 VAL 108 108 108 VAL VAL A . n 
A 1 109 MET 109 109 109 MET MET A . n 
A 1 110 THR 110 110 110 THR THR A . n 
A 1 111 ARG 111 111 111 ARG ARG A . n 
A 1 112 LEU 112 112 112 LEU LEU A . n 
A 1 113 GLY 113 113 113 GLY GLY A . n 
A 1 114 GLU 114 114 114 GLU GLU A . n 
A 1 115 LYS 115 115 115 LYS LYS A . n 
A 1 116 LEU 116 116 116 LEU LEU A . n 
A 1 117 SER 117 117 117 SER SER A . n 
A 1 118 ASP 118 118 118 ASP ASP A . n 
A 1 119 GLU 119 119 119 GLU GLU A . n 
A 1 120 GLU 120 120 120 GLU GLU A . n 
A 1 121 VAL 121 121 121 VAL VAL A . n 
A 1 122 ASP 122 122 122 ASP ASP A . n 
A 1 123 GLU 123 123 123 GLU GLU A . n 
A 1 124 MET 124 124 124 MET MET A . n 
A 1 125 ILE 125 125 125 ILE ILE A . n 
A 1 126 ARG 126 126 126 ARG ARG A . n 
A 1 127 ALA 127 127 127 ALA ALA A . n 
A 1 128 ALA 128 128 128 ALA ALA A . n 
A 1 129 ASP 129 129 129 ASP ASP A . n 
A 1 130 THR 130 130 130 THR THR A . n 
A 1 131 ASP 131 131 131 ASP ASP A . n 
A 1 132 GLY 132 132 132 GLY GLY A . n 
A 1 133 ASP 133 133 133 ASP ASP A . n 
A 1 134 GLY 134 134 134 GLY GLY A . n 
A 1 135 GLN 135 135 135 GLN GLN A . n 
A 1 136 VAL 136 136 136 VAL VAL A . n 
A 1 137 ASN 137 137 137 ASN ASN A . n 
A 1 138 TYR 138 138 138 TYR TYR A . n 
A 1 139 GLU 139 139 139 GLU GLU A . n 
A 1 140 GLU 140 140 140 GLU GLU A . n 
A 1 141 PHE 141 141 141 PHE PHE A . n 
A 1 142 VAL 142 142 142 VAL VAL A . n 
A 1 143 ARG 143 143 143 ARG ARG A . n 
A 1 144 VAL 144 144 144 VAL VAL A . n 
A 1 145 LEU 145 145 145 LEU LEU A . n 
A 1 146 VAL 146 146 146 VAL VAL A . n 
A 1 147 SER 147 147 147 SER SER A . n 
A 1 148 LYS 148 148 ?   ?   ?   A . n 
# 
loop_
_pdbx_nonpoly_scheme.asym_id 
_pdbx_nonpoly_scheme.entity_id 
_pdbx_nonpoly_scheme.mon_id 
_pdbx_nonpoly_scheme.ndb_seq_num 
_pdbx_nonpoly_scheme.pdb_seq_num 
_pdbx_nonpoly_scheme.auth_seq_num 
_pdbx_nonpoly_scheme.pdb_mon_id 
_pdbx_nonpoly_scheme.auth_mon_id 
_pdbx_nonpoly_scheme.pdb_strand_id 
_pdbx_nonpoly_scheme.pdb_ins_code 
B 2 CA  1   149 148 CA  CA  A . 
C 2 CA  1   150 149 CA  CA  A . 
D 2 CA  1   151 150 CA  CA  A . 
E 2 CA  1   152 151 CA  CA  A . 
F 3 HOH 1   153 152 HOH HOH A . 
F 3 HOH 2   154 153 HOH HOH A . 
F 3 HOH 3   155 154 HOH HOH A . 
F 3 HOH 4   156 155 HOH HOH A . 
F 3 HOH 5   157 156 HOH HOH A . 
F 3 HOH 6   158 157 HOH HOH A . 
F 3 HOH 7   159 158 HOH HOH A . 
F 3 HOH 8   160 159 HOH HOH A . 
F 3 HOH 9   161 160 HOH HOH A . 
F 3 HOH 10  162 161 HOH HOH A . 
F 3 HOH 11  163 162 HOH HOH A . 
F 3 HOH 12  164 163 HOH HOH A . 
F 3 HOH 13  165 164 HOH HOH A . 
F 3 HOH 14  166 165 HOH HOH A . 
F 3 HOH 15  167 166 HOH HOH A . 
F 3 HOH 16  168 167 HOH HOH A . 
F 3 HOH 17  169 168 HOH HOH A . 
F 3 HOH 18  170 169 HOH HOH A . 
F 3 HOH 19  171 170 HOH HOH A . 
F 3 HOH 20  172 171 HOH HOH A . 
F 3 HOH 21  173 172 HOH HOH A . 
F 3 HOH 22  174 173 HOH HOH A . 
F 3 HOH 23  175 174 HOH HOH A . 
F 3 HOH 24  176 175 HOH HOH A . 
F 3 HOH 25  177 176 HOH HOH A . 
F 3 HOH 26  178 177 HOH HOH A . 
F 3 HOH 27  179 178 HOH HOH A . 
F 3 HOH 28  180 179 HOH HOH A . 
F 3 HOH 29  181 180 HOH HOH A . 
F 3 HOH 30  182 181 HOH HOH A . 
F 3 HOH 31  183 182 HOH HOH A . 
F 3 HOH 32  184 183 HOH HOH A . 
F 3 HOH 33  185 184 HOH HOH A . 
F 3 HOH 34  186 185 HOH HOH A . 
F 3 HOH 35  187 186 HOH HOH A . 
F 3 HOH 36  188 187 HOH HOH A . 
F 3 HOH 37  189 188 HOH HOH A . 
F 3 HOH 38  190 189 HOH HOH A . 
F 3 HOH 39  191 190 HOH HOH A . 
F 3 HOH 40  192 191 HOH HOH A . 
F 3 HOH 41  193 192 HOH HOH A . 
F 3 HOH 42  194 193 HOH HOH A . 
F 3 HOH 43  195 194 HOH HOH A . 
F 3 HOH 44  196 195 HOH HOH A . 
F 3 HOH 45  197 196 HOH HOH A . 
F 3 HOH 46  198 197 HOH HOH A . 
F 3 HOH 47  199 198 HOH HOH A . 
F 3 HOH 48  200 199 HOH HOH A . 
F 3 HOH 49  201 200 HOH HOH A . 
F 3 HOH 50  202 201 HOH HOH A . 
F 3 HOH 51  203 202 HOH HOH A . 
F 3 HOH 52  204 203 HOH HOH A . 
F 3 HOH 53  205 204 HOH HOH A . 
F 3 HOH 54  206 205 HOH HOH A . 
F 3 HOH 55  207 206 HOH HOH A . 
F 3 HOH 56  208 207 HOH HOH A . 
F 3 HOH 57  209 208 HOH HOH A . 
F 3 HOH 58  210 209 HOH HOH A . 
F 3 HOH 59  211 210 HOH HOH A . 
F 3 HOH 60  212 211 HOH HOH A . 
F 3 HOH 61  213 212 HOH HOH A . 
F 3 HOH 62  214 213 HOH HOH A . 
F 3 HOH 63  215 214 HOH HOH A . 
F 3 HOH 64  216 215 HOH HOH A . 
F 3 HOH 65  217 216 HOH HOH A . 
F 3 HOH 66  218 217 HOH HOH A . 
F 3 HOH 67  219 218 HOH HOH A . 
F 3 HOH 68  220 219 HOH HOH A . 
F 3 HOH 69  221 220 HOH HOH A . 
F 3 HOH 70  222 221 HOH HOH A . 
F 3 HOH 71  223 222 HOH HOH A . 
F 3 HOH 72  224 223 HOH HOH A . 
F 3 HOH 73  225 224 HOH HOH A . 
F 3 HOH 74  226 225 HOH HOH A . 
F 3 HOH 75  227 226 HOH HOH A . 
F 3 HOH 76  228 227 HOH HOH A . 
F 3 HOH 77  229 228 HOH HOH A . 
F 3 HOH 78  230 229 HOH HOH A . 
F 3 HOH 79  231 230 HOH HOH A . 
F 3 HOH 80  232 231 HOH HOH A . 
F 3 HOH 81  233 232 HOH HOH A . 
F 3 HOH 82  234 233 HOH HOH A . 
F 3 HOH 83  235 234 HOH HOH A . 
F 3 HOH 84  236 235 HOH HOH A . 
F 3 HOH 85  237 236 HOH HOH A . 
F 3 HOH 86  238 237 HOH HOH A . 
F 3 HOH 87  239 238 HOH HOH A . 
F 3 HOH 88  240 239 HOH HOH A . 
F 3 HOH 89  241 240 HOH HOH A . 
F 3 HOH 90  242 241 HOH HOH A . 
F 3 HOH 91  243 242 HOH HOH A . 
F 3 HOH 92  244 243 HOH HOH A . 
F 3 HOH 93  245 244 HOH HOH A . 
F 3 HOH 94  246 245 HOH HOH A . 
F 3 HOH 95  247 246 HOH HOH A . 
F 3 HOH 96  248 247 HOH HOH A . 
F 3 HOH 97  249 248 HOH HOH A . 
F 3 HOH 98  250 249 HOH HOH A . 
F 3 HOH 99  251 250 HOH HOH A . 
F 3 HOH 100 252 251 HOH HOH A . 
F 3 HOH 101 253 252 HOH HOH A . 
F 3 HOH 102 254 253 HOH HOH A . 
F 3 HOH 103 255 254 HOH HOH A . 
F 3 HOH 104 256 255 HOH HOH A . 
F 3 HOH 105 257 256 HOH HOH A . 
F 3 HOH 106 258 257 HOH HOH A . 
F 3 HOH 107 259 258 HOH HOH A . 
F 3 HOH 108 260 259 HOH HOH A . 
F 3 HOH 109 261 260 HOH HOH A . 
F 3 HOH 110 262 261 HOH HOH A . 
F 3 HOH 111 263 262 HOH HOH A . 
F 3 HOH 112 264 263 HOH HOH A . 
F 3 HOH 113 265 264 HOH HOH A . 
F 3 HOH 114 266 265 HOH HOH A . 
F 3 HOH 115 267 266 HOH HOH A . 
F 3 HOH 116 268 267 HOH HOH A . 
F 3 HOH 117 269 268 HOH HOH A . 
F 3 HOH 118 270 269 HOH HOH A . 
F 3 HOH 119 271 270 HOH HOH A . 
F 3 HOH 120 272 271 HOH HOH A . 
F 3 HOH 121 273 272 HOH HOH A . 
F 3 HOH 122 274 273 HOH HOH A . 
F 3 HOH 123 275 274 HOH HOH A . 
F 3 HOH 124 276 275 HOH HOH A . 
F 3 HOH 125 277 276 HOH HOH A . 
F 3 HOH 126 278 277 HOH HOH A . 
F 3 HOH 127 279 278 HOH HOH A . 
F 3 HOH 128 280 279 HOH HOH A . 
F 3 HOH 129 281 280 HOH HOH A . 
F 3 HOH 130 282 281 HOH HOH A . 
F 3 HOH 131 283 282 HOH HOH A . 
F 3 HOH 132 284 283 HOH HOH A . 
F 3 HOH 133 285 284 HOH HOH A . 
F 3 HOH 134 286 285 HOH HOH A . 
F 3 HOH 135 287 286 HOH HOH A . 
F 3 HOH 136 288 287 HOH HOH A . 
F 3 HOH 137 289 288 HOH HOH A . 
F 3 HOH 138 290 289 HOH HOH A . 
F 3 HOH 139 291 290 HOH HOH A . 
F 3 HOH 140 292 291 HOH HOH A . 
F 3 HOH 141 293 292 HOH HOH A . 
F 3 HOH 142 294 293 HOH HOH A . 
F 3 HOH 143 295 294 HOH HOH A . 
F 3 HOH 144 296 295 HOH HOH A . 
F 3 HOH 145 297 296 HOH HOH A . 
F 3 HOH 146 298 297 HOH HOH A . 
F 3 HOH 147 299 298 HOH HOH A . 
F 3 HOH 148 300 299 HOH HOH A . 
F 3 HOH 149 301 300 HOH HOH A . 
F 3 HOH 150 302 301 HOH HOH A . 
F 3 HOH 151 303 302 HOH HOH A . 
F 3 HOH 152 304 303 HOH HOH A . 
F 3 HOH 153 305 304 HOH HOH A . 
F 3 HOH 154 306 305 HOH HOH A . 
F 3 HOH 155 307 306 HOH HOH A . 
F 3 HOH 156 308 307 HOH HOH A . 
F 3 HOH 157 309 308 HOH HOH A . 
F 3 HOH 158 310 309 HOH HOH A . 
F 3 HOH 159 311 310 HOH HOH A . 
F 3 HOH 160 312 311 HOH HOH A . 
F 3 HOH 161 313 312 HOH HOH A . 
F 3 HOH 162 314 313 HOH HOH A . 
F 3 HOH 163 315 314 HOH HOH A . 
F 3 HOH 164 316 315 HOH HOH A . 
F 3 HOH 165 317 316 HOH HOH A . 
F 3 HOH 166 318 317 HOH HOH A . 
F 3 HOH 167 319 318 HOH HOH A . 
F 3 HOH 168 320 319 HOH HOH A . 
F 3 HOH 169 321 320 HOH HOH A . 
F 3 HOH 170 322 321 HOH HOH A . 
F 3 HOH 171 323 322 HOH HOH A . 
F 3 HOH 172 324 323 HOH HOH A . 
F 3 HOH 173 325 324 HOH HOH A . 
F 3 HOH 174 326 325 HOH HOH A . 
F 3 HOH 175 327 326 HOH HOH A . 
F 3 HOH 176 328 327 HOH HOH A . 
F 3 HOH 177 329 328 HOH HOH A . 
F 3 HOH 178 330 329 HOH HOH A . 
F 3 HOH 179 331 330 HOH HOH A . 
F 3 HOH 180 332 331 HOH HOH A . 
F 3 HOH 181 333 332 HOH HOH A . 
F 3 HOH 182 334 333 HOH HOH A . 
F 3 HOH 183 335 334 HOH HOH A . 
F 3 HOH 184 336 335 HOH HOH A . 
F 3 HOH 185 337 336 HOH HOH A . 
F 3 HOH 186 338 337 HOH HOH A . 
F 3 HOH 187 339 338 HOH HOH A . 
F 3 HOH 188 340 339 HOH HOH A . 
F 3 HOH 189 341 340 HOH HOH A . 
F 3 HOH 190 342 341 HOH HOH A . 
F 3 HOH 191 343 342 HOH HOH A . 
F 3 HOH 192 344 343 HOH HOH A . 
F 3 HOH 193 345 344 HOH HOH A . 
F 3 HOH 194 346 345 HOH HOH A . 
F 3 HOH 195 347 346 HOH HOH A . 
F 3 HOH 196 348 347 HOH HOH A . 
F 3 HOH 197 349 348 HOH HOH A . 
F 3 HOH 198 350 349 HOH HOH A . 
F 3 HOH 199 351 350 HOH HOH A . 
F 3 HOH 200 352 351 HOH HOH A . 
F 3 HOH 201 353 352 HOH HOH A . 
F 3 HOH 202 354 353 HOH HOH A . 
F 3 HOH 203 355 354 HOH HOH A . 
F 3 HOH 204 356 355 HOH HOH A . 
F 3 HOH 205 357 356 HOH HOH A . 
F 3 HOH 206 358 357 HOH HOH A . 
F 3 HOH 207 359 358 HOH HOH A . 
F 3 HOH 208 360 359 HOH HOH A . 
F 3 HOH 209 361 360 HOH HOH A . 
F 3 HOH 210 362 361 HOH HOH A . 
F 3 HOH 211 363 362 HOH HOH A . 
F 3 HOH 212 364 363 HOH HOH A . 
F 3 HOH 213 365 364 HOH HOH A . 
F 3 HOH 214 366 365 HOH HOH A . 
F 3 HOH 215 367 366 HOH HOH A . 
F 3 HOH 216 368 367 HOH HOH A . 
F 3 HOH 217 369 368 HOH HOH A . 
F 3 HOH 218 370 369 HOH HOH A . 
F 3 HOH 219 371 370 HOH HOH A . 
F 3 HOH 220 372 371 HOH HOH A . 
F 3 HOH 221 373 372 HOH HOH A . 
F 3 HOH 222 374 373 HOH HOH A . 
F 3 HOH 223 375 374 HOH HOH A . 
F 3 HOH 224 376 375 HOH HOH A . 
F 3 HOH 225 377 376 HOH HOH A . 
F 3 HOH 226 378 377 HOH HOH A . 
F 3 HOH 227 379 378 HOH HOH A . 
F 3 HOH 228 380 379 HOH HOH A . 
F 3 HOH 229 381 380 HOH HOH A . 
F 3 HOH 230 382 381 HOH HOH A . 
F 3 HOH 231 383 382 HOH HOH A . 
F 3 HOH 232 384 383 HOH HOH A . 
F 3 HOH 233 385 384 HOH HOH A . 
F 3 HOH 234 386 385 HOH HOH A . 
F 3 HOH 235 387 386 HOH HOH A . 
F 3 HOH 236 388 387 HOH HOH A . 
F 3 HOH 237 389 388 HOH HOH A . 
F 3 HOH 238 390 389 HOH HOH A . 
F 3 HOH 239 391 390 HOH HOH A . 
F 3 HOH 240 392 391 HOH HOH A . 
F 3 HOH 241 393 392 HOH HOH A . 
F 3 HOH 242 394 393 HOH HOH A . 
F 3 HOH 243 395 394 HOH HOH A . 
F 3 HOH 244 396 395 HOH HOH A . 
F 3 HOH 245 397 396 HOH HOH A . 
F 3 HOH 246 398 397 HOH HOH A . 
F 3 HOH 247 399 398 HOH HOH A . 
F 3 HOH 248 400 399 HOH HOH A . 
F 3 HOH 249 401 400 HOH HOH A . 
F 3 HOH 250 402 401 HOH HOH A . 
F 3 HOH 251 403 402 HOH HOH A . 
F 3 HOH 252 404 403 HOH HOH A . 
F 3 HOH 253 405 404 HOH HOH A . 
F 3 HOH 254 406 405 HOH HOH A . 
F 3 HOH 255 407 406 HOH HOH A . 
F 3 HOH 256 408 407 HOH HOH A . 
F 3 HOH 257 409 408 HOH HOH A . 
F 3 HOH 258 410 409 HOH HOH A . 
F 3 HOH 259 411 410 HOH HOH A . 
F 3 HOH 260 412 411 HOH HOH A . 
# 
loop_
_software.name 
_software.classification 
_software.version 
_software.citation_id 
_software.pdbx_ordinal 
SOLVE     phasing          . ? 1 
CNS       refinement       . ? 2 
DENZO     'data reduction' . ? 3 
SCALEPACK 'data scaling'   . ? 4 
# 
_cell.length_a           63.38 
_cell.length_b           93.63 
_cell.length_c           24.86 
_cell.angle_alpha        90.0 
_cell.angle_beta         90.0 
_cell.angle_gamma        90.0 
_cell.entry_id           1GGZ 
_cell.pdbx_unique_axis   ? 
_cell.Z_PDB              4 
# 
_symmetry.space_group_name_H-M             'P 21 21 2' 
_symmetry.entry_id                         1GGZ 
_symmetry.pdbx_full_space_group_name_H-M   ? 
_symmetry.Int_Tables_number                18 
_symmetry.cell_setting                     ? 
# 
_exptl.crystals_number   1 
_exptl.entry_id          1GGZ 
_exptl.method            'X-RAY DIFFRACTION' 
# 
_exptl_crystal.id                    1 
_exptl_crystal.density_meas          ? 
_exptl_crystal.density_percent_sol   44.04 
_exptl_crystal.density_Matthews      2.20 
_exptl_crystal.description           ? 
# 
_exptl_crystal_grow.crystal_id      1 
_exptl_crystal_grow.method          EVAPORATION 
_exptl_crystal_grow.pH              4.5 
_exptl_crystal_grow.temp            277 
_exptl_crystal_grow.pdbx_details    'MPD, Sodium Acetate, Ethanol, CaCl2, pH 4.5, EVAPORATION, temperature 277K' 
_exptl_crystal_grow.temp_details    ? 
_exptl_crystal_grow.pdbx_pH_range   . 
# 
_diffrn.id                     1 
_diffrn.ambient_temp           110 
_diffrn.ambient_temp_details   ? 
_diffrn.crystal_id             1 
# 
_diffrn_radiation.diffrn_id                        1 
_diffrn_radiation.wavelength_id                    1 
_diffrn_radiation.monochromator                    ? 
_diffrn_radiation.pdbx_monochromatic_or_laue_m_l   M 
_diffrn_radiation.pdbx_diffrn_protocol             'SINGLE WAVELENGTH' 
_diffrn_radiation.pdbx_scattering_type             x-ray 
# 
_diffrn_radiation_wavelength.id           1 
_diffrn_radiation_wavelength.wavelength   1.00 
_diffrn_radiation_wavelength.wt           1.0 
# 
_diffrn_source.diffrn_id                   1 
_diffrn_source.source                      SYNCHROTRON 
_diffrn_source.type                        'ALS BEAMLINE 5.0.2' 
_diffrn_source.pdbx_wavelength             1.00 
_diffrn_source.pdbx_synchrotron_site       ALS 
_diffrn_source.pdbx_synchrotron_beamline   5.0.2 
_diffrn_source.pdbx_wavelength_list        ? 
# 
_reflns.observed_criterion_sigma_F   ? 
_reflns.observed_criterion_sigma_I   0.0 
_reflns.d_resolution_high            1.5 
_reflns.d_resolution_low             20.0 
_reflns.number_all                   24588 
_reflns.number_obs                   23940 
_reflns.percent_possible_obs         97.4 
_reflns.pdbx_Rmerge_I_obs            0.0430000 
_reflns.pdbx_netI_over_sigmaI        30.5 
_reflns.B_iso_Wilson_estimate        17.9 
_reflns.pdbx_redundancy              5.6 
_reflns.entry_id                     1GGZ 
_reflns.pdbx_Rsym_value              ? 
_reflns.R_free_details               ? 
_reflns.limit_h_max                  ? 
_reflns.limit_h_min                  ? 
_reflns.limit_k_max                  ? 
_reflns.limit_k_min                  ? 
_reflns.limit_l_max                  ? 
_reflns.limit_l_min                  ? 
_reflns.observed_criterion_F_max     ? 
_reflns.observed_criterion_F_min     ? 
_reflns.pdbx_diffrn_id               1 
_reflns.pdbx_ordinal                 1 
# 
_reflns_shell.d_res_high             1.50 
_reflns_shell.d_res_low              1.53 
_reflns_shell.percent_possible_all   78.7 
_reflns_shell.Rmerge_I_obs           0.2100000 
_reflns_shell.pdbx_redundancy        2.58 
_reflns_shell.number_unique_all      944 
_reflns_shell.percent_possible_obs   ? 
_reflns_shell.meanI_over_sigI_obs    ? 
_reflns_shell.pdbx_Rsym_value        ? 
_reflns_shell.pdbx_diffrn_id         ? 
_reflns_shell.pdbx_ordinal           1 
# 
_refine.ls_d_res_high                            1.5 
_refine.ls_d_res_low                             20 
_refine.pdbx_ls_sigma_F                          2.0 
_refine.pdbx_ls_sigma_I                          ? 
_refine.ls_number_reflns_all                     24588 
_refine.ls_number_reflns_obs                     23750 
_refine.ls_number_reflns_R_free                  1153 
_refine.ls_percent_reflns_obs                    96.7 
_refine.ls_R_factor_all                          ? 
_refine.ls_R_factor_obs                          ? 
_refine.ls_R_factor_R_work                       0.1830000 
_refine.ls_R_factor_R_free                       0.2210000 
_refine.pdbx_stereochemistry_target_values       ? 
_refine.details                                  ? 
_refine.entry_id                                 1GGZ 
_refine.ls_redundancy_reflns_obs                 ? 
_refine.pdbx_data_cutoff_high_absF               ? 
_refine.pdbx_data_cutoff_low_absF                ? 
_refine.ls_number_parameters                     ? 
_refine.ls_number_restraints                     ? 
_refine.ls_percent_reflns_R_free                 ? 
_refine.ls_R_factor_R_free_error                 ? 
_refine.ls_R_factor_R_free_error_details         ? 
_refine.pdbx_method_to_determine_struct          ? 
_refine.pdbx_starting_model                      ? 
_refine.pdbx_isotropic_thermal_model             ? 
_refine.B_iso_mean                               ? 
_refine.aniso_B[1][1]                            ? 
_refine.aniso_B[1][2]                            ? 
_refine.aniso_B[1][3]                            ? 
_refine.aniso_B[2][2]                            ? 
_refine.aniso_B[2][3]                            ? 
_refine.aniso_B[3][3]                            ? 
_refine.pdbx_ls_cross_valid_method               ? 
_refine.pdbx_R_Free_selection_details            ? 
_refine.pdbx_stereochem_target_val_spec_case     ? 
_refine.solvent_model_details                    ? 
_refine.solvent_model_param_bsol                 ? 
_refine.solvent_model_param_ksol                 ? 
_refine.occupancy_max                            ? 
_refine.occupancy_min                            ? 
_refine.overall_SU_B                             ? 
_refine.overall_SU_ML                            ? 
_refine.pdbx_overall_ESU_R                       ? 
_refine.pdbx_overall_ESU_R_Free                  ? 
_refine.pdbx_data_cutoff_high_rms_absF           ? 
_refine.B_iso_min                                ? 
_refine.B_iso_max                                ? 
_refine.correlation_coeff_Fo_to_Fc               ? 
_refine.overall_SU_R_Cruickshank_DPI             ? 
_refine.overall_SU_R_free                        ? 
_refine.correlation_coeff_Fo_to_Fc_free          ? 
_refine.pdbx_solvent_vdw_probe_radii             ? 
_refine.pdbx_solvent_ion_probe_radii             ? 
_refine.pdbx_solvent_shrinkage_radii             ? 
_refine.pdbx_refine_id                           'X-RAY DIFFRACTION' 
_refine.pdbx_diffrn_id                           1 
_refine.pdbx_TLS_residual_ADP_flag               ? 
_refine.pdbx_overall_phase_error                 ? 
_refine.pdbx_overall_SU_R_free_Cruickshank_DPI   ? 
_refine.pdbx_overall_SU_R_Blow_DPI               ? 
_refine.pdbx_overall_SU_R_free_Blow_DPI          ? 
# 
_refine_hist.pdbx_refine_id                   'X-RAY DIFFRACTION' 
_refine_hist.cycle_id                         LAST 
_refine_hist.pdbx_number_atoms_protein        1138 
_refine_hist.pdbx_number_atoms_nucleic_acid   0 
_refine_hist.pdbx_number_atoms_ligand         4 
_refine_hist.number_atoms_solvent             260 
_refine_hist.number_atoms_total               1402 
_refine_hist.d_res_high                       1.5 
_refine_hist.d_res_low                        20 
# 
loop_
_refine_ls_restr.type 
_refine_ls_restr.dev_ideal 
_refine_ls_restr.dev_ideal_target 
_refine_ls_restr.number 
_refine_ls_restr.weight 
_refine_ls_restr.pdbx_refine_id 
_refine_ls_restr.pdbx_restraint_function 
c_bond_d    0.033 ? ? ? 'X-RAY DIFFRACTION' ? 
c_angle_deg 2.6   ? ? ? 'X-RAY DIFFRACTION' ? 
# 
_struct.entry_id                  1GGZ 
_struct.title                     'CRYSTAL STRUCTURE OF THE CALMODULIN-LIKE PROTEIN (HCLP) FROM HUMAN EPITHELIAL CELLS' 
_struct.pdbx_model_details        ? 
_struct.pdbx_CASP_flag            ? 
_struct.pdbx_model_type_details   ? 
# 
_struct_keywords.text            'Ca+2 binding protein, EF hand, METAL BINDING PROTEIN' 
_struct_keywords.entry_id        1GGZ 
_struct_keywords.pdbx_keywords   'METAL BINDING PROTEIN' 
# 
loop_
_struct_asym.id 
_struct_asym.pdbx_blank_PDB_chainid_flag 
_struct_asym.pdbx_modified 
_struct_asym.entity_id 
_struct_asym.details 
A N N 1 ? 
B N N 2 ? 
C N N 2 ? 
D N N 2 ? 
E N N 2 ? 
F N N 3 ? 
# 
_struct_ref.id                         1 
_struct_ref.db_name                    UNP 
_struct_ref.db_code                    CALL3_HUMAN 
_struct_ref.pdbx_db_accession          P27482 
_struct_ref.entity_id                  1 
_struct_ref.pdbx_seq_one_letter_code   
;MADQLTEEQVTEFKEAFSLFDKDGDGCITTRELGTVMRSLGQNPTEAELRDMMSEIDRDGNGTVDFPEFLGMMARKMKDT
DNEEEIREAFRVFDKDGNGFVSAAELRHVMTRLGEKLSDEEVDEMIRAADTDGDGQVNYEEFVRVLVSK
;
_struct_ref.pdbx_align_begin           1 
_struct_ref.pdbx_db_isoform            ? 
# 
_struct_ref_seq.align_id                      1 
_struct_ref_seq.ref_id                        1 
_struct_ref_seq.pdbx_PDB_id_code              1GGZ 
_struct_ref_seq.pdbx_strand_id                A 
_struct_ref_seq.seq_align_beg                 1 
_struct_ref_seq.pdbx_seq_align_beg_ins_code   ? 
_struct_ref_seq.seq_align_end                 148 
_struct_ref_seq.pdbx_seq_align_end_ins_code   ? 
_struct_ref_seq.pdbx_db_accession             P27482 
_struct_ref_seq.db_align_beg                  1 
_struct_ref_seq.pdbx_db_align_beg_ins_code    ? 
_struct_ref_seq.db_align_end                  148 
_struct_ref_seq.pdbx_db_align_end_ins_code    ? 
_struct_ref_seq.pdbx_auth_seq_align_beg       1 
_struct_ref_seq.pdbx_auth_seq_align_end       148 
# 
_pdbx_struct_assembly.id                   1 
_pdbx_struct_assembly.details              author_defined_assembly 
_pdbx_struct_assembly.method_details       ? 
_pdbx_struct_assembly.oligomeric_details   monomeric 
_pdbx_struct_assembly.oligomeric_count     1 
# 
_pdbx_struct_assembly_gen.assembly_id       1 
_pdbx_struct_assembly_gen.oper_expression   1 
_pdbx_struct_assembly_gen.asym_id_list      A,B,C,D,E,F 
# 
_pdbx_struct_oper_list.id                   1 
_pdbx_struct_oper_list.type                 'identity operation' 
_pdbx_struct_oper_list.name                 1_555 
_pdbx_struct_oper_list.symmetry_operation   x,y,z 
_pdbx_struct_oper_list.matrix[1][1]         1.0000000000 
_pdbx_struct_oper_list.matrix[1][2]         0.0000000000 
_pdbx_struct_oper_list.matrix[1][3]         0.0000000000 
_pdbx_struct_oper_list.vector[1]            0.0000000000 
_pdbx_struct_oper_list.matrix[2][1]         0.0000000000 
_pdbx_struct_oper_list.matrix[2][2]         1.0000000000 
_pdbx_struct_oper_list.matrix[2][3]         0.0000000000 
_pdbx_struct_oper_list.vector[2]            0.0000000000 
_pdbx_struct_oper_list.matrix[3][1]         0.0000000000 
_pdbx_struct_oper_list.matrix[3][2]         0.0000000000 
_pdbx_struct_oper_list.matrix[3][3]         1.0000000000 
_pdbx_struct_oper_list.vector[3]            0.0000000000 
# 
_struct_biol.id                    1 
_struct_biol.pdbx_parent_biol_id   ? 
_struct_biol.details               ? 
# 
loop_
_struct_conf.conf_type_id 
_struct_conf.id 
_struct_conf.pdbx_PDB_helix_id 
_struct_conf.beg_label_comp_id 
_struct_conf.beg_label_asym_id 
_struct_conf.beg_label_seq_id 
_struct_conf.pdbx_beg_PDB_ins_code 
_struct_conf.end_label_comp_id 
_struct_conf.end_label_asym_id 
_struct_conf.end_label_seq_id 
_struct_conf.pdbx_end_PDB_ins_code 
_struct_conf.beg_auth_comp_id 
_struct_conf.beg_auth_asym_id 
_struct_conf.beg_auth_seq_id 
_struct_conf.end_auth_comp_id 
_struct_conf.end_auth_asym_id 
_struct_conf.end_auth_seq_id 
_struct_conf.pdbx_PDB_helix_class 
_struct_conf.details 
_struct_conf.pdbx_PDB_helix_length 
HELX_P HELX_P1 1 THR A 5   ? ASP A 20  ? THR A 5   ASP A 20  1 ? 16 
HELX_P HELX_P2 2 THR A 28  ? LEU A 39  ? THR A 28  LEU A 39  1 ? 12 
HELX_P HELX_P3 3 THR A 44  ? GLU A 54  ? THR A 44  GLU A 54  1 ? 11 
HELX_P HELX_P4 4 PHE A 65  ? ASP A 93  ? PHE A 65  ASP A 93  1 ? 29 
HELX_P HELX_P5 5 SER A 101 ? LEU A 112 ? SER A 101 LEU A 112 1 ? 12 
HELX_P HELX_P6 6 SER A 117 ? ASP A 129 ? SER A 117 ASP A 129 1 ? 13 
HELX_P HELX_P7 7 TYR A 138 ? SER A 147 ? TYR A 138 SER A 147 1 ? 10 
# 
_struct_conf_type.id          HELX_P 
_struct_conf_type.criteria    ? 
_struct_conf_type.reference   ? 
# 
loop_
_struct_conn.id 
_struct_conn.conn_type_id 
_struct_conn.pdbx_leaving_atom_flag 
_struct_conn.pdbx_PDB_id 
_struct_conn.ptnr1_label_asym_id 
_struct_conn.ptnr1_label_comp_id 
_struct_conn.ptnr1_label_seq_id 
_struct_conn.ptnr1_label_atom_id 
_struct_conn.pdbx_ptnr1_label_alt_id 
_struct_conn.pdbx_ptnr1_PDB_ins_code 
_struct_conn.pdbx_ptnr1_standard_comp_id 
_struct_conn.ptnr1_symmetry 
_struct_conn.ptnr2_label_asym_id 
_struct_conn.ptnr2_label_comp_id 
_struct_conn.ptnr2_label_seq_id 
_struct_conn.ptnr2_label_atom_id 
_struct_conn.pdbx_ptnr2_label_alt_id 
_struct_conn.pdbx_ptnr2_PDB_ins_code 
_struct_conn.ptnr1_auth_asym_id 
_struct_conn.ptnr1_auth_comp_id 
_struct_conn.ptnr1_auth_seq_id 
_struct_conn.ptnr2_auth_asym_id 
_struct_conn.ptnr2_auth_comp_id 
_struct_conn.ptnr2_auth_seq_id 
_struct_conn.ptnr2_symmetry 
_struct_conn.pdbx_ptnr3_label_atom_id 
_struct_conn.pdbx_ptnr3_label_seq_id 
_struct_conn.pdbx_ptnr3_label_comp_id 
_struct_conn.pdbx_ptnr3_label_asym_id 
_struct_conn.pdbx_ptnr3_label_alt_id 
_struct_conn.pdbx_ptnr3_PDB_ins_code 
_struct_conn.details 
_struct_conn.pdbx_dist_value 
_struct_conn.pdbx_value_order 
_struct_conn.pdbx_role 
metalc1  metalc ? ? A ASP 20  OD1 ? ? ? 1_555 B CA  . CA ? ? A ASP 20  A CA  149 1_555 ? ? ? ? ? ? ? 2.284 ? ? 
metalc2  metalc ? ? A ASP 22  OD1 ? ? ? 1_555 B CA  . CA ? ? A ASP 22  A CA  149 1_555 ? ? ? ? ? ? ? 2.391 ? ? 
metalc3  metalc ? ? A ASP 24  OD1 ? ? ? 1_555 B CA  . CA ? ? A ASP 24  A CA  149 1_555 ? ? ? ? ? ? ? 2.406 ? ? 
metalc4  metalc ? ? A CYS 26  O   ? ? ? 1_555 B CA  . CA ? ? A CYS 26  A CA  149 1_555 ? ? ? ? ? ? ? 2.279 ? ? 
metalc5  metalc ? ? A GLU 31  OE1 ? ? ? 1_555 B CA  . CA ? ? A GLU 31  A CA  149 1_555 ? ? ? ? ? ? ? 2.443 ? ? 
metalc6  metalc ? ? A GLU 31  OE2 ? ? ? 1_555 B CA  . CA ? ? A GLU 31  A CA  149 1_555 ? ? ? ? ? ? ? 2.510 ? ? 
metalc7  metalc ? ? A ASP 56  OD1 ? ? ? 1_555 C CA  . CA ? ? A ASP 56  A CA  150 1_555 ? ? ? ? ? ? ? 2.328 ? ? 
metalc8  metalc ? ? A ASP 58  OD1 ? ? ? 1_555 C CA  . CA ? ? A ASP 58  A CA  150 1_555 ? ? ? ? ? ? ? 2.370 ? ? 
metalc9  metalc ? ? A ASN 60  OD1 ? ? ? 1_555 C CA  . CA ? ? A ASN 60  A CA  150 1_555 ? ? ? ? ? ? ? 2.418 ? ? 
metalc10 metalc ? ? A THR 62  O   ? ? ? 1_555 C CA  . CA ? ? A THR 62  A CA  150 1_555 ? ? ? ? ? ? ? 2.325 ? ? 
metalc11 metalc ? ? A GLU 67  OE1 ? ? ? 1_555 C CA  . CA ? ? A GLU 67  A CA  150 1_555 ? ? ? ? ? ? ? 2.412 ? ? 
metalc12 metalc ? ? A GLU 67  OE2 ? ? ? 1_555 C CA  . CA ? ? A GLU 67  A CA  150 1_555 ? ? ? ? ? ? ? 2.519 ? ? 
metalc13 metalc ? ? A ASP 93  OD1 ? ? ? 1_555 D CA  . CA ? ? A ASP 93  A CA  151 1_555 ? ? ? ? ? ? ? 2.308 ? ? 
metalc14 metalc ? ? A ASP 95  OD1 ? ? ? 1_555 D CA  . CA ? ? A ASP 95  A CA  151 1_555 ? ? ? ? ? ? ? 2.386 ? ? 
metalc15 metalc ? ? A ASN 97  OD1 ? ? ? 1_555 D CA  . CA ? ? A ASN 97  A CA  151 1_555 ? ? ? ? ? ? ? 2.430 ? ? 
metalc16 metalc ? ? A PHE 99  O   ? ? ? 1_555 D CA  . CA ? ? A PHE 99  A CA  151 1_555 ? ? ? ? ? ? ? 2.247 ? ? 
metalc17 metalc ? ? A GLU 104 OE1 ? ? ? 1_555 D CA  . CA ? ? A GLU 104 A CA  151 1_555 ? ? ? ? ? ? ? 2.451 ? ? 
metalc18 metalc ? ? A GLU 104 OE2 ? ? ? 1_555 D CA  . CA ? ? A GLU 104 A CA  151 1_555 ? ? ? ? ? ? ? 2.541 ? ? 
metalc19 metalc ? ? A ASP 129 OD1 ? ? ? 1_555 E CA  . CA ? ? A ASP 129 A CA  152 1_555 ? ? ? ? ? ? ? 2.352 ? ? 
metalc20 metalc ? ? A ASP 131 OD1 ? ? ? 1_555 E CA  . CA ? ? A ASP 131 A CA  152 1_555 ? ? ? ? ? ? ? 2.336 ? ? 
metalc21 metalc ? ? A ASP 133 OD1 ? ? ? 1_555 E CA  . CA ? ? A ASP 133 A CA  152 1_555 ? ? ? ? ? ? ? 2.364 ? ? 
metalc22 metalc ? ? A GLN 135 O   ? ? ? 1_555 E CA  . CA ? ? A GLN 135 A CA  152 1_555 ? ? ? ? ? ? ? 2.349 ? ? 
metalc23 metalc ? ? A GLU 140 OE1 ? ? ? 1_555 E CA  . CA ? ? A GLU 140 A CA  152 1_555 ? ? ? ? ? ? ? 2.494 ? ? 
metalc24 metalc ? ? A GLU 140 OE2 ? ? ? 1_555 E CA  . CA ? ? A GLU 140 A CA  152 1_555 ? ? ? ? ? ? ? 2.594 ? ? 
metalc25 metalc ? ? B CA  .   CA  ? ? ? 1_555 F HOH . O  ? ? A CA  149 A HOH 153 1_555 ? ? ? ? ? ? ? 2.424 ? ? 
metalc26 metalc ? ? C CA  .   CA  ? ? ? 1_555 F HOH . O  ? ? A CA  150 A HOH 154 1_555 ? ? ? ? ? ? ? 2.352 ? ? 
metalc27 metalc ? ? D CA  .   CA  ? ? ? 1_555 F HOH . O  ? ? A CA  151 A HOH 155 1_555 ? ? ? ? ? ? ? 2.371 ? ? 
metalc28 metalc ? ? E CA  .   CA  ? ? ? 1_555 F HOH . O  ? ? A CA  152 A HOH 156 1_555 ? ? ? ? ? ? ? 2.488 ? ? 
# 
_struct_conn_type.id          metalc 
_struct_conn_type.criteria    ? 
_struct_conn_type.reference   ? 
# 
loop_
_pdbx_struct_conn_angle.id 
_pdbx_struct_conn_angle.ptnr1_label_atom_id 
_pdbx_struct_conn_angle.ptnr1_label_alt_id 
_pdbx_struct_conn_angle.ptnr1_label_asym_id 
_pdbx_struct_conn_angle.ptnr1_label_comp_id 
_pdbx_struct_conn_angle.ptnr1_label_seq_id 
_pdbx_struct_conn_angle.ptnr1_auth_atom_id 
_pdbx_struct_conn_angle.ptnr1_auth_asym_id 
_pdbx_struct_conn_angle.ptnr1_auth_comp_id 
_pdbx_struct_conn_angle.ptnr1_auth_seq_id 
_pdbx_struct_conn_angle.ptnr1_PDB_ins_code 
_pdbx_struct_conn_angle.ptnr1_symmetry 
_pdbx_struct_conn_angle.ptnr2_label_atom_id 
_pdbx_struct_conn_angle.ptnr2_label_alt_id 
_pdbx_struct_conn_angle.ptnr2_label_asym_id 
_pdbx_struct_conn_angle.ptnr2_label_comp_id 
_pdbx_struct_conn_angle.ptnr2_label_seq_id 
_pdbx_struct_conn_angle.ptnr2_auth_atom_id 
_pdbx_struct_conn_angle.ptnr2_auth_asym_id 
_pdbx_struct_conn_angle.ptnr2_auth_comp_id 
_pdbx_struct_conn_angle.ptnr2_auth_seq_id 
_pdbx_struct_conn_angle.ptnr2_PDB_ins_code 
_pdbx_struct_conn_angle.ptnr2_symmetry 
_pdbx_struct_conn_angle.ptnr3_label_atom_id 
_pdbx_struct_conn_angle.ptnr3_label_alt_id 
_pdbx_struct_conn_angle.ptnr3_label_asym_id 
_pdbx_struct_conn_angle.ptnr3_label_comp_id 
_pdbx_struct_conn_angle.ptnr3_label_seq_id 
_pdbx_struct_conn_angle.ptnr3_auth_atom_id 
_pdbx_struct_conn_angle.ptnr3_auth_asym_id 
_pdbx_struct_conn_angle.ptnr3_auth_comp_id 
_pdbx_struct_conn_angle.ptnr3_auth_seq_id 
_pdbx_struct_conn_angle.ptnr3_PDB_ins_code 
_pdbx_struct_conn_angle.ptnr3_symmetry 
_pdbx_struct_conn_angle.value 
_pdbx_struct_conn_angle.value_esd 
1  OD1 ? A ASP 20  ? A ASP 20  ? 1_555 CA ? B CA . ? A CA 149 ? 1_555 OD1 ? A ASP 22  ? A ASP 22  ? 1_555 82.6  ? 
2  OD1 ? A ASP 20  ? A ASP 20  ? 1_555 CA ? B CA . ? A CA 149 ? 1_555 OD1 ? A ASP 24  ? A ASP 24  ? 1_555 90.6  ? 
3  OD1 ? A ASP 22  ? A ASP 22  ? 1_555 CA ? B CA . ? A CA 149 ? 1_555 OD1 ? A ASP 24  ? A ASP 24  ? 1_555 77.6  ? 
4  OD1 ? A ASP 20  ? A ASP 20  ? 1_555 CA ? B CA . ? A CA 149 ? 1_555 O   ? A CYS 26  ? A CYS 26  ? 1_555 81.5  ? 
5  OD1 ? A ASP 22  ? A ASP 22  ? 1_555 CA ? B CA . ? A CA 149 ? 1_555 O   ? A CYS 26  ? A CYS 26  ? 1_555 152.5 ? 
6  OD1 ? A ASP 24  ? A ASP 24  ? 1_555 CA ? B CA . ? A CA 149 ? 1_555 O   ? A CYS 26  ? A CYS 26  ? 1_555 80.3  ? 
7  OD1 ? A ASP 20  ? A ASP 20  ? 1_555 CA ? B CA . ? A CA 149 ? 1_555 OE1 ? A GLU 31  ? A GLU 31  ? 1_555 104.2 ? 
8  OD1 ? A ASP 22  ? A ASP 22  ? 1_555 CA ? B CA . ? A CA 149 ? 1_555 OE1 ? A GLU 31  ? A GLU 31  ? 1_555 127.7 ? 
9  OD1 ? A ASP 24  ? A ASP 24  ? 1_555 CA ? B CA . ? A CA 149 ? 1_555 OE1 ? A GLU 31  ? A GLU 31  ? 1_555 151.5 ? 
10 O   ? A CYS 26  ? A CYS 26  ? 1_555 CA ? B CA . ? A CA 149 ? 1_555 OE1 ? A GLU 31  ? A GLU 31  ? 1_555 78.1  ? 
11 OD1 ? A ASP 20  ? A ASP 20  ? 1_555 CA ? B CA . ? A CA 149 ? 1_555 OE2 ? A GLU 31  ? A GLU 31  ? 1_555 96.1  ? 
12 OD1 ? A ASP 22  ? A ASP 22  ? 1_555 CA ? B CA . ? A CA 149 ? 1_555 OE2 ? A GLU 31  ? A GLU 31  ? 1_555 75.8  ? 
13 OD1 ? A ASP 24  ? A ASP 24  ? 1_555 CA ? B CA . ? A CA 149 ? 1_555 OE2 ? A GLU 31  ? A GLU 31  ? 1_555 151.5 ? 
14 O   ? A CYS 26  ? A CYS 26  ? 1_555 CA ? B CA . ? A CA 149 ? 1_555 OE2 ? A GLU 31  ? A GLU 31  ? 1_555 128.1 ? 
15 OE1 ? A GLU 31  ? A GLU 31  ? 1_555 CA ? B CA . ? A CA 149 ? 1_555 OE2 ? A GLU 31  ? A GLU 31  ? 1_555 52.1  ? 
16 OD1 ? A ASP 20  ? A ASP 20  ? 1_555 CA ? B CA . ? A CA 149 ? 1_555 O   ? F HOH .   ? A HOH 153 ? 1_555 163.6 ? 
17 OD1 ? A ASP 22  ? A ASP 22  ? 1_555 CA ? B CA . ? A CA 149 ? 1_555 O   ? F HOH .   ? A HOH 153 ? 1_555 81.0  ? 
18 OD1 ? A ASP 24  ? A ASP 24  ? 1_555 CA ? B CA . ? A CA 149 ? 1_555 O   ? F HOH .   ? A HOH 153 ? 1_555 86.5  ? 
19 O   ? A CYS 26  ? A CYS 26  ? 1_555 CA ? B CA . ? A CA 149 ? 1_555 O   ? F HOH .   ? A HOH 153 ? 1_555 113.8 ? 
20 OE1 ? A GLU 31  ? A GLU 31  ? 1_555 CA ? B CA . ? A CA 149 ? 1_555 O   ? F HOH .   ? A HOH 153 ? 1_555 85.4  ? 
21 OE2 ? A GLU 31  ? A GLU 31  ? 1_555 CA ? B CA . ? A CA 149 ? 1_555 O   ? F HOH .   ? A HOH 153 ? 1_555 79.3  ? 
22 OD1 ? A ASP 56  ? A ASP 56  ? 1_555 CA ? C CA . ? A CA 150 ? 1_555 OD1 ? A ASP 58  ? A ASP 58  ? 1_555 82.1  ? 
23 OD1 ? A ASP 56  ? A ASP 56  ? 1_555 CA ? C CA . ? A CA 150 ? 1_555 OD1 ? A ASN 60  ? A ASN 60  ? 1_555 89.5  ? 
24 OD1 ? A ASP 58  ? A ASP 58  ? 1_555 CA ? C CA . ? A CA 150 ? 1_555 OD1 ? A ASN 60  ? A ASN 60  ? 1_555 77.7  ? 
25 OD1 ? A ASP 56  ? A ASP 56  ? 1_555 CA ? C CA . ? A CA 150 ? 1_555 O   ? A THR 62  ? A THR 62  ? 1_555 80.8  ? 
26 OD1 ? A ASP 58  ? A ASP 58  ? 1_555 CA ? C CA . ? A CA 150 ? 1_555 O   ? A THR 62  ? A THR 62  ? 1_555 150.5 ? 
27 OD1 ? A ASN 60  ? A ASN 60  ? 1_555 CA ? C CA . ? A CA 150 ? 1_555 O   ? A THR 62  ? A THR 62  ? 1_555 78.3  ? 
28 OD1 ? A ASP 56  ? A ASP 56  ? 1_555 CA ? C CA . ? A CA 150 ? 1_555 OE1 ? A GLU 67  ? A GLU 67  ? 1_555 98.0  ? 
29 OD1 ? A ASP 58  ? A ASP 58  ? 1_555 CA ? C CA . ? A CA 150 ? 1_555 OE1 ? A GLU 67  ? A GLU 67  ? 1_555 125.7 ? 
30 OD1 ? A ASN 60  ? A ASN 60  ? 1_555 CA ? C CA . ? A CA 150 ? 1_555 OE1 ? A GLU 67  ? A GLU 67  ? 1_555 156.1 ? 
31 O   ? A THR 62  ? A THR 62  ? 1_555 CA ? C CA . ? A CA 150 ? 1_555 OE1 ? A GLU 67  ? A GLU 67  ? 1_555 80.6  ? 
32 OD1 ? A ASP 56  ? A ASP 56  ? 1_555 CA ? C CA . ? A CA 150 ? 1_555 OE2 ? A GLU 67  ? A GLU 67  ? 1_555 94.2  ? 
33 OD1 ? A ASP 58  ? A ASP 58  ? 1_555 CA ? C CA . ? A CA 150 ? 1_555 OE2 ? A GLU 67  ? A GLU 67  ? 1_555 74.3  ? 
34 OD1 ? A ASN 60  ? A ASN 60  ? 1_555 CA ? C CA . ? A CA 150 ? 1_555 OE2 ? A GLU 67  ? A GLU 67  ? 1_555 151.0 ? 
35 O   ? A THR 62  ? A THR 62  ? 1_555 CA ? C CA . ? A CA 150 ? 1_555 OE2 ? A GLU 67  ? A GLU 67  ? 1_555 130.7 ? 
36 OE1 ? A GLU 67  ? A GLU 67  ? 1_555 CA ? C CA . ? A CA 150 ? 1_555 OE2 ? A GLU 67  ? A GLU 67  ? 1_555 51.4  ? 
37 OD1 ? A ASP 56  ? A ASP 56  ? 1_555 CA ? C CA . ? A CA 150 ? 1_555 O   ? F HOH .   ? A HOH 154 ? 1_555 176.6 ? 
38 OD1 ? A ASP 58  ? A ASP 58  ? 1_555 CA ? C CA . ? A CA 150 ? 1_555 O   ? F HOH .   ? A HOH 154 ? 1_555 95.6  ? 
39 OD1 ? A ASN 60  ? A ASN 60  ? 1_555 CA ? C CA . ? A CA 150 ? 1_555 O   ? F HOH .   ? A HOH 154 ? 1_555 92.5  ? 
40 O   ? A THR 62  ? A THR 62  ? 1_555 CA ? C CA . ? A CA 150 ? 1_555 O   ? F HOH .   ? A HOH 154 ? 1_555 102.3 ? 
41 OE1 ? A GLU 67  ? A GLU 67  ? 1_555 CA ? C CA . ? A CA 150 ? 1_555 O   ? F HOH .   ? A HOH 154 ? 1_555 81.2  ? 
42 OE2 ? A GLU 67  ? A GLU 67  ? 1_555 CA ? C CA . ? A CA 150 ? 1_555 O   ? F HOH .   ? A HOH 154 ? 1_555 82.7  ? 
43 OD1 ? A ASP 93  ? A ASP 93  ? 1_555 CA ? D CA . ? A CA 151 ? 1_555 OD1 ? A ASP 95  ? A ASP 95  ? 1_555 86.2  ? 
44 OD1 ? A ASP 93  ? A ASP 93  ? 1_555 CA ? D CA . ? A CA 151 ? 1_555 OD1 ? A ASN 97  ? A ASN 97  ? 1_555 85.5  ? 
45 OD1 ? A ASP 95  ? A ASP 95  ? 1_555 CA ? D CA . ? A CA 151 ? 1_555 OD1 ? A ASN 97  ? A ASN 97  ? 1_555 74.9  ? 
46 OD1 ? A ASP 93  ? A ASP 93  ? 1_555 CA ? D CA . ? A CA 151 ? 1_555 O   ? A PHE 99  ? A PHE 99  ? 1_555 84.1  ? 
47 OD1 ? A ASP 95  ? A ASP 95  ? 1_555 CA ? D CA . ? A CA 151 ? 1_555 O   ? A PHE 99  ? A PHE 99  ? 1_555 153.5 ? 
48 OD1 ? A ASN 97  ? A ASN 97  ? 1_555 CA ? D CA . ? A CA 151 ? 1_555 O   ? A PHE 99  ? A PHE 99  ? 1_555 79.8  ? 
49 OD1 ? A ASP 93  ? A ASP 93  ? 1_555 CA ? D CA . ? A CA 151 ? 1_555 OE1 ? A GLU 104 ? A GLU 104 ? 1_555 102.1 ? 
50 OD1 ? A ASP 95  ? A ASP 95  ? 1_555 CA ? D CA . ? A CA 151 ? 1_555 OE1 ? A GLU 104 ? A GLU 104 ? 1_555 127.3 ? 
51 OD1 ? A ASN 97  ? A ASN 97  ? 1_555 CA ? D CA . ? A CA 151 ? 1_555 OE1 ? A GLU 104 ? A GLU 104 ? 1_555 156.5 ? 
52 O   ? A PHE 99  ? A PHE 99  ? 1_555 CA ? D CA . ? A CA 151 ? 1_555 OE1 ? A GLU 104 ? A GLU 104 ? 1_555 78.9  ? 
53 OD1 ? A ASP 93  ? A ASP 93  ? 1_555 CA ? D CA . ? A CA 151 ? 1_555 OE2 ? A GLU 104 ? A GLU 104 ? 1_555 100.4 ? 
54 OD1 ? A ASP 95  ? A ASP 95  ? 1_555 CA ? D CA . ? A CA 151 ? 1_555 OE2 ? A GLU 104 ? A GLU 104 ? 1_555 75.5  ? 
55 OD1 ? A ASN 97  ? A ASN 97  ? 1_555 CA ? D CA . ? A CA 151 ? 1_555 OE2 ? A GLU 104 ? A GLU 104 ? 1_555 149.3 ? 
56 O   ? A PHE 99  ? A PHE 99  ? 1_555 CA ? D CA . ? A CA 151 ? 1_555 OE2 ? A GLU 104 ? A GLU 104 ? 1_555 130.6 ? 
57 OE1 ? A GLU 104 ? A GLU 104 ? 1_555 CA ? D CA . ? A CA 151 ? 1_555 OE2 ? A GLU 104 ? A GLU 104 ? 1_555 51.9  ? 
58 OD1 ? A ASP 93  ? A ASP 93  ? 1_555 CA ? D CA . ? A CA 151 ? 1_555 O   ? F HOH .   ? A HOH 155 ? 1_555 170.7 ? 
59 OD1 ? A ASP 95  ? A ASP 95  ? 1_555 CA ? D CA . ? A CA 151 ? 1_555 O   ? F HOH .   ? A HOH 155 ? 1_555 89.8  ? 
60 OD1 ? A ASN 97  ? A ASN 97  ? 1_555 CA ? D CA . ? A CA 151 ? 1_555 O   ? F HOH .   ? A HOH 155 ? 1_555 85.4  ? 
61 O   ? A PHE 99  ? A PHE 99  ? 1_555 CA ? D CA . ? A CA 151 ? 1_555 O   ? F HOH .   ? A HOH 155 ? 1_555 96.0  ? 
62 OE1 ? A GLU 104 ? A GLU 104 ? 1_555 CA ? D CA . ? A CA 151 ? 1_555 O   ? F HOH .   ? A HOH 155 ? 1_555 87.0  ? 
63 OE2 ? A GLU 104 ? A GLU 104 ? 1_555 CA ? D CA . ? A CA 151 ? 1_555 O   ? F HOH .   ? A HOH 155 ? 1_555 86.7  ? 
64 OD1 ? A ASP 129 ? A ASP 129 ? 1_555 CA ? E CA . ? A CA 152 ? 1_555 OD1 ? A ASP 131 ? A ASP 131 ? 1_555 80.4  ? 
65 OD1 ? A ASP 129 ? A ASP 129 ? 1_555 CA ? E CA . ? A CA 152 ? 1_555 OD1 ? A ASP 133 ? A ASP 133 ? 1_555 84.6  ? 
66 OD1 ? A ASP 131 ? A ASP 131 ? 1_555 CA ? E CA . ? A CA 152 ? 1_555 OD1 ? A ASP 133 ? A ASP 133 ? 1_555 81.0  ? 
67 OD1 ? A ASP 129 ? A ASP 129 ? 1_555 CA ? E CA . ? A CA 152 ? 1_555 O   ? A GLN 135 ? A GLN 135 ? 1_555 87.7  ? 
68 OD1 ? A ASP 131 ? A ASP 131 ? 1_555 CA ? E CA . ? A CA 152 ? 1_555 O   ? A GLN 135 ? A GLN 135 ? 1_555 156.6 ? 
69 OD1 ? A ASP 133 ? A ASP 133 ? 1_555 CA ? E CA . ? A CA 152 ? 1_555 O   ? A GLN 135 ? A GLN 135 ? 1_555 77.8  ? 
70 OD1 ? A ASP 129 ? A ASP 129 ? 1_555 CA ? E CA . ? A CA 152 ? 1_555 OE1 ? A GLU 140 ? A GLU 140 ? 1_555 110.2 ? 
71 OD1 ? A ASP 131 ? A ASP 131 ? 1_555 CA ? E CA . ? A CA 152 ? 1_555 OE1 ? A GLU 140 ? A GLU 140 ? 1_555 125.5 ? 
72 OD1 ? A ASP 133 ? A ASP 133 ? 1_555 CA ? E CA . ? A CA 152 ? 1_555 OE1 ? A GLU 140 ? A GLU 140 ? 1_555 150.6 ? 
73 O   ? A GLN 135 ? A GLN 135 ? 1_555 CA ? E CA . ? A CA 152 ? 1_555 OE1 ? A GLU 140 ? A GLU 140 ? 1_555 77.5  ? 
74 OD1 ? A ASP 129 ? A ASP 129 ? 1_555 CA ? E CA . ? A CA 152 ? 1_555 OE2 ? A GLU 140 ? A GLU 140 ? 1_555 90.4  ? 
75 OD1 ? A ASP 131 ? A ASP 131 ? 1_555 CA ? E CA . ? A CA 152 ? 1_555 OE2 ? A GLU 140 ? A GLU 140 ? 1_555 76.8  ? 
76 OD1 ? A ASP 133 ? A ASP 133 ? 1_555 CA ? E CA . ? A CA 152 ? 1_555 OE2 ? A GLU 140 ? A GLU 140 ? 1_555 157.8 ? 
77 O   ? A GLN 135 ? A GLN 135 ? 1_555 CA ? E CA . ? A CA 152 ? 1_555 OE2 ? A GLU 140 ? A GLU 140 ? 1_555 123.7 ? 
78 OE1 ? A GLU 140 ? A GLU 140 ? 1_555 CA ? E CA . ? A CA 152 ? 1_555 OE2 ? A GLU 140 ? A GLU 140 ? 1_555 50.8  ? 
79 OD1 ? A ASP 129 ? A ASP 129 ? 1_555 CA ? E CA . ? A CA 152 ? 1_555 O   ? F HOH .   ? A HOH 156 ? 1_555 156.4 ? 
80 OD1 ? A ASP 131 ? A ASP 131 ? 1_555 CA ? E CA . ? A CA 152 ? 1_555 O   ? F HOH .   ? A HOH 156 ? 1_555 79.7  ? 
81 OD1 ? A ASP 133 ? A ASP 133 ? 1_555 CA ? E CA . ? A CA 152 ? 1_555 O   ? F HOH .   ? A HOH 156 ? 1_555 79.9  ? 
82 O   ? A GLN 135 ? A GLN 135 ? 1_555 CA ? E CA . ? A CA 152 ? 1_555 O   ? F HOH .   ? A HOH 156 ? 1_555 106.1 ? 
83 OE1 ? A GLU 140 ? A GLU 140 ? 1_555 CA ? E CA . ? A CA 152 ? 1_555 O   ? F HOH .   ? A HOH 156 ? 1_555 91.7  ? 
84 OE2 ? A GLU 140 ? A GLU 140 ? 1_555 CA ? E CA . ? A CA 152 ? 1_555 O   ? F HOH .   ? A HOH 156 ? 1_555 97.3  ? 
# 
loop_
_struct_sheet.id 
_struct_sheet.type 
_struct_sheet.number_strands 
_struct_sheet.details 
A ? 2 ? 
B ? 2 ? 
# 
loop_
_struct_sheet_order.sheet_id 
_struct_sheet_order.range_id_1 
_struct_sheet_order.range_id_2 
_struct_sheet_order.offset 
_struct_sheet_order.sense 
A 1 2 ? anti-parallel 
B 1 2 ? anti-parallel 
# 
loop_
_struct_sheet_range.sheet_id 
_struct_sheet_range.id 
_struct_sheet_range.beg_label_comp_id 
_struct_sheet_range.beg_label_asym_id 
_struct_sheet_range.beg_label_seq_id 
_struct_sheet_range.pdbx_beg_PDB_ins_code 
_struct_sheet_range.end_label_comp_id 
_struct_sheet_range.end_label_asym_id 
_struct_sheet_range.end_label_seq_id 
_struct_sheet_range.pdbx_end_PDB_ins_code 
_struct_sheet_range.beg_auth_comp_id 
_struct_sheet_range.beg_auth_asym_id 
_struct_sheet_range.beg_auth_seq_id 
_struct_sheet_range.end_auth_comp_id 
_struct_sheet_range.end_auth_asym_id 
_struct_sheet_range.end_auth_seq_id 
A 1 CYS A 26  ? ILE A 27  ? CYS A 26  ILE A 27  
A 2 VAL A 63  ? ASP A 64  ? VAL A 63  ASP A 64  
B 1 PHE A 99  ? VAL A 100 ? PHE A 99  VAL A 100 
B 2 VAL A 136 ? ASN A 137 ? VAL A 136 ASN A 137 
# 
loop_
_pdbx_struct_sheet_hbond.sheet_id 
_pdbx_struct_sheet_hbond.range_id_1 
_pdbx_struct_sheet_hbond.range_id_2 
_pdbx_struct_sheet_hbond.range_1_label_atom_id 
_pdbx_struct_sheet_hbond.range_1_label_comp_id 
_pdbx_struct_sheet_hbond.range_1_label_asym_id 
_pdbx_struct_sheet_hbond.range_1_label_seq_id 
_pdbx_struct_sheet_hbond.range_1_PDB_ins_code 
_pdbx_struct_sheet_hbond.range_1_auth_atom_id 
_pdbx_struct_sheet_hbond.range_1_auth_comp_id 
_pdbx_struct_sheet_hbond.range_1_auth_asym_id 
_pdbx_struct_sheet_hbond.range_1_auth_seq_id 
_pdbx_struct_sheet_hbond.range_2_label_atom_id 
_pdbx_struct_sheet_hbond.range_2_label_comp_id 
_pdbx_struct_sheet_hbond.range_2_label_asym_id 
_pdbx_struct_sheet_hbond.range_2_label_seq_id 
_pdbx_struct_sheet_hbond.range_2_PDB_ins_code 
_pdbx_struct_sheet_hbond.range_2_auth_atom_id 
_pdbx_struct_sheet_hbond.range_2_auth_comp_id 
_pdbx_struct_sheet_hbond.range_2_auth_asym_id 
_pdbx_struct_sheet_hbond.range_2_auth_seq_id 
A 1 2 N ILE A 27  ? N ILE A 27  O VAL A 63  ? O VAL A 63  
B 1 2 N VAL A 100 ? N VAL A 100 O VAL A 136 ? O VAL A 136 
# 
loop_
_struct_site.id 
_struct_site.pdbx_evidence_code 
_struct_site.pdbx_auth_asym_id 
_struct_site.pdbx_auth_comp_id 
_struct_site.pdbx_auth_seq_id 
_struct_site.pdbx_auth_ins_code 
_struct_site.pdbx_num_residues 
_struct_site.details 
AC1 Software A CA 149 ? 6 'BINDING SITE FOR RESIDUE CA A 149' 
AC2 Software A CA 150 ? 6 'BINDING SITE FOR RESIDUE CA A 150' 
AC3 Software A CA 151 ? 6 'BINDING SITE FOR RESIDUE CA A 151' 
AC4 Software A CA 152 ? 6 'BINDING SITE FOR RESIDUE CA A 152' 
# 
loop_
_struct_site_gen.id 
_struct_site_gen.site_id 
_struct_site_gen.pdbx_num_res 
_struct_site_gen.label_comp_id 
_struct_site_gen.label_asym_id 
_struct_site_gen.label_seq_id 
_struct_site_gen.pdbx_auth_ins_code 
_struct_site_gen.auth_comp_id 
_struct_site_gen.auth_asym_id 
_struct_site_gen.auth_seq_id 
_struct_site_gen.label_atom_id 
_struct_site_gen.label_alt_id 
_struct_site_gen.symmetry 
_struct_site_gen.details 
1  AC1 6 ASP A 20  ? ASP A 20  . ? 1_555 ? 
2  AC1 6 ASP A 22  ? ASP A 22  . ? 1_555 ? 
3  AC1 6 ASP A 24  ? ASP A 24  . ? 1_555 ? 
4  AC1 6 CYS A 26  ? CYS A 26  . ? 1_555 ? 
5  AC1 6 GLU A 31  ? GLU A 31  . ? 1_555 ? 
6  AC1 6 HOH F .   ? HOH A 153 . ? 1_555 ? 
7  AC2 6 ASP A 56  ? ASP A 56  . ? 1_555 ? 
8  AC2 6 ASP A 58  ? ASP A 58  . ? 1_555 ? 
9  AC2 6 ASN A 60  ? ASN A 60  . ? 1_555 ? 
10 AC2 6 THR A 62  ? THR A 62  . ? 1_555 ? 
11 AC2 6 GLU A 67  ? GLU A 67  . ? 1_555 ? 
12 AC2 6 HOH F .   ? HOH A 154 . ? 1_555 ? 
13 AC3 6 ASP A 93  ? ASP A 93  . ? 1_555 ? 
14 AC3 6 ASP A 95  ? ASP A 95  . ? 1_555 ? 
15 AC3 6 ASN A 97  ? ASN A 97  . ? 1_555 ? 
16 AC3 6 PHE A 99  ? PHE A 99  . ? 1_555 ? 
17 AC3 6 GLU A 104 ? GLU A 104 . ? 1_555 ? 
18 AC3 6 HOH F .   ? HOH A 155 . ? 1_555 ? 
19 AC4 6 ASP A 129 ? ASP A 129 . ? 1_555 ? 
20 AC4 6 ASP A 131 ? ASP A 131 . ? 1_555 ? 
21 AC4 6 ASP A 133 ? ASP A 133 . ? 1_555 ? 
22 AC4 6 GLN A 135 ? GLN A 135 . ? 1_555 ? 
23 AC4 6 GLU A 140 ? GLU A 140 . ? 1_555 ? 
24 AC4 6 HOH F .   ? HOH A 156 . ? 1_555 ? 
# 
_pdbx_validate_close_contact.id               1 
_pdbx_validate_close_contact.PDB_model_num    1 
_pdbx_validate_close_contact.auth_atom_id_1   O 
_pdbx_validate_close_contact.auth_asym_id_1   A 
_pdbx_validate_close_contact.auth_comp_id_1   HOH 
_pdbx_validate_close_contact.auth_seq_id_1    295 
_pdbx_validate_close_contact.PDB_ins_code_1   ? 
_pdbx_validate_close_contact.label_alt_id_1   ? 
_pdbx_validate_close_contact.auth_atom_id_2   O 
_pdbx_validate_close_contact.auth_asym_id_2   A 
_pdbx_validate_close_contact.auth_comp_id_2   HOH 
_pdbx_validate_close_contact.auth_seq_id_2    354 
_pdbx_validate_close_contact.PDB_ins_code_2   ? 
_pdbx_validate_close_contact.label_alt_id_2   ? 
_pdbx_validate_close_contact.dist             2.15 
# 
_pdbx_validate_symm_contact.id                1 
_pdbx_validate_symm_contact.PDB_model_num     1 
_pdbx_validate_symm_contact.auth_atom_id_1    O 
_pdbx_validate_symm_contact.auth_asym_id_1    A 
_pdbx_validate_symm_contact.auth_comp_id_1    HOH 
_pdbx_validate_symm_contact.auth_seq_id_1     399 
_pdbx_validate_symm_contact.PDB_ins_code_1    ? 
_pdbx_validate_symm_contact.label_alt_id_1    ? 
_pdbx_validate_symm_contact.site_symmetry_1   1_555 
_pdbx_validate_symm_contact.auth_atom_id_2    O 
_pdbx_validate_symm_contact.auth_asym_id_2    A 
_pdbx_validate_symm_contact.auth_comp_id_2    HOH 
_pdbx_validate_symm_contact.auth_seq_id_2     399 
_pdbx_validate_symm_contact.PDB_ins_code_2    ? 
_pdbx_validate_symm_contact.label_alt_id_2    ? 
_pdbx_validate_symm_contact.site_symmetry_2   2_655 
_pdbx_validate_symm_contact.dist              1.97 
# 
loop_
_pdbx_validate_rmsd_bond.id 
_pdbx_validate_rmsd_bond.PDB_model_num 
_pdbx_validate_rmsd_bond.auth_atom_id_1 
_pdbx_validate_rmsd_bond.auth_asym_id_1 
_pdbx_validate_rmsd_bond.auth_comp_id_1 
_pdbx_validate_rmsd_bond.auth_seq_id_1 
_pdbx_validate_rmsd_bond.PDB_ins_code_1 
_pdbx_validate_rmsd_bond.label_alt_id_1 
_pdbx_validate_rmsd_bond.auth_atom_id_2 
_pdbx_validate_rmsd_bond.auth_asym_id_2 
_pdbx_validate_rmsd_bond.auth_comp_id_2 
_pdbx_validate_rmsd_bond.auth_seq_id_2 
_pdbx_validate_rmsd_bond.PDB_ins_code_2 
_pdbx_validate_rmsd_bond.label_alt_id_2 
_pdbx_validate_rmsd_bond.bond_value 
_pdbx_validate_rmsd_bond.bond_target_value 
_pdbx_validate_rmsd_bond.bond_deviation 
_pdbx_validate_rmsd_bond.bond_standard_deviation 
_pdbx_validate_rmsd_bond.linker_flag 
1 1 CG A ARG 90  ? ? CD  A ARG 90  ? ? 1.207 1.515 -0.308 0.025 N 
2 1 CG A TYR 138 ? ? CD1 A TYR 138 ? ? 1.466 1.387 0.079  0.013 N 
3 1 CB A VAL 142 ? ? CG1 A VAL 142 ? ? 1.671 1.524 0.147  0.021 N 
# 
loop_
_pdbx_validate_rmsd_angle.id 
_pdbx_validate_rmsd_angle.PDB_model_num 
_pdbx_validate_rmsd_angle.auth_atom_id_1 
_pdbx_validate_rmsd_angle.auth_asym_id_1 
_pdbx_validate_rmsd_angle.auth_comp_id_1 
_pdbx_validate_rmsd_angle.auth_seq_id_1 
_pdbx_validate_rmsd_angle.PDB_ins_code_1 
_pdbx_validate_rmsd_angle.label_alt_id_1 
_pdbx_validate_rmsd_angle.auth_atom_id_2 
_pdbx_validate_rmsd_angle.auth_asym_id_2 
_pdbx_validate_rmsd_angle.auth_comp_id_2 
_pdbx_validate_rmsd_angle.auth_seq_id_2 
_pdbx_validate_rmsd_angle.PDB_ins_code_2 
_pdbx_validate_rmsd_angle.label_alt_id_2 
_pdbx_validate_rmsd_angle.auth_atom_id_3 
_pdbx_validate_rmsd_angle.auth_asym_id_3 
_pdbx_validate_rmsd_angle.auth_comp_id_3 
_pdbx_validate_rmsd_angle.auth_seq_id_3 
_pdbx_validate_rmsd_angle.PDB_ins_code_3 
_pdbx_validate_rmsd_angle.label_alt_id_3 
_pdbx_validate_rmsd_angle.angle_value 
_pdbx_validate_rmsd_angle.angle_target_value 
_pdbx_validate_rmsd_angle.angle_deviation 
_pdbx_validate_rmsd_angle.angle_standard_deviation 
_pdbx_validate_rmsd_angle.linker_flag 
1  1 CB A ASP 22  ? ? CG A ASP 22  ? ? OD2 A ASP 22  ? ? 124.36 118.30 6.06  0.90 N 
2  1 CB A ASP 24  ? ? CG A ASP 24  ? ? OD1 A ASP 24  ? ? 124.14 118.30 5.84  0.90 N 
3  1 CA A THR 29  ? ? CB A THR 29  ? ? CG2 A THR 29  ? ? 103.07 112.40 -9.33 1.40 N 
4  1 NE A ARG 37  ? ? CZ A ARG 37  ? ? NH1 A ARG 37  ? ? 123.92 120.30 3.62  0.50 N 
5  1 NE A ARG 49  ? ? CZ A ARG 49  ? ? NH1 A ARG 49  ? ? 115.92 120.30 -4.38 0.50 N 
6  1 CB A ASP 58  ? ? CG A ASP 58  ? ? OD2 A ASP 58  ? ? 112.78 118.30 -5.52 0.90 N 
7  1 CB A ASP 64  ? ? CG A ASP 64  ? ? OD1 A ASP 64  ? ? 125.69 118.30 7.39  0.90 N 
8  1 NE A ARG 74  ? ? CZ A ARG 74  ? ? NH2 A ARG 74  ? ? 115.57 120.30 -4.73 0.50 N 
9  1 CD A ARG 90  ? ? NE A ARG 90  ? ? CZ  A ARG 90  ? ? 133.16 123.60 9.56  1.40 N 
10 1 NE A ARG 90  ? ? CZ A ARG 90  ? ? NH1 A ARG 90  ? ? 127.54 120.30 7.24  0.50 N 
11 1 NE A ARG 90  ? ? CZ A ARG 90  ? ? NH2 A ARG 90  ? ? 113.98 120.30 -6.32 0.50 N 
12 1 CB A ASP 118 ? ? CG A ASP 118 ? ? OD2 A ASP 118 ? ? 112.82 118.30 -5.48 0.90 N 
13 1 CB A ASP 133 ? ? CG A ASP 133 ? ? OD2 A ASP 133 ? ? 112.07 118.30 -6.23 0.90 N 
# 
_pdbx_validate_torsion.id              1 
_pdbx_validate_torsion.PDB_model_num   1 
_pdbx_validate_torsion.auth_comp_id    ASN 
_pdbx_validate_torsion.auth_asym_id    A 
_pdbx_validate_torsion.auth_seq_id     42 
_pdbx_validate_torsion.PDB_ins_code    ? 
_pdbx_validate_torsion.label_alt_id    ? 
_pdbx_validate_torsion.phi             -158.31 
_pdbx_validate_torsion.psi             64.57 
# 
loop_
_pdbx_unobs_or_zero_occ_residues.id 
_pdbx_unobs_or_zero_occ_residues.PDB_model_num 
_pdbx_unobs_or_zero_occ_residues.polymer_flag 
_pdbx_unobs_or_zero_occ_residues.occupancy_flag 
_pdbx_unobs_or_zero_occ_residues.auth_asym_id 
_pdbx_unobs_or_zero_occ_residues.auth_comp_id 
_pdbx_unobs_or_zero_occ_residues.auth_seq_id 
_pdbx_unobs_or_zero_occ_residues.PDB_ins_code 
_pdbx_unobs_or_zero_occ_residues.label_asym_id 
_pdbx_unobs_or_zero_occ_residues.label_comp_id 
_pdbx_unobs_or_zero_occ_residues.label_seq_id 
1 1 Y 1 A ALA 1   ? A ALA 1   
2 1 Y 1 A ASP 2   ? A ASP 2   
3 1 Y 1 A GLN 3   ? A GLN 3   
4 1 Y 1 A LYS 148 ? A LYS 148 
# 
loop_
_chem_comp_atom.comp_id 
_chem_comp_atom.atom_id 
_chem_comp_atom.type_symbol 
_chem_comp_atom.pdbx_aromatic_flag 
_chem_comp_atom.pdbx_stereo_config 
_chem_comp_atom.pdbx_ordinal 
ALA N    N  N N 1   
ALA CA   C  N S 2   
ALA C    C  N N 3   
ALA O    O  N N 4   
ALA CB   C  N N 5   
ALA OXT  O  N N 6   
ALA H    H  N N 7   
ALA H2   H  N N 8   
ALA HA   H  N N 9   
ALA HB1  H  N N 10  
ALA HB2  H  N N 11  
ALA HB3  H  N N 12  
ALA HXT  H  N N 13  
ARG N    N  N N 14  
ARG CA   C  N S 15  
ARG C    C  N N 16  
ARG O    O  N N 17  
ARG CB   C  N N 18  
ARG CG   C  N N 19  
ARG CD   C  N N 20  
ARG NE   N  N N 21  
ARG CZ   C  N N 22  
ARG NH1  N  N N 23  
ARG NH2  N  N N 24  
ARG OXT  O  N N 25  
ARG H    H  N N 26  
ARG H2   H  N N 27  
ARG HA   H  N N 28  
ARG HB2  H  N N 29  
ARG HB3  H  N N 30  
ARG HG2  H  N N 31  
ARG HG3  H  N N 32  
ARG HD2  H  N N 33  
ARG HD3  H  N N 34  
ARG HE   H  N N 35  
ARG HH11 H  N N 36  
ARG HH12 H  N N 37  
ARG HH21 H  N N 38  
ARG HH22 H  N N 39  
ARG HXT  H  N N 40  
ASN N    N  N N 41  
ASN CA   C  N S 42  
ASN C    C  N N 43  
ASN O    O  N N 44  
ASN CB   C  N N 45  
ASN CG   C  N N 46  
ASN OD1  O  N N 47  
ASN ND2  N  N N 48  
ASN OXT  O  N N 49  
ASN H    H  N N 50  
ASN H2   H  N N 51  
ASN HA   H  N N 52  
ASN HB2  H  N N 53  
ASN HB3  H  N N 54  
ASN HD21 H  N N 55  
ASN HD22 H  N N 56  
ASN HXT  H  N N 57  
ASP N    N  N N 58  
ASP CA   C  N S 59  
ASP C    C  N N 60  
ASP O    O  N N 61  
ASP CB   C  N N 62  
ASP CG   C  N N 63  
ASP OD1  O  N N 64  
ASP OD2  O  N N 65  
ASP OXT  O  N N 66  
ASP H    H  N N 67  
ASP H2   H  N N 68  
ASP HA   H  N N 69  
ASP HB2  H  N N 70  
ASP HB3  H  N N 71  
ASP HD2  H  N N 72  
ASP HXT  H  N N 73  
CA  CA   CA N N 74  
CYS N    N  N N 75  
CYS CA   C  N R 76  
CYS C    C  N N 77  
CYS O    O  N N 78  
CYS CB   C  N N 79  
CYS SG   S  N N 80  
CYS OXT  O  N N 81  
CYS H    H  N N 82  
CYS H2   H  N N 83  
CYS HA   H  N N 84  
CYS HB2  H  N N 85  
CYS HB3  H  N N 86  
CYS HG   H  N N 87  
CYS HXT  H  N N 88  
GLN N    N  N N 89  
GLN CA   C  N S 90  
GLN C    C  N N 91  
GLN O    O  N N 92  
GLN CB   C  N N 93  
GLN CG   C  N N 94  
GLN CD   C  N N 95  
GLN OE1  O  N N 96  
GLN NE2  N  N N 97  
GLN OXT  O  N N 98  
GLN H    H  N N 99  
GLN H2   H  N N 100 
GLN HA   H  N N 101 
GLN HB2  H  N N 102 
GLN HB3  H  N N 103 
GLN HG2  H  N N 104 
GLN HG3  H  N N 105 
GLN HE21 H  N N 106 
GLN HE22 H  N N 107 
GLN HXT  H  N N 108 
GLU N    N  N N 109 
GLU CA   C  N S 110 
GLU C    C  N N 111 
GLU O    O  N N 112 
GLU CB   C  N N 113 
GLU CG   C  N N 114 
GLU CD   C  N N 115 
GLU OE1  O  N N 116 
GLU OE2  O  N N 117 
GLU OXT  O  N N 118 
GLU H    H  N N 119 
GLU H2   H  N N 120 
GLU HA   H  N N 121 
GLU HB2  H  N N 122 
GLU HB3  H  N N 123 
GLU HG2  H  N N 124 
GLU HG3  H  N N 125 
GLU HE2  H  N N 126 
GLU HXT  H  N N 127 
GLY N    N  N N 128 
GLY CA   C  N N 129 
GLY C    C  N N 130 
GLY O    O  N N 131 
GLY OXT  O  N N 132 
GLY H    H  N N 133 
GLY H2   H  N N 134 
GLY HA2  H  N N 135 
GLY HA3  H  N N 136 
GLY HXT  H  N N 137 
HIS N    N  N N 138 
HIS CA   C  N S 139 
HIS C    C  N N 140 
HIS O    O  N N 141 
HIS CB   C  N N 142 
HIS CG   C  Y N 143 
HIS ND1  N  Y N 144 
HIS CD2  C  Y N 145 
HIS CE1  C  Y N 146 
HIS NE2  N  Y N 147 
HIS OXT  O  N N 148 
HIS H    H  N N 149 
HIS H2   H  N N 150 
HIS HA   H  N N 151 
HIS HB2  H  N N 152 
HIS HB3  H  N N 153 
HIS HD1  H  N N 154 
HIS HD2  H  N N 155 
HIS HE1  H  N N 156 
HIS HE2  H  N N 157 
HIS HXT  H  N N 158 
HOH O    O  N N 159 
HOH H1   H  N N 160 
HOH H2   H  N N 161 
ILE N    N  N N 162 
ILE CA   C  N S 163 
ILE C    C  N N 164 
ILE O    O  N N 165 
ILE CB   C  N S 166 
ILE CG1  C  N N 167 
ILE CG2  C  N N 168 
ILE CD1  C  N N 169 
ILE OXT  O  N N 170 
ILE H    H  N N 171 
ILE H2   H  N N 172 
ILE HA   H  N N 173 
ILE HB   H  N N 174 
ILE HG12 H  N N 175 
ILE HG13 H  N N 176 
ILE HG21 H  N N 177 
ILE HG22 H  N N 178 
ILE HG23 H  N N 179 
ILE HD11 H  N N 180 
ILE HD12 H  N N 181 
ILE HD13 H  N N 182 
ILE HXT  H  N N 183 
LEU N    N  N N 184 
LEU CA   C  N S 185 
LEU C    C  N N 186 
LEU O    O  N N 187 
LEU CB   C  N N 188 
LEU CG   C  N N 189 
LEU CD1  C  N N 190 
LEU CD2  C  N N 191 
LEU OXT  O  N N 192 
LEU H    H  N N 193 
LEU H2   H  N N 194 
LEU HA   H  N N 195 
LEU HB2  H  N N 196 
LEU HB3  H  N N 197 
LEU HG   H  N N 198 
LEU HD11 H  N N 199 
LEU HD12 H  N N 200 
LEU HD13 H  N N 201 
LEU HD21 H  N N 202 
LEU HD22 H  N N 203 
LEU HD23 H  N N 204 
LEU HXT  H  N N 205 
LYS N    N  N N 206 
LYS CA   C  N S 207 
LYS C    C  N N 208 
LYS O    O  N N 209 
LYS CB   C  N N 210 
LYS CG   C  N N 211 
LYS CD   C  N N 212 
LYS CE   C  N N 213 
LYS NZ   N  N N 214 
LYS OXT  O  N N 215 
LYS H    H  N N 216 
LYS H2   H  N N 217 
LYS HA   H  N N 218 
LYS HB2  H  N N 219 
LYS HB3  H  N N 220 
LYS HG2  H  N N 221 
LYS HG3  H  N N 222 
LYS HD2  H  N N 223 
LYS HD3  H  N N 224 
LYS HE2  H  N N 225 
LYS HE3  H  N N 226 
LYS HZ1  H  N N 227 
LYS HZ2  H  N N 228 
LYS HZ3  H  N N 229 
LYS HXT  H  N N 230 
MET N    N  N N 231 
MET CA   C  N S 232 
MET C    C  N N 233 
MET O    O  N N 234 
MET CB   C  N N 235 
MET CG   C  N N 236 
MET SD   S  N N 237 
MET CE   C  N N 238 
MET OXT  O  N N 239 
MET H    H  N N 240 
MET H2   H  N N 241 
MET HA   H  N N 242 
MET HB2  H  N N 243 
MET HB3  H  N N 244 
MET HG2  H  N N 245 
MET HG3  H  N N 246 
MET HE1  H  N N 247 
MET HE2  H  N N 248 
MET HE3  H  N N 249 
MET HXT  H  N N 250 
PHE N    N  N N 251 
PHE CA   C  N S 252 
PHE C    C  N N 253 
PHE O    O  N N 254 
PHE CB   C  N N 255 
PHE CG   C  Y N 256 
PHE CD1  C  Y N 257 
PHE CD2  C  Y N 258 
PHE CE1  C  Y N 259 
PHE CE2  C  Y N 260 
PHE CZ   C  Y N 261 
PHE OXT  O  N N 262 
PHE H    H  N N 263 
PHE H2   H  N N 264 
PHE HA   H  N N 265 
PHE HB2  H  N N 266 
PHE HB3  H  N N 267 
PHE HD1  H  N N 268 
PHE HD2  H  N N 269 
PHE HE1  H  N N 270 
PHE HE2  H  N N 271 
PHE HZ   H  N N 272 
PHE HXT  H  N N 273 
PRO N    N  N N 274 
PRO CA   C  N S 275 
PRO C    C  N N 276 
PRO O    O  N N 277 
PRO CB   C  N N 278 
PRO CG   C  N N 279 
PRO CD   C  N N 280 
PRO OXT  O  N N 281 
PRO H    H  N N 282 
PRO HA   H  N N 283 
PRO HB2  H  N N 284 
PRO HB3  H  N N 285 
PRO HG2  H  N N 286 
PRO HG3  H  N N 287 
PRO HD2  H  N N 288 
PRO HD3  H  N N 289 
PRO HXT  H  N N 290 
SER N    N  N N 291 
SER CA   C  N S 292 
SER C    C  N N 293 
SER O    O  N N 294 
SER CB   C  N N 295 
SER OG   O  N N 296 
SER OXT  O  N N 297 
SER H    H  N N 298 
SER H2   H  N N 299 
SER HA   H  N N 300 
SER HB2  H  N N 301 
SER HB3  H  N N 302 
SER HG   H  N N 303 
SER HXT  H  N N 304 
THR N    N  N N 305 
THR CA   C  N S 306 
THR C    C  N N 307 
THR O    O  N N 308 
THR CB   C  N R 309 
THR OG1  O  N N 310 
THR CG2  C  N N 311 
THR OXT  O  N N 312 
THR H    H  N N 313 
THR H2   H  N N 314 
THR HA   H  N N 315 
THR HB   H  N N 316 
THR HG1  H  N N 317 
THR HG21 H  N N 318 
THR HG22 H  N N 319 
THR HG23 H  N N 320 
THR HXT  H  N N 321 
TYR N    N  N N 322 
TYR CA   C  N S 323 
TYR C    C  N N 324 
TYR O    O  N N 325 
TYR CB   C  N N 326 
TYR CG   C  Y N 327 
TYR CD1  C  Y N 328 
TYR CD2  C  Y N 329 
TYR CE1  C  Y N 330 
TYR CE2  C  Y N 331 
TYR CZ   C  Y N 332 
TYR OH   O  N N 333 
TYR OXT  O  N N 334 
TYR H    H  N N 335 
TYR H2   H  N N 336 
TYR HA   H  N N 337 
TYR HB2  H  N N 338 
TYR HB3  H  N N 339 
TYR HD1  H  N N 340 
TYR HD2  H  N N 341 
TYR HE1  H  N N 342 
TYR HE2  H  N N 343 
TYR HH   H  N N 344 
TYR HXT  H  N N 345 
VAL N    N  N N 346 
VAL CA   C  N S 347 
VAL C    C  N N 348 
VAL O    O  N N 349 
VAL CB   C  N N 350 
VAL CG1  C  N N 351 
VAL CG2  C  N N 352 
VAL OXT  O  N N 353 
VAL H    H  N N 354 
VAL H2   H  N N 355 
VAL HA   H  N N 356 
VAL HB   H  N N 357 
VAL HG11 H  N N 358 
VAL HG12 H  N N 359 
VAL HG13 H  N N 360 
VAL HG21 H  N N 361 
VAL HG22 H  N N 362 
VAL HG23 H  N N 363 
VAL HXT  H  N N 364 
# 
loop_
_chem_comp_bond.comp_id 
_chem_comp_bond.atom_id_1 
_chem_comp_bond.atom_id_2 
_chem_comp_bond.value_order 
_chem_comp_bond.pdbx_aromatic_flag 
_chem_comp_bond.pdbx_stereo_config 
_chem_comp_bond.pdbx_ordinal 
ALA N   CA   sing N N 1   
ALA N   H    sing N N 2   
ALA N   H2   sing N N 3   
ALA CA  C    sing N N 4   
ALA CA  CB   sing N N 5   
ALA CA  HA   sing N N 6   
ALA C   O    doub N N 7   
ALA C   OXT  sing N N 8   
ALA CB  HB1  sing N N 9   
ALA CB  HB2  sing N N 10  
ALA CB  HB3  sing N N 11  
ALA OXT HXT  sing N N 12  
ARG N   CA   sing N N 13  
ARG N   H    sing N N 14  
ARG N   H2   sing N N 15  
ARG CA  C    sing N N 16  
ARG CA  CB   sing N N 17  
ARG CA  HA   sing N N 18  
ARG C   O    doub N N 19  
ARG C   OXT  sing N N 20  
ARG CB  CG   sing N N 21  
ARG CB  HB2  sing N N 22  
ARG CB  HB3  sing N N 23  
ARG CG  CD   sing N N 24  
ARG CG  HG2  sing N N 25  
ARG CG  HG3  sing N N 26  
ARG CD  NE   sing N N 27  
ARG CD  HD2  sing N N 28  
ARG CD  HD3  sing N N 29  
ARG NE  CZ   sing N N 30  
ARG NE  HE   sing N N 31  
ARG CZ  NH1  sing N N 32  
ARG CZ  NH2  doub N N 33  
ARG NH1 HH11 sing N N 34  
ARG NH1 HH12 sing N N 35  
ARG NH2 HH21 sing N N 36  
ARG NH2 HH22 sing N N 37  
ARG OXT HXT  sing N N 38  
ASN N   CA   sing N N 39  
ASN N   H    sing N N 40  
ASN N   H2   sing N N 41  
ASN CA  C    sing N N 42  
ASN CA  CB   sing N N 43  
ASN CA  HA   sing N N 44  
ASN C   O    doub N N 45  
ASN C   OXT  sing N N 46  
ASN CB  CG   sing N N 47  
ASN CB  HB2  sing N N 48  
ASN CB  HB3  sing N N 49  
ASN CG  OD1  doub N N 50  
ASN CG  ND2  sing N N 51  
ASN ND2 HD21 sing N N 52  
ASN ND2 HD22 sing N N 53  
ASN OXT HXT  sing N N 54  
ASP N   CA   sing N N 55  
ASP N   H    sing N N 56  
ASP N   H2   sing N N 57  
ASP CA  C    sing N N 58  
ASP CA  CB   sing N N 59  
ASP CA  HA   sing N N 60  
ASP C   O    doub N N 61  
ASP C   OXT  sing N N 62  
ASP CB  CG   sing N N 63  
ASP CB  HB2  sing N N 64  
ASP CB  HB3  sing N N 65  
ASP CG  OD1  doub N N 66  
ASP CG  OD2  sing N N 67  
ASP OD2 HD2  sing N N 68  
ASP OXT HXT  sing N N 69  
CYS N   CA   sing N N 70  
CYS N   H    sing N N 71  
CYS N   H2   sing N N 72  
CYS CA  C    sing N N 73  
CYS CA  CB   sing N N 74  
CYS CA  HA   sing N N 75  
CYS C   O    doub N N 76  
CYS C   OXT  sing N N 77  
CYS CB  SG   sing N N 78  
CYS CB  HB2  sing N N 79  
CYS CB  HB3  sing N N 80  
CYS SG  HG   sing N N 81  
CYS OXT HXT  sing N N 82  
GLN N   CA   sing N N 83  
GLN N   H    sing N N 84  
GLN N   H2   sing N N 85  
GLN CA  C    sing N N 86  
GLN CA  CB   sing N N 87  
GLN CA  HA   sing N N 88  
GLN C   O    doub N N 89  
GLN C   OXT  sing N N 90  
GLN CB  CG   sing N N 91  
GLN CB  HB2  sing N N 92  
GLN CB  HB3  sing N N 93  
GLN CG  CD   sing N N 94  
GLN CG  HG2  sing N N 95  
GLN CG  HG3  sing N N 96  
GLN CD  OE1  doub N N 97  
GLN CD  NE2  sing N N 98  
GLN NE2 HE21 sing N N 99  
GLN NE2 HE22 sing N N 100 
GLN OXT HXT  sing N N 101 
GLU N   CA   sing N N 102 
GLU N   H    sing N N 103 
GLU N   H2   sing N N 104 
GLU CA  C    sing N N 105 
GLU CA  CB   sing N N 106 
GLU CA  HA   sing N N 107 
GLU C   O    doub N N 108 
GLU C   OXT  sing N N 109 
GLU CB  CG   sing N N 110 
GLU CB  HB2  sing N N 111 
GLU CB  HB3  sing N N 112 
GLU CG  CD   sing N N 113 
GLU CG  HG2  sing N N 114 
GLU CG  HG3  sing N N 115 
GLU CD  OE1  doub N N 116 
GLU CD  OE2  sing N N 117 
GLU OE2 HE2  sing N N 118 
GLU OXT HXT  sing N N 119 
GLY N   CA   sing N N 120 
GLY N   H    sing N N 121 
GLY N   H2   sing N N 122 
GLY CA  C    sing N N 123 
GLY CA  HA2  sing N N 124 
GLY CA  HA3  sing N N 125 
GLY C   O    doub N N 126 
GLY C   OXT  sing N N 127 
GLY OXT HXT  sing N N 128 
HIS N   CA   sing N N 129 
HIS N   H    sing N N 130 
HIS N   H2   sing N N 131 
HIS CA  C    sing N N 132 
HIS CA  CB   sing N N 133 
HIS CA  HA   sing N N 134 
HIS C   O    doub N N 135 
HIS C   OXT  sing N N 136 
HIS CB  CG   sing N N 137 
HIS CB  HB2  sing N N 138 
HIS CB  HB3  sing N N 139 
HIS CG  ND1  sing Y N 140 
HIS CG  CD2  doub Y N 141 
HIS ND1 CE1  doub Y N 142 
HIS ND1 HD1  sing N N 143 
HIS CD2 NE2  sing Y N 144 
HIS CD2 HD2  sing N N 145 
HIS CE1 NE2  sing Y N 146 
HIS CE1 HE1  sing N N 147 
HIS NE2 HE2  sing N N 148 
HIS OXT HXT  sing N N 149 
HOH O   H1   sing N N 150 
HOH O   H2   sing N N 151 
ILE N   CA   sing N N 152 
ILE N   H    sing N N 153 
ILE N   H2   sing N N 154 
ILE CA  C    sing N N 155 
ILE CA  CB   sing N N 156 
ILE CA  HA   sing N N 157 
ILE C   O    doub N N 158 
ILE C   OXT  sing N N 159 
ILE CB  CG1  sing N N 160 
ILE CB  CG2  sing N N 161 
ILE CB  HB   sing N N 162 
ILE CG1 CD1  sing N N 163 
ILE CG1 HG12 sing N N 164 
ILE CG1 HG13 sing N N 165 
ILE CG2 HG21 sing N N 166 
ILE CG2 HG22 sing N N 167 
ILE CG2 HG23 sing N N 168 
ILE CD1 HD11 sing N N 169 
ILE CD1 HD12 sing N N 170 
ILE CD1 HD13 sing N N 171 
ILE OXT HXT  sing N N 172 
LEU N   CA   sing N N 173 
LEU N   H    sing N N 174 
LEU N   H2   sing N N 175 
LEU CA  C    sing N N 176 
LEU CA  CB   sing N N 177 
LEU CA  HA   sing N N 178 
LEU C   O    doub N N 179 
LEU C   OXT  sing N N 180 
LEU CB  CG   sing N N 181 
LEU CB  HB2  sing N N 182 
LEU CB  HB3  sing N N 183 
LEU CG  CD1  sing N N 184 
LEU CG  CD2  sing N N 185 
LEU CG  HG   sing N N 186 
LEU CD1 HD11 sing N N 187 
LEU CD1 HD12 sing N N 188 
LEU CD1 HD13 sing N N 189 
LEU CD2 HD21 sing N N 190 
LEU CD2 HD22 sing N N 191 
LEU CD2 HD23 sing N N 192 
LEU OXT HXT  sing N N 193 
LYS N   CA   sing N N 194 
LYS N   H    sing N N 195 
LYS N   H2   sing N N 196 
LYS CA  C    sing N N 197 
LYS CA  CB   sing N N 198 
LYS CA  HA   sing N N 199 
LYS C   O    doub N N 200 
LYS C   OXT  sing N N 201 
LYS CB  CG   sing N N 202 
LYS CB  HB2  sing N N 203 
LYS CB  HB3  sing N N 204 
LYS CG  CD   sing N N 205 
LYS CG  HG2  sing N N 206 
LYS CG  HG3  sing N N 207 
LYS CD  CE   sing N N 208 
LYS CD  HD2  sing N N 209 
LYS CD  HD3  sing N N 210 
LYS CE  NZ   sing N N 211 
LYS CE  HE2  sing N N 212 
LYS CE  HE3  sing N N 213 
LYS NZ  HZ1  sing N N 214 
LYS NZ  HZ2  sing N N 215 
LYS NZ  HZ3  sing N N 216 
LYS OXT HXT  sing N N 217 
MET N   CA   sing N N 218 
MET N   H    sing N N 219 
MET N   H2   sing N N 220 
MET CA  C    sing N N 221 
MET CA  CB   sing N N 222 
MET CA  HA   sing N N 223 
MET C   O    doub N N 224 
MET C   OXT  sing N N 225 
MET CB  CG   sing N N 226 
MET CB  HB2  sing N N 227 
MET CB  HB3  sing N N 228 
MET CG  SD   sing N N 229 
MET CG  HG2  sing N N 230 
MET CG  HG3  sing N N 231 
MET SD  CE   sing N N 232 
MET CE  HE1  sing N N 233 
MET CE  HE2  sing N N 234 
MET CE  HE3  sing N N 235 
MET OXT HXT  sing N N 236 
PHE N   CA   sing N N 237 
PHE N   H    sing N N 238 
PHE N   H2   sing N N 239 
PHE CA  C    sing N N 240 
PHE CA  CB   sing N N 241 
PHE CA  HA   sing N N 242 
PHE C   O    doub N N 243 
PHE C   OXT  sing N N 244 
PHE CB  CG   sing N N 245 
PHE CB  HB2  sing N N 246 
PHE CB  HB3  sing N N 247 
PHE CG  CD1  doub Y N 248 
PHE CG  CD2  sing Y N 249 
PHE CD1 CE1  sing Y N 250 
PHE CD1 HD1  sing N N 251 
PHE CD2 CE2  doub Y N 252 
PHE CD2 HD2  sing N N 253 
PHE CE1 CZ   doub Y N 254 
PHE CE1 HE1  sing N N 255 
PHE CE2 CZ   sing Y N 256 
PHE CE2 HE2  sing N N 257 
PHE CZ  HZ   sing N N 258 
PHE OXT HXT  sing N N 259 
PRO N   CA   sing N N 260 
PRO N   CD   sing N N 261 
PRO N   H    sing N N 262 
PRO CA  C    sing N N 263 
PRO CA  CB   sing N N 264 
PRO CA  HA   sing N N 265 
PRO C   O    doub N N 266 
PRO C   OXT  sing N N 267 
PRO CB  CG   sing N N 268 
PRO CB  HB2  sing N N 269 
PRO CB  HB3  sing N N 270 
PRO CG  CD   sing N N 271 
PRO CG  HG2  sing N N 272 
PRO CG  HG3  sing N N 273 
PRO CD  HD2  sing N N 274 
PRO CD  HD3  sing N N 275 
PRO OXT HXT  sing N N 276 
SER N   CA   sing N N 277 
SER N   H    sing N N 278 
SER N   H2   sing N N 279 
SER CA  C    sing N N 280 
SER CA  CB   sing N N 281 
SER CA  HA   sing N N 282 
SER C   O    doub N N 283 
SER C   OXT  sing N N 284 
SER CB  OG   sing N N 285 
SER CB  HB2  sing N N 286 
SER CB  HB3  sing N N 287 
SER OG  HG   sing N N 288 
SER OXT HXT  sing N N 289 
THR N   CA   sing N N 290 
THR N   H    sing N N 291 
THR N   H2   sing N N 292 
THR CA  C    sing N N 293 
THR CA  CB   sing N N 294 
THR CA  HA   sing N N 295 
THR C   O    doub N N 296 
THR C   OXT  sing N N 297 
THR CB  OG1  sing N N 298 
THR CB  CG2  sing N N 299 
THR CB  HB   sing N N 300 
THR OG1 HG1  sing N N 301 
THR CG2 HG21 sing N N 302 
THR CG2 HG22 sing N N 303 
THR CG2 HG23 sing N N 304 
THR OXT HXT  sing N N 305 
TYR N   CA   sing N N 306 
TYR N   H    sing N N 307 
TYR N   H2   sing N N 308 
TYR CA  C    sing N N 309 
TYR CA  CB   sing N N 310 
TYR CA  HA   sing N N 311 
TYR C   O    doub N N 312 
TYR C   OXT  sing N N 313 
TYR CB  CG   sing N N 314 
TYR CB  HB2  sing N N 315 
TYR CB  HB3  sing N N 316 
TYR CG  CD1  doub Y N 317 
TYR CG  CD2  sing Y N 318 
TYR CD1 CE1  sing Y N 319 
TYR CD1 HD1  sing N N 320 
TYR CD2 CE2  doub Y N 321 
TYR CD2 HD2  sing N N 322 
TYR CE1 CZ   doub Y N 323 
TYR CE1 HE1  sing N N 324 
TYR CE2 CZ   sing Y N 325 
TYR CE2 HE2  sing N N 326 
TYR CZ  OH   sing N N 327 
TYR OH  HH   sing N N 328 
TYR OXT HXT  sing N N 329 
VAL N   CA   sing N N 330 
VAL N   H    sing N N 331 
VAL N   H2   sing N N 332 
VAL CA  C    sing N N 333 
VAL CA  CB   sing N N 334 
VAL CA  HA   sing N N 335 
VAL C   O    doub N N 336 
VAL C   OXT  sing N N 337 
VAL CB  CG1  sing N N 338 
VAL CB  CG2  sing N N 339 
VAL CB  HB   sing N N 340 
VAL CG1 HG11 sing N N 341 
VAL CG1 HG12 sing N N 342 
VAL CG1 HG13 sing N N 343 
VAL CG2 HG21 sing N N 344 
VAL CG2 HG22 sing N N 345 
VAL CG2 HG23 sing N N 346 
VAL OXT HXT  sing N N 347 
# 
_atom_sites.entry_id                    1GGZ 
_atom_sites.fract_transf_matrix[1][1]   0.00755753 
_atom_sites.fract_transf_matrix[1][2]   -0.00378038 
_atom_sites.fract_transf_matrix[1][3]   -0.01332433 
_atom_sites.fract_transf_matrix[2][1]   0.00591422 
_atom_sites.fract_transf_matrix[2][2]   0.00885291 
_atom_sites.fract_transf_matrix[2][3]   0.00084279 
_atom_sites.fract_transf_matrix[3][1]   0.02739762 
_atom_sites.fract_transf_matrix[3][2]   -0.02033161 
_atom_sites.fract_transf_matrix[3][3]   0.02130837 
_atom_sites.fract_transf_vector[1]      0.437966 
_atom_sites.fract_transf_vector[2]      0.123180 
_atom_sites.fract_transf_vector[3]      0.303186 
# 
loop_
_atom_type.symbol 
C  
CA 
N  
O  
S  
# 
loop_
_atom_site.group_PDB 
_atom_site.id 
_atom_site.type_symbol 
_atom_site.label_atom_id 
_atom_site.label_alt_id 
_atom_site.label_comp_id 
_atom_site.label_asym_id 
_atom_site.label_entity_id 
_atom_site.label_seq_id 
_atom_site.pdbx_PDB_ins_code 
_atom_site.Cartn_x 
_atom_site.Cartn_y 
_atom_site.Cartn_z 
_atom_site.occupancy 
_atom_site.B_iso_or_equiv 
_atom_site.pdbx_formal_charge 
_atom_site.auth_seq_id 
_atom_site.auth_comp_id 
_atom_site.auth_asym_id 
_atom_site.auth_atom_id 
_atom_site.pdbx_PDB_model_num 
ATOM   1    N  N   . LEU A 1 4   ? -0.764  -14.703 6.256   1.00 42.05 ? 4   LEU A N   1 
ATOM   2    C  CA  . LEU A 1 4   ? 0.556   -14.292 6.853   1.00 42.65 ? 4   LEU A CA  1 
ATOM   3    C  C   . LEU A 1 4   ? 1.379   -15.476 7.290   1.00 41.17 ? 4   LEU A C   1 
ATOM   4    O  O   . LEU A 1 4   ? 0.824   -16.510 7.585   1.00 42.76 ? 4   LEU A O   1 
ATOM   5    C  CB  . LEU A 1 4   ? 0.342   -13.454 8.113   1.00 40.43 ? 4   LEU A CB  1 
ATOM   6    C  CG  . LEU A 1 4   ? -0.298  -12.065 8.071   1.00 40.85 ? 4   LEU A CG  1 
ATOM   7    C  CD1 . LEU A 1 4   ? -0.549  -11.603 9.498   1.00 39.96 ? 4   LEU A CD1 1 
ATOM   8    C  CD2 . LEU A 1 4   ? 0.568   -11.111 7.323   1.00 38.53 ? 4   LEU A CD2 1 
ATOM   9    N  N   . THR A 1 5   ? 2.704   -15.313 7.394   1.00 40.70 ? 5   THR A N   1 
ATOM   10   C  CA  . THR A 1 5   ? 3.553   -16.419 7.885   1.00 39.46 ? 5   THR A CA  1 
ATOM   11   C  C   . THR A 1 5   ? 3.504   -16.518 9.432   1.00 41.03 ? 5   THR A C   1 
ATOM   12   O  O   . THR A 1 5   ? 3.095   -15.561 10.115  1.00 39.82 ? 5   THR A O   1 
ATOM   13   C  CB  . THR A 1 5   ? 5.040   -16.251 7.532   1.00 36.21 ? 5   THR A CB  1 
ATOM   14   O  OG1 . THR A 1 5   ? 5.564   -15.078 8.166   1.00 32.11 ? 5   THR A OG1 1 
ATOM   15   C  CG2 . THR A 1 5   ? 5.250   -16.143 5.996   1.00 35.21 ? 5   THR A CG2 1 
ATOM   16   N  N   . GLU A 1 6   ? 3.925   -17.656 9.976   1.00 38.41 ? 6   GLU A N   1 
ATOM   17   C  CA  . GLU A 1 6   ? 3.972   -17.860 11.422  1.00 39.50 ? 6   GLU A CA  1 
ATOM   18   C  C   . GLU A 1 6   ? 4.784   -16.725 12.044  1.00 38.18 ? 6   GLU A C   1 
ATOM   19   O  O   . GLU A 1 6   ? 4.404   -16.126 13.090  1.00 36.97 ? 6   GLU A O   1 
ATOM   20   C  CB  . GLU A 1 6   ? 4.680   -19.176 11.759  1.00 47.33 ? 6   GLU A CB  1 
ATOM   21   C  CG  . GLU A 1 6   ? 4.694   -19.495 13.259  1.00 52.80 ? 6   GLU A CG  1 
ATOM   22   C  CD  . GLU A 1 6   ? 3.291   -19.752 13.822  1.00 56.46 ? 6   GLU A CD  1 
ATOM   23   O  OE1 . GLU A 1 6   ? 2.495   -18.769 13.875  1.00 58.43 ? 6   GLU A OE1 1 
ATOM   24   O  OE2 . GLU A 1 6   ? 2.979   -20.928 14.203  1.00 58.34 ? 6   GLU A OE2 1 
ATOM   25   N  N   . GLU A 1 7   ? 5.939   -16.466 11.428  1.00 34.27 ? 7   GLU A N   1 
ATOM   26   C  CA  . GLU A 1 7   ? 6.830   -15.421 11.856  1.00 33.27 ? 7   GLU A CA  1 
ATOM   27   C  C   . GLU A 1 7   ? 6.143   -14.060 12.002  1.00 30.63 ? 7   GLU A C   1 
ATOM   28   O  O   . GLU A 1 7   ? 6.356   -13.321 12.986  1.00 30.24 ? 7   GLU A O   1 
ATOM   29   C  CB  . GLU A 1 7   ? 7.952   -15.221 10.847  1.00 43.85 ? 7   GLU A CB  1 
ATOM   30   C  CG  . GLU A 1 7   ? 8.825   -14.009 11.133  1.00 47.80 ? 7   GLU A CG  1 
ATOM   31   C  CD  . GLU A 1 7   ? 9.633   -14.226 12.393  1.00 52.00 ? 7   GLU A CD  1 
ATOM   32   O  OE1 . GLU A 1 7   ? 10.544  -15.127 12.321  1.00 54.69 ? 7   GLU A OE1 1 
ATOM   33   O  OE2 . GLU A 1 7   ? 9.346   -13.546 13.436  1.00 53.76 ? 7   GLU A OE2 1 
ATOM   34   N  N   . GLN A 1 8   ? 5.431   -13.692 10.945  1.00 29.97 ? 8   GLN A N   1 
ATOM   35   C  CA  . GLN A 1 8   ? 4.757   -12.399 10.925  1.00 27.56 ? 8   GLN A CA  1 
ATOM   36   C  C   . GLN A 1 8   ? 3.711   -12.347 11.995  1.00 24.02 ? 8   GLN A C   1 
ATOM   37   O  O   . GLN A 1 8   ? 3.616   -11.319 12.719  1.00 21.09 ? 8   GLN A O   1 
ATOM   38   C  CB  . GLN A 1 8   ? 4.103   -12.145 9.573   1.00 29.70 ? 8   GLN A CB  1 
ATOM   39   C  CG  . GLN A 1 8   ? 5.125   -12.148 8.463   1.00 33.09 ? 8   GLN A CG  1 
ATOM   40   C  CD  . GLN A 1 8   ? 4.519   -12.064 7.040   1.00 34.24 ? 8   GLN A CD  1 
ATOM   41   O  OE1 . GLN A 1 8   ? 3.567   -12.779 6.658   1.00 35.55 ? 8   GLN A OE1 1 
ATOM   42   N  NE2 . GLN A 1 8   ? 5.101   -11.196 6.257   1.00 37.71 ? 8   GLN A NE2 1 
ATOM   43   N  N   . VAL A 1 9   ? 2.921   -13.383 12.109  1.00 22.71 ? 9   VAL A N   1 
ATOM   44   C  CA  . VAL A 1 9   ? 1.897   -13.379 13.121  1.00 22.21 ? 9   VAL A CA  1 
ATOM   45   C  C   . VAL A 1 9   ? 2.600   -13.187 14.491  1.00 23.08 ? 9   VAL A C   1 
ATOM   46   O  O   . VAL A 1 9   ? 2.124   -12.437 15.370  1.00 20.65 ? 9   VAL A O   1 
ATOM   47   C  CB  . VAL A 1 9   ? 1.052   -14.665 13.102  1.00 22.86 ? 9   VAL A CB  1 
ATOM   48   C  CG1 . VAL A 1 9   ? -0.016  -14.725 14.183  1.00 23.28 ? 9   VAL A CG1 1 
ATOM   49   C  CG2 . VAL A 1 9   ? 0.311   -14.678 11.822  1.00 24.02 ? 9   VAL A CG2 1 
ATOM   50   N  N   . THR A 1 10  ? 3.782   -13.769 14.645  1.00 21.43 ? 10  THR A N   1 
ATOM   51   C  CA  . THR A 1 10  ? 4.482   -13.638 15.910  1.00 22.97 ? 10  THR A CA  1 
ATOM   52   C  C   . THR A 1 10  ? 4.966   -12.187 16.245  1.00 19.45 ? 10  THR A C   1 
ATOM   53   O  O   . THR A 1 10  ? 4.783   -11.649 17.393  1.00 19.14 ? 10  THR A O   1 
ATOM   54   C  CB  . THR A 1 10  ? 5.697   -14.646 15.891  1.00 29.43 ? 10  THR A CB  1 
ATOM   55   O  OG1 . THR A 1 10  ? 5.177   -15.995 16.106  1.00 32.84 ? 10  THR A OG1 1 
ATOM   56   C  CG2 . THR A 1 10  ? 6.647   -14.224 17.034  1.00 31.46 ? 10  THR A CG2 1 
ATOM   57   N  N   . GLU A 1 11  ? 5.550   -11.545 15.263  1.00 20.85 ? 11  GLU A N   1 
ATOM   58   C  CA  . GLU A 1 11  ? 5.981   -10.182 15.423  1.00 21.95 ? 11  GLU A CA  1 
ATOM   59   C  C   . GLU A 1 11  ? 4.746   -9.305  15.732  1.00 19.18 ? 11  GLU A C   1 
ATOM   60   O  O   . GLU A 1 11  ? 4.822   -8.386  16.544  1.00 17.46 ? 11  GLU A O   1 
ATOM   61   C  CB  . GLU A 1 11  ? 6.658   -9.677  14.133  1.00 34.46 ? 11  GLU A CB  1 
ATOM   62   C  CG  . GLU A 1 11  ? 7.218   -8.269  14.276  1.00 44.53 ? 11  GLU A CG  1 
ATOM   63   C  CD  . GLU A 1 11  ? 8.298   -8.124  15.374  1.00 51.71 ? 11  GLU A CD  1 
ATOM   64   O  OE1 . GLU A 1 11  ? 9.319   -8.869  15.352  1.00 55.16 ? 11  GLU A OE1 1 
ATOM   65   O  OE2 . GLU A 1 11  ? 8.136   -7.248  16.257  1.00 55.63 ? 11  GLU A OE2 1 
ATOM   66   N  N   . PHE A 1 12  ? 3.651   -9.568  15.052  1.00 18.01 ? 12  PHE A N   1 
ATOM   67   C  CA  . PHE A 1 12  ? 2.423   -8.724  15.319  1.00 17.02 ? 12  PHE A CA  1 
ATOM   68   C  C   . PHE A 1 12  ? 1.862   -9.038  16.716  1.00 14.33 ? 12  PHE A C   1 
ATOM   69   O  O   . PHE A 1 12  ? 1.308   -8.089  17.306  1.00 13.45 ? 12  PHE A O   1 
ATOM   70   C  CB  . PHE A 1 12  ? 1.402   -8.878  14.215  1.00 17.01 ? 12  PHE A CB  1 
ATOM   71   C  CG  . PHE A 1 12  ? 1.940   -8.372  12.789  1.00 19.86 ? 12  PHE A CG  1 
ATOM   72   C  CD1 . PHE A 1 12  ? 2.842   -7.307  12.736  1.00 25.53 ? 12  PHE A CD1 1 
ATOM   73   C  CD2 . PHE A 1 12  ? 1.550   -8.967  11.664  1.00 25.06 ? 12  PHE A CD2 1 
ATOM   74   C  CE1 . PHE A 1 12  ? 3.334   -6.884  11.444  1.00 27.56 ? 12  PHE A CE1 1 
ATOM   75   C  CE2 . PHE A 1 12  ? 2.017   -8.551  10.428  1.00 23.77 ? 12  PHE A CE2 1 
ATOM   76   C  CZ  . PHE A 1 12  ? 2.879   -7.544  10.367  1.00 24.51 ? 12  PHE A CZ  1 
ATOM   77   N  N   . LYS A 1 13  ? 1.903   -10.267 17.159  1.00 14.04 ? 13  LYS A N   1 
ATOM   78   C  CA  . LYS A 1 13  ? 1.464   -10.610 18.548  1.00 12.37 ? 13  LYS A CA  1 
ATOM   79   C  C   . LYS A 1 13  ? 2.359   -9.853  19.549  1.00 13.83 ? 13  LYS A C   1 
ATOM   80   O  O   . LYS A 1 13  ? 1.800   -9.296  20.588  1.00 12.87 ? 13  LYS A O   1 
ATOM   81   C  CB  . LYS A 1 13  ? 1.531   -12.127 18.712  1.00 21.81 ? 13  LYS A CB  1 
ATOM   82   C  CG  . LYS A 1 13  ? 0.940   -12.624 20.027  1.00 28.55 ? 13  LYS A CG  1 
ATOM   83   C  CD  . LYS A 1 13  ? 0.700   -14.197 20.075  1.00 35.06 ? 13  LYS A CD  1 
ATOM   84   C  CE  . LYS A 1 13  ? 0.310   -14.776 18.713  1.00 36.62 ? 13  LYS A CE  1 
ATOM   85   N  NZ  . LYS A 1 13  ? 0.506   -16.214 18.524  1.00 37.16 ? 13  LYS A NZ  1 
ATOM   86   N  N   . GLU A 1 14  ? 3.701   -9.830  19.293  1.00 14.62 ? 14  GLU A N   1 
ATOM   87   C  CA  . GLU A 1 14  ? 4.528   -9.042  20.216  1.00 16.57 ? 14  GLU A CA  1 
ATOM   88   C  C   . GLU A 1 14  ? 4.110   -7.562  20.261  1.00 13.40 ? 14  GLU A C   1 
ATOM   89   O  O   . GLU A 1 14  ? 4.008   -6.973  21.348  1.00 16.06 ? 14  GLU A O   1 
ATOM   90   C  CB  . GLU A 1 14  ? 6.009   -9.165  19.742  1.00 16.68 ? 14  GLU A CB  1 
ATOM   91   C  CG  . GLU A 1 14  ? 6.448   -10.577 20.029  1.00 21.86 ? 14  GLU A CG  1 
ATOM   92   C  CD  . GLU A 1 14  ? 7.827   -10.854 19.387  1.00 23.91 ? 14  GLU A CD  1 
ATOM   93   O  OE1 . GLU A 1 14  ? 8.501   -11.818 19.796  1.00 26.22 ? 14  GLU A OE1 1 
ATOM   94   O  OE2 . GLU A 1 14  ? 8.267   -10.149 18.499  1.00 26.89 ? 14  GLU A OE2 1 
ATOM   95   N  N   . ALA A 1 15  ? 3.889   -6.944  19.118  1.00 14.47 ? 15  ALA A N   1 
ATOM   96   C  CA  . ALA A 1 15  ? 3.475   -5.574  19.058  1.00 12.80 ? 15  ALA A CA  1 
ATOM   97   C  C   . ALA A 1 15  ? 2.135   -5.355  19.801  1.00 11.53 ? 15  ALA A C   1 
ATOM   98   O  O   . ALA A 1 15  ? 1.973   -4.438  20.562  1.00 12.44 ? 15  ALA A O   1 
ATOM   99   C  CB  . ALA A 1 15  ? 3.346   -5.139  17.605  1.00 14.05 ? 15  ALA A CB  1 
ATOM   100  N  N   . PHE A 1 16  ? 1.229   -6.248  19.516  1.00 11.01 ? 16  PHE A N   1 
ATOM   101  C  CA  . PHE A 1 16  ? -0.122  -6.151  20.176  1.00 10.36 ? 16  PHE A CA  1 
ATOM   102  C  C   . PHE A 1 16  ? 0.077   -6.136  21.708  1.00 10.21 ? 16  PHE A C   1 
ATOM   103  O  O   . PHE A 1 16  ? -0.599  -5.358  22.423  1.00 10.93 ? 16  PHE A O   1 
ATOM   104  C  CB  . PHE A 1 16  ? -0.961  -7.326  19.770  1.00 9.99  ? 16  PHE A CB  1 
ATOM   105  C  CG  . PHE A 1 16  ? -2.362  -7.293  20.317  1.00 7.91  ? 16  PHE A CG  1 
ATOM   106  C  CD1 . PHE A 1 16  ? -3.380  -6.578  19.699  1.00 9.56  ? 16  PHE A CD1 1 
ATOM   107  C  CD2 . PHE A 1 16  ? -2.611  -7.985  21.515  1.00 9.91  ? 16  PHE A CD2 1 
ATOM   108  C  CE1 . PHE A 1 16  ? -4.725  -6.570  20.296  1.00 9.98  ? 16  PHE A CE1 1 
ATOM   109  C  CE2 . PHE A 1 16  ? -3.906  -7.953  22.082  1.00 10.27 ? 16  PHE A CE2 1 
ATOM   110  C  CZ  . PHE A 1 16  ? -4.977  -7.242  21.452  1.00 10.08 ? 16  PHE A CZ  1 
ATOM   111  N  N   . SER A 1 17  ? 0.870   -7.038  22.222  1.00 11.73 ? 17  SER A N   1 
ATOM   112  C  CA  . SER A 1 17  ? 1.147   -7.114  23.674  1.00 12.11 ? 17  SER A CA  1 
ATOM   113  C  C   . SER A 1 17  ? 1.655   -5.803  24.254  1.00 12.14 ? 17  SER A C   1 
ATOM   114  O  O   . SER A 1 17  ? 1.400   -5.547  25.447  1.00 13.88 ? 17  SER A O   1 
ATOM   115  C  CB  . SER A 1 17  ? 2.242   -8.226  23.957  1.00 14.73 ? 17  SER A CB  1 
ATOM   116  O  OG  . SER A 1 17  ? 3.656   -7.930  23.749  1.00 21.34 ? 17  SER A OG  1 
ATOM   117  N  N   . LEU A 1 18  ? 2.316   -4.991  23.466  1.00 10.64 ? 18  LEU A N   1 
ATOM   118  C  CA  . LEU A 1 18  ? 2.813   -3.745  23.973  1.00 10.44 ? 18  LEU A CA  1 
ATOM   119  C  C   . LEU A 1 18  ? 1.699   -2.726  24.107  1.00 11.85 ? 18  LEU A C   1 
ATOM   120  O  O   . LEU A 1 18  ? 1.765   -1.771  24.939  1.00 15.97 ? 18  LEU A O   1 
ATOM   121  C  CB  . LEU A 1 18  ? 3.944   -3.177  23.099  1.00 13.42 ? 18  LEU A CB  1 
ATOM   122  C  CG  . LEU A 1 18  ? 5.141   -4.096  23.062  1.00 15.00 ? 18  LEU A CG  1 
ATOM   123  C  CD1 . LEU A 1 18  ? 6.137   -3.592  21.939  1.00 19.39 ? 18  LEU A CD1 1 
ATOM   124  C  CD2 . LEU A 1 18  ? 5.872   -4.056  24.399  1.00 17.78 ? 18  LEU A CD2 1 
ATOM   125  N  N   . PHE A 1 19  ? 0.663   -2.860  23.294  1.00 10.21 ? 19  PHE A N   1 
ATOM   126  C  CA  . PHE A 1 19  ? -0.480  -1.932  23.411  1.00 10.32 ? 19  PHE A CA  1 
ATOM   127  C  C   . PHE A 1 19  ? -1.451  -2.398  24.450  1.00 10.59 ? 19  PHE A C   1 
ATOM   128  O  O   . PHE A 1 19  ? -2.059  -1.538  25.131  1.00 11.79 ? 19  PHE A O   1 
ATOM   129  C  CB  . PHE A 1 19  ? -1.269  -1.887  22.075  1.00 11.99 ? 19  PHE A CB  1 
ATOM   130  C  CG  . PHE A 1 19  ? -0.584  -1.150  20.983  1.00 12.49 ? 19  PHE A CG  1 
ATOM   131  C  CD1 . PHE A 1 19  ? -0.983  0.190   20.724  1.00 14.96 ? 19  PHE A CD1 1 
ATOM   132  C  CD2 . PHE A 1 19  ? 0.374   -1.733  20.210  1.00 14.29 ? 19  PHE A CD2 1 
ATOM   133  C  CE1 . PHE A 1 19  ? -0.385  0.889   19.623  1.00 15.82 ? 19  PHE A CE1 1 
ATOM   134  C  CE2 . PHE A 1 19  ? 0.954   -1.001  19.120  1.00 16.49 ? 19  PHE A CE2 1 
ATOM   135  C  CZ  . PHE A 1 19  ? 0.547   0.301   18.853  1.00 17.16 ? 19  PHE A CZ  1 
ATOM   136  N  N   . ASP A 1 20  ? -1.603  -3.707  24.665  1.00 10.85 ? 20  ASP A N   1 
ATOM   137  C  CA  . ASP A 1 20  ? -2.632  -4.209  25.577  1.00 9.56  ? 20  ASP A CA  1 
ATOM   138  C  C   . ASP A 1 20  ? -2.119  -4.273  27.024  1.00 11.13 ? 20  ASP A C   1 
ATOM   139  O  O   . ASP A 1 20  ? -1.766  -5.324  27.549  1.00 11.27 ? 20  ASP A O   1 
ATOM   140  C  CB  . ASP A 1 20  ? -3.045  -5.601  25.065  1.00 9.28  ? 20  ASP A CB  1 
ATOM   141  C  CG  . ASP A 1 20  ? -4.127  -6.253  25.966  1.00 9.78  ? 20  ASP A CG  1 
ATOM   142  O  OD1 . ASP A 1 20  ? -4.783  -5.476  26.752  1.00 10.37 ? 20  ASP A OD1 1 
ATOM   143  O  OD2 . ASP A 1 20  ? -4.301  -7.490  25.887  1.00 11.41 ? 20  ASP A OD2 1 
ATOM   144  N  N   . LYS A 1 21  ? -2.110  -3.077  27.607  1.00 12.22 ? 21  LYS A N   1 
ATOM   145  C  CA  . LYS A 1 21  ? -1.419  -2.911  28.909  1.00 11.78 ? 21  LYS A CA  1 
ATOM   146  C  C   . LYS A 1 21  ? -1.905  -3.759  29.993  1.00 12.40 ? 21  LYS A C   1 
ATOM   147  O  O   . LYS A 1 21  ? -1.137  -4.144  30.893  1.00 16.18 ? 21  LYS A O   1 
ATOM   148  C  CB  . LYS A 1 21  ? -1.510  -1.402  29.332  1.00 12.72 ? 21  LYS A CB  1 
ATOM   149  C  CG  . LYS A 1 21  ? -0.881  -0.441  28.344  1.00 12.88 ? 21  LYS A CG  1 
ATOM   150  C  CD  . LYS A 1 21  ? 0.579   -0.852  28.039  1.00 11.53 ? 21  LYS A CD  1 
ATOM   151  C  CE  . LYS A 1 21  ? 1.217   0.317   27.305  1.00 12.75 ? 21  LYS A CE  1 
ATOM   152  N  NZ  . LYS A 1 21  ? 2.637   0.006   26.830  1.00 13.47 ? 21  LYS A NZ  1 
ATOM   153  N  N   . ASP A 1 22  ? -3.201  -4.016  30.036  1.00 10.26 ? 22  ASP A N   1 
ATOM   154  C  CA  . ASP A 1 22  ? -3.739  -4.887  31.092  1.00 12.03 ? 22  ASP A CA  1 
ATOM   155  C  C   . ASP A 1 22  ? -3.883  -6.359  30.733  1.00 13.36 ? 22  ASP A C   1 
ATOM   156  O  O   . ASP A 1 22  ? -4.325  -7.198  31.529  1.00 15.28 ? 22  ASP A O   1 
ATOM   157  C  CB  . ASP A 1 22  ? -5.042  -4.352  31.652  1.00 12.79 ? 22  ASP A CB  1 
ATOM   158  C  CG  . ASP A 1 22  ? -6.187  -4.369  30.667  1.00 13.35 ? 22  ASP A CG  1 
ATOM   159  O  OD1 . ASP A 1 22  ? -6.024  -4.924  29.525  1.00 11.26 ? 22  ASP A OD1 1 
ATOM   160  O  OD2 . ASP A 1 22  ? -7.288  -3.817  30.858  1.00 14.19 ? 22  ASP A OD2 1 
ATOM   161  N  N   . GLY A 1 23  ? -3.404  -6.677  29.502  1.00 12.23 ? 23  GLY A N   1 
ATOM   162  C  CA  . GLY A 1 23  ? -3.391  -8.058  29.078  1.00 12.36 ? 23  GLY A CA  1 
ATOM   163  C  C   . GLY A 1 23  ? -4.730  -8.672  28.878  1.00 13.38 ? 23  GLY A C   1 
ATOM   164  O  O   . GLY A 1 23  ? -4.744  -9.954  28.769  1.00 15.98 ? 23  GLY A O   1 
ATOM   165  N  N   . ASP A 1 24  ? -5.805  -7.896  28.752  1.00 11.36 ? 24  ASP A N   1 
ATOM   166  C  CA  . ASP A 1 24  ? -7.124  -8.532  28.685  1.00 11.55 ? 24  ASP A CA  1 
ATOM   167  C  C   . ASP A 1 24  ? -7.592  -8.985  27.305  1.00 10.87 ? 24  ASP A C   1 
ATOM   168  O  O   . ASP A 1 24  ? -8.720  -9.476  27.090  1.00 12.96 ? 24  ASP A O   1 
ATOM   169  C  CB  . ASP A 1 24  ? -8.202  -7.663  29.360  1.00 13.46 ? 24  ASP A CB  1 
ATOM   170  C  CG  . ASP A 1 24  ? -8.586  -6.453  28.543  1.00 15.14 ? 24  ASP A CG  1 
ATOM   171  O  OD1 . ASP A 1 24  ? -7.969  -6.067  27.537  1.00 11.63 ? 24  ASP A OD1 1 
ATOM   172  O  OD2 . ASP A 1 24  ? -9.649  -5.899  28.876  1.00 17.02 ? 24  ASP A OD2 1 
ATOM   173  N  N   . GLY A 1 25  ? -6.718  -8.795  26.335  1.00 11.23 ? 25  GLY A N   1 
ATOM   174  C  CA  . GLY A 1 25  ? -7.007  -9.224  24.984  1.00 10.95 ? 25  GLY A CA  1 
ATOM   175  C  C   . GLY A 1 25  ? -7.576  -8.205  24.034  1.00 10.54 ? 25  GLY A C   1 
ATOM   176  O  O   . GLY A 1 25  ? -7.904  -8.459  22.869  1.00 10.68 ? 25  GLY A O   1 
ATOM   177  N  N   . CYS A 1 26  ? -7.761  -6.983  24.552  1.00 10.71 ? 26  CYS A N   1 
ATOM   178  C  CA  . CYS A 1 26  ? -8.202  -5.917  23.617  1.00 12.62 ? 26  CYS A CA  1 
ATOM   179  C  C   . CYS A 1 26  ? -7.470  -4.656  23.990  1.00 11.15 ? 26  CYS A C   1 
ATOM   180  O  O   . CYS A 1 26  ? -7.072  -4.468  25.135  1.00 12.55 ? 26  CYS A O   1 
ATOM   181  C  CB  . CYS A 1 26  ? -9.665  -5.702  23.600  1.00 13.63 ? 26  CYS A CB  1 
ATOM   182  S  SG  . CYS A 1 26  ? -10.343 -4.881  25.032  1.00 17.03 ? 26  CYS A SG  1 
ATOM   183  N  N   . ILE A 1 27  ? -7.341  -3.811  23.008  1.00 8.04  ? 27  ILE A N   1 
ATOM   184  C  CA  . ILE A 1 27  ? -6.693  -2.480  23.181  1.00 9.40  ? 27  ILE A CA  1 
ATOM   185  C  C   . ILE A 1 27  ? -7.858  -1.475  23.268  1.00 9.41  ? 27  ILE A C   1 
ATOM   186  O  O   . ILE A 1 27  ? -8.727  -1.381  22.351  1.00 9.34  ? 27  ILE A O   1 
ATOM   187  C  CB  . ILE A 1 27  ? -5.824  -2.128  21.944  1.00 9.23  ? 27  ILE A CB  1 
ATOM   188  C  CG1 . ILE A 1 27  ? -4.723  -3.200  21.776  1.00 10.16 ? 27  ILE A CG1 1 
ATOM   189  C  CG2 . ILE A 1 27  ? -5.152  -0.673  22.235  1.00 10.18 ? 27  ILE A CG2 1 
ATOM   190  C  CD1 . ILE A 1 27  ? -4.032  -3.099  20.401  1.00 11.10 ? 27  ILE A CD1 1 
ATOM   191  N  N   . THR A 1 28  ? -7.905  -0.729  24.382  1.00 8.14  ? 28  THR A N   1 
ATOM   192  C  CA  . THR A 1 28  ? -8.928  0.338   24.479  1.00 8.59  ? 28  THR A CA  1 
ATOM   193  C  C   . THR A 1 28  ? -8.343  1.712   24.044  1.00 8.85  ? 28  THR A C   1 
ATOM   194  O  O   . THR A 1 28  ? -7.082  1.852   23.844  1.00 9.27  ? 28  THR A O   1 
ATOM   195  C  CB  . THR A 1 28  ? -9.312  0.497   26.003  1.00 9.49  ? 28  THR A CB  1 
ATOM   196  O  OG1 . THR A 1 28  ? -8.140  0.833   26.733  1.00 9.92  ? 28  THR A OG1 1 
ATOM   197  C  CG2 . THR A 1 28  ? -9.904  -0.806  26.582  1.00 11.05 ? 28  THR A CG2 1 
ATOM   198  N  N   . THR A 1 29  ? -9.211  2.670   23.846  1.00 9.68  ? 29  THR A N   1 
ATOM   199  C  CA  . THR A 1 29  ? -8.706  4.004   23.588  1.00 10.04 ? 29  THR A CA  1 
ATOM   200  C  C   . THR A 1 29  ? -7.767  4.518   24.644  1.00 10.14 ? 29  THR A C   1 
ATOM   201  O  O   . THR A 1 29  ? -6.786  5.228   24.312  1.00 10.59 ? 29  THR A O   1 
ATOM   202  C  CB  . THR A 1 29  ? -10.017 4.912   23.569  1.00 15.36 ? 29  THR A CB  1 
ATOM   203  O  OG1 . THR A 1 29  ? -10.913 4.417   22.483  1.00 24.69 ? 29  THR A OG1 1 
ATOM   204  C  CG2 . THR A 1 29  ? -9.572  6.088   23.023  1.00 20.63 ? 29  THR A CG2 1 
ATOM   205  N  N   . ARG A 1 30  ? -8.002  4.186   25.930  1.00 8.71  ? 30  ARG A N   1 
ATOM   206  C  CA  . ARG A 1 30  ? -7.055  4.635   26.943  1.00 9.58  ? 30  ARG A CA  1 
ATOM   207  C  C   . ARG A 1 30  ? -5.703  4.004   26.802  1.00 8.53  ? 30  ARG A C   1 
ATOM   208  O  O   . ARG A 1 30  ? -4.652  4.663   27.010  1.00 9.34  ? 30  ARG A O   1 
ATOM   209  C  CB  . ARG A 1 30  ? -7.674  4.301   28.302  1.00 10.24 ? 30  ARG A CB  1 
ATOM   210  C  CG  . ARG A 1 30  ? -8.940  5.188   28.604  1.00 13.16 ? 30  ARG A CG  1 
ATOM   211  C  CD  . ARG A 1 30  ? -8.518  6.657   28.872  1.00 15.17 ? 30  ARG A CD  1 
ATOM   212  N  NE  . ARG A 1 30  ? -7.551  6.810   29.938  1.00 15.75 ? 30  ARG A NE  1 
ATOM   213  C  CZ  . ARG A 1 30  ? -7.883  6.844   31.269  1.00 17.27 ? 30  ARG A CZ  1 
ATOM   214  N  NH1 . ARG A 1 30  ? -9.146  6.764   31.684  1.00 15.70 ? 30  ARG A NH1 1 
ATOM   215  N  NH2 . ARG A 1 30  ? -6.910  6.969   32.146  1.00 18.63 ? 30  ARG A NH2 1 
ATOM   216  N  N   . GLU A 1 31  ? -5.678  2.688   26.466  1.00 8.67  ? 31  GLU A N   1 
ATOM   217  C  CA  . GLU A 1 31  ? -4.357  2.067   26.291  1.00 9.42  ? 31  GLU A CA  1 
ATOM   218  C  C   . GLU A 1 31  ? -3.677  2.671   25.074  1.00 9.68  ? 31  GLU A C   1 
ATOM   219  O  O   . GLU A 1 31  ? -2.442  2.848   25.132  1.00 10.56 ? 31  GLU A O   1 
ATOM   220  C  CB  . GLU A 1 31  ? -4.571  0.537   26.115  1.00 8.63  ? 31  GLU A CB  1 
ATOM   221  C  CG  . GLU A 1 31  ? -4.912  -0.166  27.487  1.00 9.54  ? 31  GLU A CG  1 
ATOM   222  C  CD  . GLU A 1 31  ? -5.401  -1.552  27.348  1.00 10.47 ? 31  GLU A CD  1 
ATOM   223  O  OE1 . GLU A 1 31  ? -5.997  -1.970  26.347  1.00 9.49  ? 31  GLU A OE1 1 
ATOM   224  O  OE2 . GLU A 1 31  ? -5.163  -2.298  28.328  1.00 9.29  ? 31  GLU A OE2 1 
ATOM   225  N  N   . LEU A 1 32  ? -4.427  2.945   24.004  1.00 9.24  ? 32  LEU A N   1 
ATOM   226  C  CA  . LEU A 1 32  ? -3.789  3.571   22.824  1.00 8.59  ? 32  LEU A CA  1 
ATOM   227  C  C   . LEU A 1 32  ? -3.248  4.959   23.264  1.00 9.89  ? 32  LEU A C   1 
ATOM   228  O  O   . LEU A 1 32  ? -2.099  5.289   22.860  1.00 10.00 ? 32  LEU A O   1 
ATOM   229  C  CB  . LEU A 1 32  ? -4.798  3.699   21.706  1.00 9.40  ? 32  LEU A CB  1 
ATOM   230  C  CG  . LEU A 1 32  ? -4.173  4.395   20.480  1.00 10.16 ? 32  LEU A CG  1 
ATOM   231  C  CD1 . LEU A 1 32  ? -3.004  3.563   19.885  1.00 13.27 ? 32  LEU A CD1 1 
ATOM   232  C  CD2 . LEU A 1 32  ? -5.347  4.621   19.423  1.00 13.15 ? 32  LEU A CD2 1 
ATOM   233  N  N   . GLY A 1 33  ? -3.963  5.688   24.090  1.00 8.39  ? 33  GLY A N   1 
ATOM   234  C  CA  . GLY A 1 33  ? -3.462  6.992   24.627  1.00 8.82  ? 33  GLY A CA  1 
ATOM   235  C  C   . GLY A 1 33  ? -2.167  6.818   25.380  1.00 9.94  ? 33  GLY A C   1 
ATOM   236  O  O   . GLY A 1 33  ? -1.202  7.597   25.200  1.00 9.97  ? 33  GLY A O   1 
ATOM   237  N  N   . THR A 1 34  ? -2.128  5.780   26.254  1.00 9.20  ? 34  THR A N   1 
ATOM   238  C  CA  . THR A 1 34  ? -0.944  5.537   27.071  1.00 9.93  ? 34  THR A CA  1 
ATOM   239  C  C   . THR A 1 34  ? 0.237   5.185   26.104  1.00 9.60  ? 34  THR A C   1 
ATOM   240  O  O   . THR A 1 34  ? 1.325   5.802   26.311  1.00 10.10 ? 34  THR A O   1 
ATOM   241  C  CB  . THR A 1 34  ? -1.170  4.369   27.963  1.00 7.94  ? 34  THR A CB  1 
ATOM   242  O  OG1 . THR A 1 34  ? -2.210  4.714   28.850  1.00 11.10 ? 34  THR A OG1 1 
ATOM   243  C  CG2 . THR A 1 34  ? 0.064   4.058   28.815  1.00 11.71 ? 34  THR A CG2 1 
ATOM   244  N  N   . VAL A 1 35  ? 0.050   4.321   25.112  1.00 8.76  ? 35  VAL A N   1 
ATOM   245  C  CA  . VAL A 1 35  ? 1.132   4.059   24.182  1.00 9.82  ? 35  VAL A CA  1 
ATOM   246  C  C   . VAL A 1 35  ? 1.562   5.348   23.469  1.00 9.59  ? 35  VAL A C   1 
ATOM   247  O  O   . VAL A 1 35  ? 2.791   5.608   23.409  1.00 9.84  ? 35  VAL A O   1 
ATOM   248  C  CB  . VAL A 1 35  ? 0.646   3.058   23.118  1.00 10.48 ? 35  VAL A CB  1 
ATOM   249  C  CG1 . VAL A 1 35  ? 1.795   2.882   22.067  1.00 14.82 ? 35  VAL A CG1 1 
ATOM   250  C  CG2 . VAL A 1 35  ? 0.445   1.648   23.774  1.00 14.94 ? 35  VAL A CG2 1 
ATOM   251  N  N   . MET A 1 36  ? 0.630   6.124   22.897  1.00 9.18  ? 36  MET A N   1 
ATOM   252  C  CA  . MET A 1 36  ? 1.052   7.302   22.113  1.00 10.09 ? 36  MET A CA  1 
ATOM   253  C  C   . MET A 1 36  ? 1.798   8.288   23.009  1.00 10.77 ? 36  MET A C   1 
ATOM   254  O  O   . MET A 1 36  ? 2.878   8.837   22.596  1.00 10.62 ? 36  MET A O   1 
ATOM   255  C  CB  . MET A 1 36  ? -0.137  7.957   21.488  1.00 10.64 ? 36  MET A CB  1 
ATOM   256  C  CG  . MET A 1 36  ? -0.717  7.015   20.480  1.00 13.99 ? 36  MET A CG  1 
ATOM   257  S  SD  . MET A 1 36  ? -1.976  7.470   19.359  1.00 17.07 ? 36  MET A SD  1 
ATOM   258  C  CE  . MET A 1 36  ? -1.192  8.926   18.395  1.00 18.04 ? 36  MET A CE  1 
ATOM   259  N  N   . ARG A 1 37  ? 1.348   8.526   24.239  1.00 8.75  ? 37  ARG A N   1 
ATOM   260  C  CA  . ARG A 1 37  ? 2.071   9.477   25.126  1.00 8.65  ? 37  ARG A CA  1 
ATOM   261  C  C   . ARG A 1 37  ? 3.421   8.886   25.445  1.00 9.52  ? 37  ARG A C   1 
ATOM   262  O  O   . ARG A 1 37  ? 4.404   9.674   25.557  1.00 10.70 ? 37  ARG A O   1 
ATOM   263  C  CB  . ARG A 1 37  ? 1.285   9.778   26.363  1.00 10.20 ? 37  ARG A CB  1 
ATOM   264  C  CG  . ARG A 1 37  ? 0.075   10.674  25.977  1.00 10.71 ? 37  ARG A CG  1 
ATOM   265  C  CD  . ARG A 1 37  ? -0.674  11.157  27.272  1.00 12.45 ? 37  ARG A CD  1 
ATOM   266  N  NE  . ARG A 1 37  ? -1.412  10.030  27.881  1.00 13.43 ? 37  ARG A NE  1 
ATOM   267  C  CZ  . ARG A 1 37  ? -2.600  9.619   27.524  1.00 11.92 ? 37  ARG A CZ  1 
ATOM   268  N  NH1 . ARG A 1 37  ? -3.316  10.177  26.563  1.00 12.06 ? 37  ARG A NH1 1 
ATOM   269  N  NH2 . ARG A 1 37  ? -3.131  8.529   28.181  1.00 17.35 ? 37  ARG A NH2 1 
ATOM   270  N  N   . SER A 1 38  ? 3.570   7.557   25.576  1.00 9.42  ? 38  SER A N   1 
ATOM   271  C  CA  . SER A 1 38  ? 4.879   6.980   25.854  1.00 9.06  ? 38  SER A CA  1 
ATOM   272  C  C   . SER A 1 38  ? 5.867   7.136   24.724  1.00 10.55 ? 38  SER A C   1 
ATOM   273  O  O   . SER A 1 38  ? 7.068   6.975   24.930  1.00 12.38 ? 38  SER A O   1 
ATOM   274  C  CB  . SER A 1 38  ? 4.726   5.526   26.290  1.00 11.59 ? 38  SER A CB  1 
ATOM   275  O  OG  . SER A 1 38  ? 4.559   4.672   25.207  1.00 14.29 ? 38  SER A OG  1 
ATOM   276  N  N   . LEU A 1 39  ? 5.346   7.434   23.548  1.00 10.57 ? 39  LEU A N   1 
ATOM   277  C  CA  . LEU A 1 39  ? 6.189   7.647   22.333  1.00 11.52 ? 39  LEU A CA  1 
ATOM   278  C  C   . LEU A 1 39  ? 6.461   9.133   22.157  1.00 10.96 ? 39  LEU A C   1 
ATOM   279  O  O   . LEU A 1 39  ? 7.066   9.533   21.136  1.00 13.29 ? 39  LEU A O   1 
ATOM   280  C  CB  . LEU A 1 39  ? 5.523   7.077   21.045  1.00 13.18 ? 39  LEU A CB  1 
ATOM   281  C  CG  . LEU A 1 39  ? 5.248   5.578   21.144  1.00 14.34 ? 39  LEU A CG  1 
ATOM   282  C  CD1 . LEU A 1 39  ? 4.365   5.187   19.856  1.00 18.06 ? 39  LEU A CD1 1 
ATOM   283  C  CD2 . LEU A 1 39  ? 6.550   4.758   21.248  1.00 16.42 ? 39  LEU A CD2 1 
ATOM   284  N  N   . GLY A 1 40  ? 6.091   10.014  23.131  1.00 10.51 ? 40  GLY A N   1 
ATOM   285  C  CA  . GLY A 1 40  ? 6.261   11.421  22.964  1.00 11.57 ? 40  GLY A CA  1 
ATOM   286  C  C   . GLY A 1 40  ? 5.170   12.104  22.191  1.00 11.09 ? 40  GLY A C   1 
ATOM   287  O  O   . GLY A 1 40  ? 5.356   13.325  21.847  1.00 10.96 ? 40  GLY A O   1 
ATOM   288  N  N   . GLN A 1 41  ? 4.069   11.395  21.940  1.00 9.93  ? 41  GLN A N   1 
ATOM   289  C  CA  . GLN A 1 41  ? 2.958   12.091  21.246  1.00 11.18 ? 41  GLN A CA  1 
ATOM   290  C  C   . GLN A 1 41  ? 1.949   12.590  22.292  1.00 10.15 ? 41  GLN A C   1 
ATOM   291  O  O   . GLN A 1 41  ? 2.085   12.462  23.492  1.00 10.75 ? 41  GLN A O   1 
ATOM   292  C  CB  . GLN A 1 41  ? 2.318   11.141  20.269  1.00 11.68 ? 41  GLN A CB  1 
ATOM   293  C  CG  . GLN A 1 41  ? 3.295   10.763  19.173  1.00 15.33 ? 41  GLN A CG  1 
ATOM   294  C  CD  . GLN A 1 41  ? 3.479   11.946  18.172  1.00 21.19 ? 41  GLN A CD  1 
ATOM   295  O  OE1 . GLN A 1 41  ? 3.370   11.755  16.969  1.00 29.68 ? 41  GLN A OE1 1 
ATOM   296  N  NE2 . GLN A 1 41  ? 3.715   13.192  18.672  1.00 25.40 ? 41  GLN A NE2 1 
ATOM   297  N  N   . ASN A 1 42  ? 0.891   13.258  21.793  1.00 9.64  ? 42  ASN A N   1 
ATOM   298  C  CA  . ASN A 1 42  ? -0.090  13.776  22.764  1.00 10.50 ? 42  ASN A CA  1 
ATOM   299  C  C   . ASN A 1 42  ? -1.442  14.007  22.053  1.00 9.61  ? 42  ASN A C   1 
ATOM   300  O  O   . ASN A 1 42  ? -1.924  15.148  21.955  1.00 10.85 ? 42  ASN A O   1 
ATOM   301  C  CB  . ASN A 1 42  ? 0.386   15.105  23.361  1.00 10.37 ? 42  ASN A CB  1 
ATOM   302  C  CG  . ASN A 1 42  ? -0.446  15.494  24.596  1.00 14.20 ? 42  ASN A CG  1 
ATOM   303  O  OD1 . ASN A 1 42  ? -1.102  14.660  25.214  1.00 15.67 ? 42  ASN A OD1 1 
ATOM   304  N  ND2 . ASN A 1 42  ? -0.351  16.808  25.006  1.00 17.79 ? 42  ASN A ND2 1 
ATOM   305  N  N   . PRO A 1 43  ? -2.122  12.964  21.545  1.00 9.80  ? 43  PRO A N   1 
ATOM   306  C  CA  . PRO A 1 43  ? -3.401  13.117  20.830  1.00 10.53 ? 43  PRO A CA  1 
ATOM   307  C  C   . PRO A 1 43  ? -4.524  13.479  21.751  1.00 10.36 ? 43  PRO A C   1 
ATOM   308  O  O   . PRO A 1 43  ? -4.506  13.129  22.939  1.00 11.86 ? 43  PRO A O   1 
ATOM   309  C  CB  . PRO A 1 43  ? -3.596  11.722  20.219  1.00 12.27 ? 43  PRO A CB  1 
ATOM   310  C  CG  . PRO A 1 43  ? -2.919  10.813  21.208  1.00 11.85 ? 43  PRO A CG  1 
ATOM   311  C  CD  . PRO A 1 43  ? -1.638  11.565  21.645  1.00 10.91 ? 43  PRO A CD  1 
ATOM   312  N  N   . THR A 1 44  ? -5.529  14.102  21.143  1.00 10.08 ? 44  THR A N   1 
ATOM   313  C  CA  . THR A 1 44  ? -6.737  14.347  21.893  1.00 10.46 ? 44  THR A CA  1 
ATOM   314  C  C   . THR A 1 44  ? -7.579  13.107  22.000  1.00 10.90 ? 44  THR A C   1 
ATOM   315  O  O   . THR A 1 44  ? -7.380  12.149  21.258  1.00 11.60 ? 44  THR A O   1 
ATOM   316  C  CB  . THR A 1 44  ? -7.592  15.431  21.243  1.00 12.21 ? 44  THR A CB  1 
ATOM   317  O  OG1 . THR A 1 44  ? -8.101  14.935  20.023  1.00 12.30 ? 44  THR A OG1 1 
ATOM   318  C  CG2 . THR A 1 44  ? -6.789  16.739  21.052  1.00 11.95 ? 44  THR A CG2 1 
ATOM   319  N  N   . GLU A 1 45  ? -8.552  13.172  22.956  1.00 12.02 ? 45  GLU A N   1 
ATOM   320  C  CA  . GLU A 1 45  ? -9.436  11.969  23.092  1.00 13.31 ? 45  GLU A CA  1 
ATOM   321  C  C   . GLU A 1 45  ? -10.217 11.764  21.772  1.00 12.29 ? 45  GLU A C   1 
ATOM   322  O  O   . GLU A 1 45  ? -10.467 10.612  21.343  1.00 12.52 ? 45  GLU A O   1 
ATOM   323  C  CB  . GLU A 1 45  ? -10.445 12.166  24.285  1.00 22.82 ? 45  GLU A CB  1 
ATOM   324  C  CG  . GLU A 1 45  ? -11.403 11.087  24.618  1.00 34.14 ? 45  GLU A CG  1 
ATOM   325  C  CD  . GLU A 1 45  ? -11.951 11.318  26.059  1.00 39.51 ? 45  GLU A CD  1 
ATOM   326  O  OE1 . GLU A 1 45  ? -12.699 12.300  26.330  1.00 44.50 ? 45  GLU A OE1 1 
ATOM   327  O  OE2 . GLU A 1 45  ? -11.582 10.533  26.961  1.00 44.24 ? 45  GLU A OE2 1 
ATOM   328  N  N   . ALA A 1 46  ? -10.700 12.824  21.132  1.00 12.35 ? 46  ALA A N   1 
ATOM   329  C  CA  . ALA A 1 46  ? -11.404 12.633  19.849  1.00 13.82 ? 46  ALA A CA  1 
ATOM   330  C  C   . ALA A 1 46  ? -10.552 11.965  18.822  1.00 12.83 ? 46  ALA A C   1 
ATOM   331  O  O   . ALA A 1 46  ? -11.005 11.149  18.010  1.00 13.51 ? 46  ALA A O   1 
ATOM   332  C  CB  . ALA A 1 46  ? -11.926 14.073  19.362  1.00 13.28 ? 46  ALA A CB  1 
ATOM   333  N  N   . GLU A 1 47  ? -9.233  12.375  18.744  1.00 10.24 ? 47  GLU A N   1 
ATOM   334  C  CA  . GLU A 1 47  ? -8.314  11.784  17.761  1.00 9.63  ? 47  GLU A CA  1 
ATOM   335  C  C   . GLU A 1 47  ? -8.115  10.264  18.115  1.00 9.86  ? 47  GLU A C   1 
ATOM   336  O  O   . GLU A 1 47  ? -8.036  9.439   17.154  1.00 10.01 ? 47  GLU A O   1 
ATOM   337  C  CB  . GLU A 1 47  ? -6.936  12.544  17.870  1.00 10.60 ? 47  GLU A CB  1 
ATOM   338  C  CG  . GLU A 1 47  ? -7.117  13.924  17.129  1.00 11.76 ? 47  GLU A CG  1 
ATOM   339  C  CD  . GLU A 1 47  ? -6.057  14.869  17.471  1.00 11.61 ? 47  GLU A CD  1 
ATOM   340  O  OE1 . GLU A 1 47  ? -5.232  14.650  18.360  1.00 11.91 ? 47  GLU A OE1 1 
ATOM   341  O  OE2 . GLU A 1 47  ? -6.081  15.950  16.797  1.00 13.04 ? 47  GLU A OE2 1 
ATOM   342  N  N   . LEU A 1 48  ? -7.944  9.962   19.410  1.00 9.82  ? 48  LEU A N   1 
ATOM   343  C  CA  . LEU A 1 48  ? -7.750  8.567   19.754  1.00 9.80  ? 48  LEU A CA  1 
ATOM   344  C  C   . LEU A 1 48  ? -9.019  7.710   19.339  1.00 10.67 ? 48  LEU A C   1 
ATOM   345  O  O   . LEU A 1 48  ? -8.914  6.627   18.830  1.00 10.36 ? 48  LEU A O   1 
ATOM   346  C  CB  . LEU A 1 48  ? -7.593  8.418   21.277  1.00 9.83  ? 48  LEU A CB  1 
ATOM   347  C  CG  . LEU A 1 48  ? -6.174  8.899   21.715  1.00 10.37 ? 48  LEU A CG  1 
ATOM   348  C  CD1 . LEU A 1 48  ? -6.217  9.111   23.225  1.00 12.17 ? 48  LEU A CD1 1 
ATOM   349  C  CD2 . LEU A 1 48  ? -5.115  7.875   21.289  1.00 9.91  ? 48  LEU A CD2 1 
ATOM   350  N  N   . ARG A 1 49  ? -10.243 8.291   19.554  1.00 11.62 ? 49  ARG A N   1 
ATOM   351  C  CA  . ARG A 1 49  ? -11.482 7.543   19.166  1.00 11.59 ? 49  ARG A CA  1 
ATOM   352  C  C   . ARG A 1 49  ? -11.452 7.352   17.637  1.00 12.59 ? 49  ARG A C   1 
ATOM   353  O  O   . ARG A 1 49  ? -11.842 6.330   17.080  1.00 12.41 ? 49  ARG A O   1 
ATOM   354  C  CB  . ARG A 1 49  ? -12.691 8.358   19.606  1.00 14.98 ? 49  ARG A CB  1 
ATOM   355  C  CG  . ARG A 1 49  ? -13.968 7.585   19.226  1.00 17.65 ? 49  ARG A CG  1 
ATOM   356  C  CD  . ARG A 1 49  ? -15.013 8.537   18.573  1.00 21.90 ? 49  ARG A CD  1 
ATOM   357  N  NE  . ARG A 1 49  ? -14.707 8.809   17.141  1.00 21.53 ? 49  ARG A NE  1 
ATOM   358  C  CZ  . ARG A 1 49  ? -15.030 7.983   16.144  1.00 21.96 ? 49  ARG A CZ  1 
ATOM   359  N  NH1 . ARG A 1 49  ? -15.714 6.881   16.492  1.00 20.68 ? 49  ARG A NH1 1 
ATOM   360  N  NH2 . ARG A 1 49  ? -14.741 8.270   14.840  1.00 19.76 ? 49  ARG A NH2 1 
ATOM   361  N  N   . ASP A 1 50  ? -11.072 8.356   16.889  1.00 10.53 ? 50  ASP A N   1 
ATOM   362  C  CA  . ASP A 1 50  ? -11.010 8.242   15.469  1.00 12.73 ? 50  ASP A CA  1 
ATOM   363  C  C   . ASP A 1 50  ? -10.000 7.182   14.981  1.00 13.15 ? 50  ASP A C   1 
ATOM   364  O  O   . ASP A 1 50  ? -10.245 6.335   14.103  1.00 12.41 ? 50  ASP A O   1 
ATOM   365  C  CB  . ASP A 1 50  ? -10.588 9.604   14.874  1.00 16.93 ? 50  ASP A CB  1 
ATOM   366  C  CG  . ASP A 1 50  ? -11.708 10.638  14.821  1.00 22.46 ? 50  ASP A CG  1 
ATOM   367  O  OD1 . ASP A 1 50  ? -12.852 10.285  14.876  1.00 23.60 ? 50  ASP A OD1 1 
ATOM   368  O  OD2 . ASP A 1 50  ? -11.281 11.863  14.709  1.00 26.66 ? 50  ASP A OD2 1 
ATOM   369  N  N   . MET A 1 51  ? -8.814  7.110   15.620  1.00 12.43 ? 51  MET A N   1 
ATOM   370  C  CA  . MET A 1 51  ? -7.748  6.140   15.235  1.00 12.25 ? 51  MET A CA  1 
ATOM   371  C  C   . MET A 1 51  ? -8.362  4.726   15.559  1.00 13.34 ? 51  MET A C   1 
ATOM   372  O  O   . MET A 1 51  ? -8.185  3.796   14.764  1.00 14.22 ? 51  MET A O   1 
ATOM   373  C  CB  . MET A 1 51  ? -6.489  6.400   16.053  1.00 16.30 ? 51  MET A CB  1 
ATOM   374  C  CG  . MET A 1 51  ? -5.807  7.674   15.649  1.00 15.96 ? 51  MET A CG  1 
ATOM   375  S  SD  . MET A 1 51  ? -4.442  7.994   16.766  1.00 20.55 ? 51  MET A SD  1 
ATOM   376  C  CE  . MET A 1 51  ? -3.215  6.666   16.272  1.00 25.65 ? 51  MET A CE  1 
ATOM   377  N  N   . MET A 1 52  ? -8.966  4.610   16.706  1.00 11.60 ? 52  MET A N   1 
ATOM   378  C  CA  . MET A 1 52  ? -9.513  3.282   17.062  1.00 13.35 ? 52  MET A CA  1 
ATOM   379  C  C   . MET A 1 52  ? -10.641 2.898   16.099  1.00 14.86 ? 52  MET A C   1 
ATOM   380  O  O   . MET A 1 52  ? -10.722 1.692   15.714  1.00 14.07 ? 52  MET A O   1 
ATOM   381  C  CB  . MET A 1 52  ? -10.090 3.410   18.494  1.00 13.74 ? 52  MET A CB  1 
ATOM   382  C  CG  . MET A 1 52  ? -9.092  3.565   19.678  1.00 19.32 ? 52  MET A CG  1 
ATOM   383  S  SD  . MET A 1 52  ? -8.349  1.988   20.173  1.00 24.28 ? 52  MET A SD  1 
ATOM   384  C  CE  . MET A 1 52  ? -9.798  1.224   20.533  1.00 9.96  ? 52  MET A CE  1 
ATOM   385  N  N   . SER A 1 53  ? -11.502 3.824   15.749  1.00 11.69 ? 53  SER A N   1 
ATOM   386  C  CA  . SER A 1 53  ? -12.576 3.525   14.834  1.00 13.04 ? 53  SER A CA  1 
ATOM   387  C  C   . SER A 1 53  ? -12.146 2.988   13.537  1.00 14.55 ? 53  SER A C   1 
ATOM   388  O  O   . SER A 1 53  ? -12.843 2.116   12.914  1.00 14.62 ? 53  SER A O   1 
ATOM   389  C  CB  . SER A 1 53  ? -13.381 4.847   14.594  1.00 15.68 ? 53  SER A CB  1 
ATOM   390  O  OG  . SER A 1 53  ? -12.848 5.584   13.560  1.00 21.54 ? 53  SER A OG  1 
ATOM   391  N  N   . GLU A 1 54  ? -10.983 3.373   13.072  1.00 13.76 ? 54  GLU A N   1 
ATOM   392  C  CA  . GLU A 1 54  ? -10.548 2.879   11.788  1.00 15.60 ? 54  GLU A CA  1 
ATOM   393  C  C   . GLU A 1 54  ? -10.143 1.417   11.782  1.00 16.06 ? 54  GLU A C   1 
ATOM   394  O  O   . GLU A 1 54  ? -10.032 0.846   10.679  1.00 15.59 ? 54  GLU A O   1 
ATOM   395  C  CB  . GLU A 1 54  ? -9.286  3.703   11.319  1.00 21.28 ? 54  GLU A CB  1 
ATOM   396  C  CG  . GLU A 1 54  ? -9.722  5.133   11.036  1.00 28.14 ? 54  GLU A CG  1 
ATOM   397  C  CD  . GLU A 1 54  ? -8.762  5.904   10.108  1.00 34.62 ? 54  GLU A CD  1 
ATOM   398  O  OE1 . GLU A 1 54  ? -7.865  6.567   10.611  1.00 35.99 ? 54  GLU A OE1 1 
ATOM   399  O  OE2 . GLU A 1 54  ? -8.910  5.806   8.892   1.00 36.69 ? 54  GLU A OE2 1 
ATOM   400  N  N   . ILE A 1 55  ? -9.816  0.872   12.987  1.00 14.22 ? 55  ILE A N   1 
ATOM   401  C  CA  . ILE A 1 55  ? -9.253  -0.485  13.129  1.00 15.74 ? 55  ILE A CA  1 
ATOM   402  C  C   . ILE A 1 55  ? -10.276 -1.374  13.761  1.00 13.55 ? 55  ILE A C   1 
ATOM   403  O  O   . ILE A 1 55  ? -10.190 -2.585  13.590  1.00 13.94 ? 55  ILE A O   1 
ATOM   404  C  CB  . ILE A 1 55  ? -7.973  -0.415  14.129  1.00 20.39 ? 55  ILE A CB  1 
ATOM   405  C  CG1 . ILE A 1 55  ? -6.956  0.632   13.632  1.00 23.83 ? 55  ILE A CG1 1 
ATOM   406  C  CG2 . ILE A 1 55  ? -7.188  -1.795  14.172  1.00 21.87 ? 55  ILE A CG2 1 
ATOM   407  C  CD1 . ILE A 1 55  ? -5.636  0.845   14.603  1.00 29.28 ? 55  ILE A CD1 1 
ATOM   408  N  N   . ASP A 1 56  ? -11.249 -0.820  14.460  1.00 12.91 ? 56  ASP A N   1 
ATOM   409  C  CA  . ASP A 1 56  ? -12.269 -1.623  15.172  1.00 12.97 ? 56  ASP A CA  1 
ATOM   410  C  C   . ASP A 1 56  ? -13.311 -2.136  14.258  1.00 12.98 ? 56  ASP A C   1 
ATOM   411  O  O   . ASP A 1 56  ? -14.436 -1.648  14.175  1.00 15.45 ? 56  ASP A O   1 
ATOM   412  C  CB  . ASP A 1 56  ? -12.892 -0.665  16.211  1.00 13.98 ? 56  ASP A CB  1 
ATOM   413  C  CG  . ASP A 1 56  ? -13.983 -1.332  17.010  1.00 15.27 ? 56  ASP A CG  1 
ATOM   414  O  OD1 . ASP A 1 56  ? -14.043 -2.578  17.032  1.00 12.51 ? 56  ASP A OD1 1 
ATOM   415  O  OD2 . ASP A 1 56  ? -14.768 -0.597  17.603  1.00 15.31 ? 56  ASP A OD2 1 
ATOM   416  N  N   . ARG A 1 57  ? -12.992 -3.303  13.632  1.00 11.97 ? 57  ARG A N   1 
ATOM   417  C  CA  . ARG A 1 57  ? -13.895 -3.802  12.633  1.00 15.16 ? 57  ARG A CA  1 
ATOM   418  C  C   . ARG A 1 57  ? -15.308 -4.101  13.099  1.00 15.22 ? 57  ARG A C   1 
ATOM   419  O  O   . ARG A 1 57  ? -16.270 -3.714  12.435  1.00 17.15 ? 57  ARG A O   1 
ATOM   420  C  CB  . ARG A 1 57  ? -13.273 -5.070  12.033  1.00 14.57 ? 57  ARG A CB  1 
ATOM   421  C  CG  . ARG A 1 57  ? -14.186 -5.580  10.924  1.00 22.54 ? 57  ARG A CG  1 
ATOM   422  C  CD  . ARG A 1 57  ? -14.194 -4.580  9.971   1.00 31.03 ? 57  ARG A CD  1 
ATOM   423  N  NE  . ARG A 1 57  ? -12.826 -4.057  9.948   1.00 36.68 ? 57  ARG A NE  1 
ATOM   424  C  CZ  . ARG A 1 57  ? -12.401 -3.198  9.020   1.00 38.39 ? 57  ARG A CZ  1 
ATOM   425  N  NH1 . ARG A 1 57  ? -13.248 -2.850  8.068   1.00 37.43 ? 57  ARG A NH1 1 
ATOM   426  N  NH2 . ARG A 1 57  ? -11.203 -2.670  9.128   1.00 40.61 ? 57  ARG A NH2 1 
ATOM   427  N  N   . ASP A 1 58  ? -15.485 -4.735  14.251  1.00 11.86 ? 58  ASP A N   1 
ATOM   428  C  CA  . ASP A 1 58  ? -16.823 -5.122  14.670  1.00 13.05 ? 58  ASP A CA  1 
ATOM   429  C  C   . ASP A 1 58  ? -17.547 -4.000  15.405  1.00 15.21 ? 58  ASP A C   1 
ATOM   430  O  O   . ASP A 1 58  ? -18.745 -4.149  15.774  1.00 18.19 ? 58  ASP A O   1 
ATOM   431  C  CB  . ASP A 1 58  ? -16.792 -6.419  15.469  1.00 14.57 ? 58  ASP A CB  1 
ATOM   432  C  CG  . ASP A 1 58  ? -16.218 -6.249  16.874  1.00 14.92 ? 58  ASP A CG  1 
ATOM   433  O  OD1 . ASP A 1 58  ? -15.618 -5.227  17.205  1.00 12.58 ? 58  ASP A OD1 1 
ATOM   434  O  OD2 . ASP A 1 58  ? -16.356 -7.275  17.582  1.00 20.89 ? 58  ASP A OD2 1 
ATOM   435  N  N   . GLY A 1 59  ? -16.855 -2.882  15.602  1.00 14.69 ? 59  GLY A N   1 
ATOM   436  C  CA  . GLY A 1 59  ? -17.571 -1.745  16.270  1.00 14.65 ? 59  GLY A CA  1 
ATOM   437  C  C   . GLY A 1 59  ? -17.889 -1.891  17.729  1.00 17.18 ? 59  GLY A C   1 
ATOM   438  O  O   . GLY A 1 59  ? -18.762 -1.173  18.260  1.00 17.60 ? 59  GLY A O   1 
ATOM   439  N  N   . ASN A 1 60  ? -17.171 -2.757  18.424  1.00 13.30 ? 60  ASN A N   1 
ATOM   440  C  CA  . ASN A 1 60  ? -17.429 -2.947  19.816  1.00 13.05 ? 60  ASN A CA  1 
ATOM   441  C  C   . ASN A 1 60  ? -16.654 -1.941  20.700  1.00 12.52 ? 60  ASN A C   1 
ATOM   442  O  O   . ASN A 1 60  ? -16.788 -1.942  21.923  1.00 16.90 ? 60  ASN A O   1 
ATOM   443  C  CB  . ASN A 1 60  ? -17.217 -4.377  20.310  1.00 12.84 ? 60  ASN A CB  1 
ATOM   444  C  CG  . ASN A 1 60  ? -15.764 -4.767  20.409  1.00 11.51 ? 60  ASN A CG  1 
ATOM   445  O  OD1 . ASN A 1 60  ? -14.900 -4.086  19.889  1.00 13.13 ? 60  ASN A OD1 1 
ATOM   446  N  ND2 . ASN A 1 60  ? -15.529 -5.859  21.075  1.00 13.56 ? 60  ASN A ND2 1 
ATOM   447  N  N   . GLY A 1 61  ? -15.871 -1.105  20.038  1.00 12.20 ? 61  GLY A N   1 
ATOM   448  C  CA  . GLY A 1 61  ? -15.169 -0.004  20.728  1.00 12.12 ? 61  GLY A CA  1 
ATOM   449  C  C   . GLY A 1 61  ? -13.735 -0.322  21.063  1.00 12.65 ? 61  GLY A C   1 
ATOM   450  O  O   . GLY A 1 61  ? -12.989 0.614   21.534  1.00 14.68 ? 61  GLY A O   1 
ATOM   451  N  N   . THR A 1 62  ? -13.322 -1.559  20.957  1.00 12.72 ? 62  THR A N   1 
ATOM   452  C  CA  . THR A 1 62  ? -11.924 -1.870  21.283  1.00 11.25 ? 62  THR A CA  1 
ATOM   453  C  C   . THR A 1 62  ? -11.356 -2.732  20.118  1.00 10.29 ? 62  THR A C   1 
ATOM   454  O  O   . THR A 1 62  ? -12.107 -3.206  19.256  1.00 11.61 ? 62  THR A O   1 
ATOM   455  C  CB  . THR A 1 62  ? -11.800 -2.645  22.599  1.00 10.06 ? 62  THR A CB  1 
ATOM   456  O  OG1 . THR A 1 62  ? -12.475 -3.943  22.503  1.00 12.34 ? 62  THR A OG1 1 
ATOM   457  C  CG2 . THR A 1 62  ? -12.492 -1.928  23.758  1.00 11.90 ? 62  THR A CG2 1 
ATOM   458  N  N   . VAL A 1 63  ? -10.018 -2.921  20.163  1.00 9.47  ? 63  VAL A N   1 
ATOM   459  C  CA  . VAL A 1 63  ? -9.350  -3.641  19.081  1.00 10.23 ? 63  VAL A CA  1 
ATOM   460  C  C   . VAL A 1 63  ? -8.737  -4.931  19.650  1.00 9.52  ? 63  VAL A C   1 
ATOM   461  O  O   . VAL A 1 63  ? -7.847  -4.920  20.563  1.00 9.65  ? 63  VAL A O   1 
ATOM   462  C  CB  . VAL A 1 63  ? -8.257  -2.762  18.528  1.00 9.78  ? 63  VAL A CB  1 
ATOM   463  C  CG1 . VAL A 1 63  ? -7.419  -3.551  17.585  1.00 11.74 ? 63  VAL A CG1 1 
ATOM   464  C  CG2 . VAL A 1 63  ? -8.895  -1.567  17.831  1.00 13.82 ? 63  VAL A CG2 1 
ATOM   465  N  N   . ASP A 1 64  ? -9.236  -6.061  19.117  1.00 9.64  ? 64  ASP A N   1 
ATOM   466  C  CA  . ASP A 1 64  ? -8.687  -7.353  19.591  1.00 8.38  ? 64  ASP A CA  1 
ATOM   467  C  C   . ASP A 1 64  ? -7.589  -7.799  18.636  1.00 9.78  ? 64  ASP A C   1 
ATOM   468  O  O   . ASP A 1 64  ? -7.281  -7.104  17.641  1.00 9.27  ? 64  ASP A O   1 
ATOM   469  C  CB  . ASP A 1 64  ? -9.811  -8.371  19.821  1.00 8.95  ? 64  ASP A CB  1 
ATOM   470  C  CG  . ASP A 1 64  ? -10.428 -8.850  18.561  1.00 11.48 ? 64  ASP A CG  1 
ATOM   471  O  OD1 . ASP A 1 64  ? -10.049 -8.565  17.416  1.00 10.95 ? 64  ASP A OD1 1 
ATOM   472  O  OD2 . ASP A 1 64  ? -11.407 -9.628  18.720  1.00 15.83 ? 64  ASP A OD2 1 
ATOM   473  N  N   . PHE A 1 65  ? -6.991  -8.933  18.955  1.00 8.47  ? 65  PHE A N   1 
ATOM   474  C  CA  . PHE A 1 65  ? -5.824  -9.305  18.103  1.00 8.54  ? 65  PHE A CA  1 
ATOM   475  C  C   . PHE A 1 65  ? -6.217  -9.601  16.635  1.00 9.42  ? 65  PHE A C   1 
ATOM   476  O  O   . PHE A 1 65  ? -5.499  -9.142  15.719  1.00 9.71  ? 65  PHE A O   1 
ATOM   477  C  CB  . PHE A 1 65  ? -5.023  -10.428 18.785  1.00 10.23 ? 65  PHE A CB  1 
ATOM   478  C  CG  . PHE A 1 65  ? -3.823  -10.814 17.937  1.00 10.63 ? 65  PHE A CG  1 
ATOM   479  C  CD1 . PHE A 1 65  ? -2.821  -9.911  17.715  1.00 10.29 ? 65  PHE A CD1 1 
ATOM   480  C  CD2 . PHE A 1 65  ? -3.741  -12.122 17.420  1.00 12.77 ? 65  PHE A CD2 1 
ATOM   481  C  CE1 . PHE A 1 65  ? -1.670  -10.237 16.967  1.00 12.87 ? 65  PHE A CE1 1 
ATOM   482  C  CE2 . PHE A 1 65  ? -2.588  -12.464 16.649  1.00 15.13 ? 65  PHE A CE2 1 
ATOM   483  C  CZ  . PHE A 1 65  ? -1.596  -11.531 16.443  1.00 13.78 ? 65  PHE A CZ  1 
ATOM   484  N  N   . PRO A 1 66  ? -7.333  -10.294 16.376  1.00 9.79  ? 66  PRO A N   1 
ATOM   485  C  CA  . PRO A 1 66  ? -7.700  -10.494 14.957  1.00 10.82 ? 66  PRO A CA  1 
ATOM   486  C  C   . PRO A 1 66  ? -7.845  -9.159  14.280  1.00 9.92  ? 66  PRO A C   1 
ATOM   487  O  O   . PRO A 1 66  ? -7.418  -9.046  13.098  1.00 11.27 ? 66  PRO A O   1 
ATOM   488  C  CB  . PRO A 1 66  ? -9.014  -11.237 15.031  1.00 12.28 ? 66  PRO A CB  1 
ATOM   489  C  CG  . PRO A 1 66  ? -8.788  -12.145 16.238  1.00 10.94 ? 66  PRO A CG  1 
ATOM   490  C  CD  . PRO A 1 66  ? -8.117  -11.224 17.276  1.00 10.66 ? 66  PRO A CD  1 
ATOM   491  N  N   . GLU A 1 67  ? -8.450  -8.146  14.877  1.00 9.13  ? 67  GLU A N   1 
ATOM   492  C  CA  . GLU A 1 67  ? -8.540  -6.818  14.232  1.00 10.11 ? 67  GLU A CA  1 
ATOM   493  C  C   . GLU A 1 67  ? -7.217  -6.189  14.069  1.00 11.35 ? 67  GLU A C   1 
ATOM   494  O  O   . GLU A 1 67  ? -6.914  -5.539  13.026  1.00 11.54 ? 67  GLU A O   1 
ATOM   495  C  CB  . GLU A 1 67  ? -9.472  -5.938  15.114  1.00 9.34  ? 67  GLU A CB  1 
ATOM   496  C  CG  . GLU A 1 67  ? -10.930 -6.455  15.008  1.00 10.85 ? 67  GLU A CG  1 
ATOM   497  C  CD  . GLU A 1 67  ? -11.838 -5.668  15.914  1.00 14.36 ? 67  GLU A CD  1 
ATOM   498  O  OE1 . GLU A 1 67  ? -11.385 -4.968  16.856  1.00 13.36 ? 67  GLU A OE1 1 
ATOM   499  O  OE2 . GLU A 1 67  ? -13.071 -5.769  15.808  1.00 11.97 ? 67  GLU A OE2 1 
ATOM   500  N  N   . PHE A 1 68  ? -6.349  -6.295  15.012  1.00 9.92  ? 68  PHE A N   1 
ATOM   501  C  CA  . PHE A 1 68  ? -4.999  -5.736  14.881  1.00 11.42 ? 68  PHE A CA  1 
ATOM   502  C  C   . PHE A 1 68  ? -4.267  -6.434  13.795  1.00 11.95 ? 68  PHE A C   1 
ATOM   503  O  O   . PHE A 1 68  ? -3.602  -5.720  12.954  1.00 13.32 ? 68  PHE A O   1 
ATOM   504  C  CB  . PHE A 1 68  ? -4.275  -5.929  16.234  1.00 10.53 ? 68  PHE A CB  1 
ATOM   505  C  CG  . PHE A 1 68  ? -2.921  -5.210  16.345  1.00 11.69 ? 68  PHE A CG  1 
ATOM   506  C  CD1 . PHE A 1 68  ? -1.778  -5.953  16.012  1.00 14.07 ? 68  PHE A CD1 1 
ATOM   507  C  CD2 . PHE A 1 68  ? -2.793  -3.889  16.809  1.00 15.87 ? 68  PHE A CD2 1 
ATOM   508  C  CE1 . PHE A 1 68  ? -0.514  -5.377  16.165  1.00 17.26 ? 68  PHE A CE1 1 
ATOM   509  C  CE2 . PHE A 1 68  ? -1.488  -3.285  16.952  1.00 16.27 ? 68  PHE A CE2 1 
ATOM   510  C  CZ  . PHE A 1 68  ? -0.363  -4.111  16.599  1.00 16.65 ? 68  PHE A CZ  1 
ATOM   511  N  N   . LEU A 1 69  ? -4.339  -7.749  13.700  1.00 12.18 ? 69  LEU A N   1 
ATOM   512  C  CA  . LEU A 1 69  ? -3.673  -8.472  12.605  1.00 13.28 ? 69  LEU A CA  1 
ATOM   513  C  C   . LEU A 1 69  ? -4.280  -8.072  11.305  1.00 14.66 ? 69  LEU A C   1 
ATOM   514  O  O   . LEU A 1 69  ? -3.520  -7.957  10.305  1.00 14.38 ? 69  LEU A O   1 
ATOM   515  C  CB  . LEU A 1 69  ? -3.885  -9.974  12.813  1.00 15.84 ? 69  LEU A CB  1 
ATOM   516  C  CG  . LEU A 1 69  ? -2.869  -10.772 12.099  1.00 19.14 ? 69  LEU A CG  1 
ATOM   517  C  CD1 . LEU A 1 69  ? -1.498  -10.523 12.740  1.00 20.93 ? 69  LEU A CD1 1 
ATOM   518  C  CD2 . LEU A 1 69  ? -3.285  -12.288 12.392  1.00 22.12 ? 69  LEU A CD2 1 
ATOM   519  N  N   . GLY A 1 70  ? -5.582  -7.867  11.224  1.00 12.29 ? 70  GLY A N   1 
ATOM   520  C  CA  . GLY A 1 70  ? -6.205  -7.472  9.933   1.00 14.82 ? 70  GLY A CA  1 
ATOM   521  C  C   . GLY A 1 70  ? -5.623  -6.136  9.518   1.00 14.86 ? 70  GLY A C   1 
ATOM   522  O  O   . GLY A 1 70  ? -5.331  -5.936  8.277   1.00 16.39 ? 70  GLY A O   1 
ATOM   523  N  N   . MET A 1 71  ? -5.419  -5.189  10.398  1.00 13.00 ? 71  MET A N   1 
ATOM   524  C  CA  . MET A 1 71  ? -4.840  -3.835  10.082  1.00 15.03 ? 71  MET A CA  1 
ATOM   525  C  C   . MET A 1 71  ? -3.461  -4.048  9.542   1.00 16.29 ? 71  MET A C   1 
ATOM   526  O  O   . MET A 1 71  ? -3.161  -3.417  8.486   1.00 16.02 ? 71  MET A O   1 
ATOM   527  C  CB  . MET A 1 71  ? -4.801  -2.944  11.321  1.00 15.49 ? 71  MET A CB  1 
ATOM   528  C  CG  . MET A 1 71  ? -4.117  -1.568  11.031  1.00 23.72 ? 71  MET A CG  1 
ATOM   529  S  SD  . MET A 1 71  ? -2.516  -1.741  11.522  1.00 35.49 ? 71  MET A SD  1 
ATOM   530  C  CE  . MET A 1 71  ? -2.799  -1.591  13.326  1.00 32.69 ? 71  MET A CE  1 
ATOM   531  N  N   . MET A 1 72  ? -2.680  -4.874  10.176  1.00 16.19 ? 72  MET A N   1 
ATOM   532  C  CA  . MET A 1 72  ? -1.255  -5.067  9.690   1.00 17.11 ? 72  MET A CA  1 
ATOM   533  C  C   . MET A 1 72  ? -1.217  -5.734  8.381   1.00 19.33 ? 72  MET A C   1 
ATOM   534  O  O   . MET A 1 72  ? -0.422  -5.283  7.538   1.00 18.67 ? 72  MET A O   1 
ATOM   535  C  CB  . MET A 1 72  ? -0.448  -5.855  10.769  1.00 19.22 ? 72  MET A CB  1 
ATOM   536  C  CG  . MET A 1 72  ? -0.350  -5.131  12.084  1.00 22.18 ? 72  MET A CG  1 
ATOM   537  S  SD  . MET A 1 72  ? 0.433   -3.510  11.976  1.00 26.74 ? 72  MET A SD  1 
ATOM   538  C  CE  . MET A 1 72  ? 2.116   -3.849  12.797  1.00 29.88 ? 72  MET A CE  1 
ATOM   539  N  N   . ALA A 1 73  ? -2.042  -6.735  8.148   1.00 16.21 ? 73  ALA A N   1 
ATOM   540  C  CA  . ALA A 1 73  ? -2.103  -7.440  6.866   1.00 16.37 ? 73  ALA A CA  1 
ATOM   541  C  C   . ALA A 1 73  ? -2.521  -6.451  5.803   1.00 19.01 ? 73  ALA A C   1 
ATOM   542  O  O   . ALA A 1 73  ? -1.889  -6.392  4.717   1.00 19.63 ? 73  ALA A O   1 
ATOM   543  C  CB  . ALA A 1 73  ? -3.027  -8.673  6.932   1.00 17.84 ? 73  ALA A CB  1 
ATOM   544  N  N   . ARG A 1 74  ? -3.465  -5.556  6.041   1.00 17.33 ? 74  ARG A N   1 
ATOM   545  C  CA  . ARG A 1 74  ? -3.865  -4.639  4.968   1.00 16.65 ? 74  ARG A CA  1 
ATOM   546  C  C   . ARG A 1 74  ? -2.751  -3.614  4.747   1.00 18.03 ? 74  ARG A C   1 
ATOM   547  O  O   . ARG A 1 74  ? -2.545  -3.202  3.536   1.00 19.34 ? 74  ARG A O   1 
ATOM   548  C  CB  . ARG A 1 74  ? -5.140  -3.907  5.399   1.00 18.05 ? 74  ARG A CB  1 
ATOM   549  C  CG  . ARG A 1 74  ? -6.407  -4.788  5.305   1.00 21.28 ? 74  ARG A CG  1 
ATOM   550  C  CD  . ARG A 1 74  ? -7.600  -3.839  5.517   1.00 23.75 ? 74  ARG A CD  1 
ATOM   551  N  NE  . ARG A 1 74  ? -7.657  -3.309  6.871   1.00 25.20 ? 74  ARG A NE  1 
ATOM   552  C  CZ  . ARG A 1 74  ? -8.134  -3.933  7.960   1.00 24.19 ? 74  ARG A CZ  1 
ATOM   553  N  NH1 . ARG A 1 74  ? -8.629  -5.163  7.916   1.00 24.16 ? 74  ARG A NH1 1 
ATOM   554  N  NH2 . ARG A 1 74  ? -8.041  -3.250  9.104   1.00 22.81 ? 74  ARG A NH2 1 
ATOM   555  N  N   . LYS A 1 75  ? -2.008  -3.231  5.764   1.00 18.18 ? 75  LYS A N   1 
ATOM   556  C  CA  . LYS A 1 75  ? -0.919  -2.255  5.561   1.00 20.18 ? 75  LYS A CA  1 
ATOM   557  C  C   . LYS A 1 75  ? 0.148   -2.936  4.738   1.00 20.22 ? 75  LYS A C   1 
ATOM   558  O  O   . LYS A 1 75  ? 0.697   -2.300  3.800   1.00 21.68 ? 75  LYS A O   1 
ATOM   559  C  CB  . LYS A 1 75  ? -0.328  -1.748  6.884   1.00 24.25 ? 75  LYS A CB  1 
ATOM   560  C  CG  . LYS A 1 75  ? -1.262  -0.716  7.588   1.00 32.60 ? 75  LYS A CG  1 
ATOM   561  C  CD  . LYS A 1 75  ? -0.772  -0.333  9.034   1.00 37.09 ? 75  LYS A CD  1 
ATOM   562  C  CE  . LYS A 1 75  ? -1.622  0.841   9.565   1.00 37.87 ? 75  LYS A CE  1 
ATOM   563  N  NZ  . LYS A 1 75  ? -1.744  1.936   8.523   1.00 40.64 ? 75  LYS A NZ  1 
ATOM   564  N  N   . MET A 1 76  ? 0.500   -4.144  5.088   1.00 18.50 ? 76  MET A N   1 
ATOM   565  C  CA  . MET A 1 76  ? 1.515   -4.873  4.295   1.00 20.29 ? 76  MET A CA  1 
ATOM   566  C  C   . MET A 1 76  ? 1.039   -5.062  2.837   1.00 21.36 ? 76  MET A C   1 
ATOM   567  O  O   . MET A 1 76  ? 1.856   -4.923  1.871   1.00 19.42 ? 76  MET A O   1 
ATOM   568  C  CB  . MET A 1 76  ? 1.759   -6.249  4.915   1.00 25.09 ? 76  MET A CB  1 
ATOM   569  C  CG  . MET A 1 76  ? 2.456   -6.050  6.196   1.00 29.87 ? 76  MET A CG  1 
ATOM   570  S  SD  . MET A 1 76  ? 2.823   -7.681  6.831   1.00 40.69 ? 76  MET A SD  1 
ATOM   571  C  CE  . MET A 1 76  ? 4.345   -7.992  6.143   1.00 36.94 ? 76  MET A CE  1 
ATOM   572  N  N   . LYS A 1 77  ? -0.224  -5.341  2.607   1.00 19.99 ? 77  LYS A N   1 
ATOM   573  C  CA  . LYS A 1 77  ? -0.666  -5.540  1.244   1.00 20.97 ? 77  LYS A CA  1 
ATOM   574  C  C   . LYS A 1 77  ? -0.563  -4.213  0.497   1.00 21.64 ? 77  LYS A C   1 
ATOM   575  O  O   . LYS A 1 77  ? -0.141  -4.245  -0.681  1.00 20.24 ? 77  LYS A O   1 
ATOM   576  C  CB  . LYS A 1 77  ? -2.086  -6.067  1.189   1.00 23.23 ? 77  LYS A CB  1 
ATOM   577  C  CG  . LYS A 1 77  ? -2.731  -6.230  -0.224  1.00 26.86 ? 77  LYS A CG  1 
ATOM   578  C  CD  . LYS A 1 77  ? -2.073  -7.399  -0.938  1.00 29.83 ? 77  LYS A CD  1 
ATOM   579  C  CE  . LYS A 1 77  ? -2.718  -7.557  -2.326  1.00 32.44 ? 77  LYS A CE  1 
ATOM   580  N  NZ  . LYS A 1 77  ? -2.046  -8.764  -2.835  1.00 34.85 ? 77  LYS A NZ  1 
ATOM   581  N  N   . ASP A 1 78  ? -0.910  -3.090  1.108   1.00 22.57 ? 78  ASP A N   1 
ATOM   582  C  CA  . ASP A 1 78  ? -0.790  -1.780  0.426   1.00 22.67 ? 78  ASP A CA  1 
ATOM   583  C  C   . ASP A 1 78  ? 0.633   -1.506  0.076   1.00 21.75 ? 78  ASP A C   1 
ATOM   584  O  O   . ASP A 1 78  ? 0.914   -1.071  -1.069  1.00 20.72 ? 78  ASP A O   1 
ATOM   585  C  CB  . ASP A 1 78  ? -1.380  -0.658  1.268   1.00 27.75 ? 78  ASP A CB  1 
ATOM   586  C  CG  . ASP A 1 78  ? -2.948  -0.585  1.135   1.00 35.02 ? 78  ASP A CG  1 
ATOM   587  O  OD1 . ASP A 1 78  ? -3.584  -1.562  0.728   1.00 37.64 ? 78  ASP A OD1 1 
ATOM   588  O  OD2 . ASP A 1 78  ? -3.558  0.477   1.435   1.00 40.19 ? 78  ASP A OD2 1 
ATOM   589  N  N   . THR A 1 79  ? 1.550   -1.742  0.965   1.00 18.99 ? 79  THR A N   1 
ATOM   590  C  CA  . THR A 1 79  ? 2.968   -1.535  0.667   1.00 20.56 ? 79  THR A CA  1 
ATOM   591  C  C   . THR A 1 79  ? 3.357   -2.457  -0.494  1.00 20.92 ? 79  THR A C   1 
ATOM   592  O  O   . THR A 1 79  ? 4.099   -2.029  -1.454  1.00 19.15 ? 79  THR A O   1 
ATOM   593  C  CB  . THR A 1 79  ? 3.816   -1.831  1.898   1.00 23.11 ? 79  THR A CB  1 
ATOM   594  O  OG1 . THR A 1 79  ? 3.442   -0.860  2.889   1.00 29.62 ? 79  THR A OG1 1 
ATOM   595  C  CG2 . THR A 1 79  ? 5.301   -1.752  1.639   1.00 25.94 ? 79  THR A CG2 1 
ATOM   596  N  N   . ASP A 1 80  ? 2.956   -3.706  -0.458  1.00 17.63 ? 80  ASP A N   1 
ATOM   597  C  CA  . ASP A 1 80  ? 3.333   -4.629  -1.562  1.00 17.57 ? 80  ASP A CA  1 
ATOM   598  C  C   . ASP A 1 80  ? 2.743   -4.214  -2.872  1.00 19.67 ? 80  ASP A C   1 
ATOM   599  O  O   . ASP A 1 80  ? 3.404   -4.317  -3.940  1.00 17.51 ? 80  ASP A O   1 
ATOM   600  C  CB  . ASP A 1 80  ? 2.810   -6.063  -1.225  1.00 24.58 ? 80  ASP A CB  1 
ATOM   601  C  CG  . ASP A 1 80  ? 3.551   -6.709  -0.098  1.00 30.01 ? 80  ASP A CG  1 
ATOM   602  O  OD1 . ASP A 1 80  ? 4.646   -6.260  0.222   1.00 33.50 ? 80  ASP A OD1 1 
ATOM   603  O  OD2 . ASP A 1 80  ? 3.014   -7.727  0.478   1.00 34.60 ? 80  ASP A OD2 1 
ATOM   604  N  N   . ASN A 1 81  ? 1.527   -3.725  -2.909  1.00 20.03 ? 81  ASN A N   1 
ATOM   605  C  CA  . ASN A 1 81  ? 0.944   -3.352  -4.206  1.00 20.06 ? 81  ASN A CA  1 
ATOM   606  C  C   . ASN A 1 81  ? 1.723   -2.152  -4.762  1.00 19.98 ? 81  ASN A C   1 
ATOM   607  O  O   . ASN A 1 81  ? 1.993   -2.076  -5.988  1.00 19.39 ? 81  ASN A O   1 
ATOM   608  C  CB  . ASN A 1 81  ? -0.462  -2.893  -4.012  1.00 23.37 ? 81  ASN A CB  1 
ATOM   609  C  CG  . ASN A 1 81  ? -1.376  -4.058  -3.749  1.00 26.87 ? 81  ASN A CG  1 
ATOM   610  O  OD1 . ASN A 1 81  ? -1.039  -5.228  -4.032  1.00 29.57 ? 81  ASN A OD1 1 
ATOM   611  N  ND2 . ASN A 1 81  ? -2.535  -3.737  -3.217  1.00 30.55 ? 81  ASN A ND2 1 
ATOM   612  N  N   . GLU A 1 82  ? 2.093   -1.237  -3.885  1.00 17.86 ? 82  GLU A N   1 
ATOM   613  C  CA  . GLU A 1 82  ? 2.810   -0.042  -4.352  1.00 19.33 ? 82  GLU A CA  1 
ATOM   614  C  C   . GLU A 1 82  ? 4.189   -0.536  -4.922  1.00 16.92 ? 82  GLU A C   1 
ATOM   615  O  O   . GLU A 1 82  ? 4.670   -0.027  -5.982  1.00 15.45 ? 82  GLU A O   1 
ATOM   616  C  CB  . GLU A 1 82  ? 3.044   0.940   -3.196  1.00 23.84 ? 82  GLU A CB  1 
ATOM   617  C  CG  . GLU A 1 82  ? 1.798   1.574   -2.798  1.00 35.00 ? 82  GLU A CG  1 
ATOM   618  C  CD  . GLU A 1 82  ? 2.040   2.521   -1.639  1.00 39.87 ? 82  GLU A CD  1 
ATOM   619  O  OE1 . GLU A 1 82  ? 2.552   3.630   -1.936  1.00 43.18 ? 82  GLU A OE1 1 
ATOM   620  O  OE2 . GLU A 1 82  ? 1.725   2.164   -0.464  1.00 44.52 ? 82  GLU A OE2 1 
ATOM   621  N  N   . GLU A 1 83  ? 4.877   -1.437  -4.272  1.00 16.86 ? 83  GLU A N   1 
ATOM   622  C  CA  . GLU A 1 83  ? 6.161   -1.970  -4.706  1.00 15.03 ? 83  GLU A CA  1 
ATOM   623  C  C   . GLU A 1 83  ? 5.986   -2.764  -5.964  1.00 14.16 ? 83  GLU A C   1 
ATOM   624  O  O   . GLU A 1 83  ? 6.819   -2.638  -6.904  1.00 12.43 ? 83  GLU A O   1 
ATOM   625  C  CB  . GLU A 1 83  ? 6.818   -2.847  -3.568  1.00 17.68 ? 83  GLU A CB  1 
ATOM   626  C  CG  . GLU A 1 83  ? 8.069   -3.565  -4.029  1.00 21.16 ? 83  GLU A CG  1 
ATOM   627  C  CD  . GLU A 1 83  ? 9.174   -2.647  -4.497  1.00 24.31 ? 83  GLU A CD  1 
ATOM   628  O  OE1 . GLU A 1 83  ? 9.023   -1.430  -4.229  1.00 24.03 ? 83  GLU A OE1 1 
ATOM   629  O  OE2 . GLU A 1 83  ? 10.198  -3.113  -5.068  1.00 23.41 ? 83  GLU A OE2 1 
ATOM   630  N  N   . GLU A 1 84  ? 4.949   -3.522  -6.110  1.00 15.44 ? 84  GLU A N   1 
ATOM   631  C  CA  . GLU A 1 84  ? 4.723   -4.282  -7.310  1.00 14.82 ? 84  GLU A CA  1 
ATOM   632  C  C   . GLU A 1 84  ? 4.532   -3.341  -8.513  1.00 13.96 ? 84  GLU A C   1 
ATOM   633  O  O   . GLU A 1 84  ? 5.088   -3.631  -9.615  1.00 14.82 ? 84  GLU A O   1 
ATOM   634  C  CB  . GLU A 1 84  ? 3.481   -5.150  -7.187  1.00 20.29 ? 84  GLU A CB  1 
ATOM   635  C  CG  . GLU A 1 84  ? 3.592   -6.514  -6.559  1.00 32.66 ? 84  GLU A CG  1 
ATOM   636  C  CD  . GLU A 1 84  ? 2.125   -7.004  -6.424  1.00 35.68 ? 84  GLU A CD  1 
ATOM   637  O  OE1 . GLU A 1 84  ? 1.361   -7.003  -7.451  1.00 38.61 ? 84  GLU A OE1 1 
ATOM   638  O  OE2 . GLU A 1 84  ? 1.711   -7.313  -5.280  1.00 41.89 ? 84  GLU A OE2 1 
ATOM   639  N  N   . ILE A 1 85  ? 3.817   -2.246  -8.348  1.00 13.10 ? 85  ILE A N   1 
ATOM   640  C  CA  . ILE A 1 85  ? 3.604   -1.293  -9.465  1.00 12.72 ? 85  ILE A CA  1 
ATOM   641  C  C   . ILE A 1 85  ? 4.974   -0.603  -9.787  1.00 11.87 ? 85  ILE A C   1 
ATOM   642  O  O   . ILE A 1 85  ? 5.293   -0.486  -11.004 1.00 12.23 ? 85  ILE A O   1 
ATOM   643  C  CB  . ILE A 1 85  ? 2.524   -0.247  -9.119  1.00 14.53 ? 85  ILE A CB  1 
ATOM   644  C  CG1 . ILE A 1 85  ? 1.141   -0.944  -9.119  1.00 17.25 ? 85  ILE A CG1 1 
ATOM   645  C  CG2 . ILE A 1 85  ? 2.583   0.921   -10.124 1.00 15.66 ? 85  ILE A CG2 1 
ATOM   646  C  CD1 . ILE A 1 85  ? 0.104   -0.026  -8.481  1.00 20.89 ? 85  ILE A CD1 1 
ATOM   647  N  N   . ARG A 1 86  ? 5.757   -0.276  -8.807  1.00 11.27 ? 86  ARG A N   1 
ATOM   648  C  CA  . ARG A 1 86  ? 7.086   0.376   -9.037  1.00 11.12 ? 86  ARG A CA  1 
ATOM   649  C  C   . ARG A 1 86  ? 7.975   -0.618  -9.762  1.00 10.84 ? 86  ARG A C   1 
ATOM   650  O  O   . ARG A 1 86  ? 8.730   -0.185  -10.735 1.00 10.15 ? 86  ARG A O   1 
ATOM   651  C  CB  . ARG A 1 86  ? 7.772   0.743   -7.722  1.00 15.68 ? 86  ARG A CB  1 
ATOM   652  C  CG  . ARG A 1 86  ? 8.789   1.699   -7.906  1.00 17.67 ? 86  ARG A CG  1 
ATOM   653  C  CD  . ARG A 1 86  ? 9.792   1.662   -6.691  1.00 21.35 ? 86  ARG A CD  1 
ATOM   654  N  NE  . ARG A 1 86  ? 10.277  0.268   -6.515  1.00 21.99 ? 86  ARG A NE  1 
ATOM   655  C  CZ  . ARG A 1 86  ? 11.305  -0.218  -7.191  1.00 21.97 ? 86  ARG A CZ  1 
ATOM   656  N  NH1 . ARG A 1 86  ? 11.920  0.560   -8.020  1.00 15.48 ? 86  ARG A NH1 1 
ATOM   657  N  NH2 . ARG A 1 86  ? 11.725  -1.527  -7.087  1.00 19.03 ? 86  ARG A NH2 1 
ATOM   658  N  N   . GLU A 1 87  ? 7.989   -1.876  -9.293  1.00 10.10 ? 87  GLU A N   1 
ATOM   659  C  CA  . GLU A 1 87  ? 8.826   -2.859  -9.984  1.00 10.14 ? 87  GLU A CA  1 
ATOM   660  C  C   . GLU A 1 87  ? 8.349   -3.039  -11.422 1.00 9.39  ? 87  GLU A C   1 
ATOM   661  O  O   . GLU A 1 87  ? 9.232   -3.164  -12.327 1.00 11.74 ? 87  GLU A O   1 
ATOM   662  C  CB  . GLU A 1 87  ? 8.813   -4.215  -9.272  1.00 11.00 ? 87  GLU A CB  1 
ATOM   663  C  CG  . GLU A 1 87  ? 9.445   -4.127  -7.954  1.00 14.51 ? 87  GLU A CG  1 
ATOM   664  C  CD  . GLU A 1 87  ? 9.501   -5.442  -7.183  1.00 20.82 ? 87  GLU A CD  1 
ATOM   665  O  OE1 . GLU A 1 87  ? 9.314   -6.507  -7.806  1.00 25.11 ? 87  GLU A OE1 1 
ATOM   666  O  OE2 . GLU A 1 87  ? 9.817   -5.407  -5.936  1.00 24.76 ? 87  GLU A OE2 1 
ATOM   667  N  N   . ALA A 1 88  ? 7.055   -3.060  -11.650 1.00 10.40 ? 88  ALA A N   1 
ATOM   668  C  CA  . ALA A 1 88  ? 6.596   -3.221  -13.025 1.00 9.46  ? 88  ALA A CA  1 
ATOM   669  C  C   . ALA A 1 88  ? 7.112   -2.046  -13.904 1.00 9.42  ? 88  ALA A C   1 
ATOM   670  O  O   . ALA A 1 88  ? 7.531   -2.237  -15.049 1.00 10.39 ? 88  ALA A O   1 
ATOM   671  C  CB  . ALA A 1 88  ? 5.105   -3.304  -13.083 1.00 12.27 ? 88  ALA A CB  1 
ATOM   672  N  N   . PHE A 1 89  ? 7.000   -0.820  -13.345 1.00 10.76 ? 89  PHE A N   1 
ATOM   673  C  CA  . PHE A 1 89  ? 7.475   0.306   -14.126 1.00 9.10  ? 89  PHE A CA  1 
ATOM   674  C  C   . PHE A 1 89  ? 8.983   0.147   -14.491 1.00 9.81  ? 89  PHE A C   1 
ATOM   675  O  O   . PHE A 1 89  ? 9.376   0.372   -15.667 1.00 9.55  ? 89  PHE A O   1 
ATOM   676  C  CB  . PHE A 1 89  ? 7.259   1.635   -13.332 1.00 9.32  ? 89  PHE A CB  1 
ATOM   677  C  CG  . PHE A 1 89  ? 7.744   2.836   -14.134 1.00 8.79  ? 89  PHE A CG  1 
ATOM   678  C  CD1 . PHE A 1 89  ? 6.905   3.293   -15.148 1.00 8.94  ? 89  PHE A CD1 1 
ATOM   679  C  CD2 . PHE A 1 89  ? 8.970   3.446   -13.898 1.00 8.80  ? 89  PHE A CD2 1 
ATOM   680  C  CE1 . PHE A 1 89  ? 7.287   4.399   -15.919 1.00 8.73  ? 89  PHE A CE1 1 
ATOM   681  C  CE2 . PHE A 1 89  ? 9.389   4.513   -14.660 1.00 8.95  ? 89  PHE A CE2 1 
ATOM   682  C  CZ  . PHE A 1 89  ? 8.532   4.996   -15.687 1.00 9.44  ? 89  PHE A CZ  1 
ATOM   683  N  N   . ARG A 1 90  ? 9.761   -0.305  -13.524 1.00 9.66  ? 90  ARG A N   1 
ATOM   684  C  CA  . ARG A 1 90  ? 11.223  -0.469  -13.777 1.00 9.74  ? 90  ARG A CA  1 
ATOM   685  C  C   . ARG A 1 90  ? 11.423  -1.588  -14.812 1.00 9.28  ? 90  ARG A C   1 
ATOM   686  O  O   . ARG A 1 90  ? 12.325  -1.462  -15.701 1.00 10.83 ? 90  ARG A O   1 
ATOM   687  C  CB  . ARG A 1 90  ? 12.009  -0.802  -12.557 1.00 10.30 ? 90  ARG A CB  1 
ATOM   688  C  CG  . ARG A 1 90  ? 11.905  0.364   -11.634 1.00 11.81 ? 90  ARG A CG  1 
ATOM   689  C  CD  . ARG A 1 90  ? 12.871  1.085   -11.696 1.00 25.08 ? 90  ARG A CD  1 
ATOM   690  N  NE  . ARG A 1 90  ? 13.688  0.501   -10.673 1.00 29.36 ? 90  ARG A NE  1 
ATOM   691  C  CZ  . ARG A 1 90  ? 13.460  -0.433  -9.739  1.00 32.20 ? 90  ARG A CZ  1 
ATOM   692  N  NH1 . ARG A 1 90  ? 12.365  -1.091  -9.532  1.00 35.16 ? 90  ARG A NH1 1 
ATOM   693  N  NH2 . ARG A 1 90  ? 14.481  -0.632  -8.913  1.00 31.69 ? 90  ARG A NH2 1 
ATOM   694  N  N   . VAL A 1 91  ? 10.604  -2.630  -14.812 1.00 9.82  ? 91  VAL A N   1 
ATOM   695  C  CA  . VAL A 1 91  ? 10.750  -3.662  -15.848 1.00 9.61  ? 91  VAL A CA  1 
ATOM   696  C  C   . VAL A 1 91  ? 10.314  -3.093  -17.240 1.00 9.05  ? 91  VAL A C   1 
ATOM   697  O  O   . VAL A 1 91  ? 10.969  -3.349  -18.225 1.00 10.33 ? 91  VAL A O   1 
ATOM   698  C  CB  . VAL A 1 91  ? 9.891   -4.870  -15.458 1.00 10.57 ? 91  VAL A CB  1 
ATOM   699  C  CG1 . VAL A 1 91  ? 9.783   -5.849  -16.675 1.00 11.97 ? 91  VAL A CG1 1 
ATOM   700  C  CG2 . VAL A 1 91  ? 10.558  -5.580  -14.230 1.00 11.50 ? 91  VAL A CG2 1 
ATOM   701  N  N   . PHE A 1 92  ? 9.223   -2.318  -17.322 1.00 9.84  ? 92  PHE A N   1 
ATOM   702  C  CA  . PHE A 1 92  ? 8.805   -1.747  -18.620 1.00 8.78  ? 92  PHE A CA  1 
ATOM   703  C  C   . PHE A 1 92  ? 9.848   -0.781  -19.122 1.00 10.08 ? 92  PHE A C   1 
ATOM   704  O  O   . PHE A 1 92  ? 10.110  -0.727  -20.370 1.00 10.36 ? 92  PHE A O   1 
ATOM   705  C  CB  . PHE A 1 92  ? 7.476   -0.937  -18.491 1.00 9.96  ? 92  PHE A CB  1 
ATOM   706  C  CG  . PHE A 1 92  ? 6.224   -1.745  -18.527 1.00 10.02 ? 92  PHE A CG  1 
ATOM   707  C  CD1 . PHE A 1 92  ? 6.121   -2.934  -17.834 1.00 11.53 ? 92  PHE A CD1 1 
ATOM   708  C  CD2 . PHE A 1 92  ? 5.148   -1.285  -19.231 1.00 12.04 ? 92  PHE A CD2 1 
ATOM   709  C  CE1 . PHE A 1 92  ? 4.945   -3.680  -17.903 1.00 12.55 ? 92  PHE A CE1 1 
ATOM   710  C  CE2 . PHE A 1 92  ? 3.944   -2.027  -19.319 1.00 13.25 ? 92  PHE A CE2 1 
ATOM   711  C  CZ  . PHE A 1 92  ? 3.885   -3.237  -18.663 1.00 14.06 ? 92  PHE A CZ  1 
ATOM   712  N  N   . ASP A 1 93  ? 10.516  -0.013  -18.243 1.00 9.24  ? 93  ASP A N   1 
ATOM   713  C  CA  . ASP A 1 93  ? 11.538  1.013   -18.635 1.00 9.94  ? 93  ASP A CA  1 
ATOM   714  C  C   . ASP A 1 93  ? 12.877  0.278   -18.854 1.00 10.29 ? 93  ASP A C   1 
ATOM   715  O  O   . ASP A 1 93  ? 13.830  0.379   -18.038 1.00 11.22 ? 93  ASP A O   1 
ATOM   716  C  CB  . ASP A 1 93  ? 11.661  2.023   -17.466 1.00 8.78  ? 93  ASP A CB  1 
ATOM   717  C  CG  . ASP A 1 93  ? 12.754  3.045   -17.737 1.00 13.32 ? 93  ASP A CG  1 
ATOM   718  O  OD1 . ASP A 1 93  ? 13.157  3.197   -18.918 1.00 12.65 ? 93  ASP A OD1 1 
ATOM   719  O  OD2 . ASP A 1 93  ? 13.253  3.629   -16.712 1.00 14.72 ? 93  ASP A OD2 1 
ATOM   720  N  N   . LYS A 1 94  ? 12.968  -0.420  -20.006 1.00 10.67 ? 94  LYS A N   1 
ATOM   721  C  CA  . LYS A 1 94  ? 14.094  -1.329  -20.255 1.00 9.39  ? 94  LYS A CA  1 
ATOM   722  C  C   . LYS A 1 94  ? 15.463  -0.606  -20.229 1.00 12.65 ? 94  LYS A C   1 
ATOM   723  O  O   . LYS A 1 94  ? 16.408  -1.176  -19.607 1.00 15.40 ? 94  LYS A O   1 
ATOM   724  C  CB  . LYS A 1 94  ? 13.840  -2.004  -21.603 1.00 13.19 ? 94  LYS A CB  1 
ATOM   725  C  CG  . LYS A 1 94  ? 14.927  -3.075  -21.846 1.00 17.25 ? 94  LYS A CG  1 
ATOM   726  C  CD  . LYS A 1 94  ? 14.488  -4.004  -22.937 1.00 22.25 ? 94  LYS A CD  1 
ATOM   727  C  CE  . LYS A 1 94  ? 15.599  -5.102  -23.421 1.00 25.42 ? 94  LYS A CE  1 
ATOM   728  N  NZ  . LYS A 1 94  ? 16.951  -4.474  -23.344 1.00 33.00 ? 94  LYS A NZ  1 
ATOM   729  N  N   . ASP A 1 95  ? 15.565  0.633   -20.705 1.00 11.74 ? 95  ASP A N   1 
ATOM   730  C  CA  . ASP A 1 95  ? 16.892  1.293   -20.678 1.00 13.25 ? 95  ASP A CA  1 
ATOM   731  C  C   . ASP A 1 95  ? 17.100  2.070   -19.432 1.00 15.22 ? 95  ASP A C   1 
ATOM   732  O  O   . ASP A 1 95  ? 18.223  2.677   -19.315 1.00 16.30 ? 95  ASP A O   1 
ATOM   733  C  CB  . ASP A 1 95  ? 17.080  2.133   -21.904 1.00 13.43 ? 95  ASP A CB  1 
ATOM   734  C  CG  . ASP A 1 95  ? 16.236  3.431   -21.956 1.00 14.29 ? 95  ASP A CG  1 
ATOM   735  O  OD1 . ASP A 1 95  ? 15.457  3.738   -21.086 1.00 13.79 ? 95  ASP A OD1 1 
ATOM   736  O  OD2 . ASP A 1 95  ? 16.382  4.192   -23.020 1.00 17.65 ? 95  ASP A OD2 1 
ATOM   737  N  N   . GLY A 1 96  ? 16.191  2.012   -18.480 1.00 14.73 ? 96  GLY A N   1 
ATOM   738  C  CA  . GLY A 1 96  ? 16.402  2.648   -17.158 1.00 17.10 ? 96  GLY A CA  1 
ATOM   739  C  C   . GLY A 1 96  ? 16.486  4.162   -17.128 1.00 17.44 ? 96  GLY A C   1 
ATOM   740  O  O   . GLY A 1 96  ? 16.927  4.724   -16.093 1.00 20.80 ? 96  GLY A O   1 
ATOM   741  N  N   . ASN A 1 97  ? 16.000  4.823   -18.158 1.00 13.56 ? 97  ASN A N   1 
ATOM   742  C  CA  . ASN A 1 97  ? 16.057  6.258   -18.157 1.00 12.77 ? 97  ASN A CA  1 
ATOM   743  C  C   . ASN A 1 97  ? 14.961  6.982   -17.413 1.00 14.28 ? 97  ASN A C   1 
ATOM   744  O  O   . ASN A 1 97  ? 14.906  8.235   -17.404 1.00 15.83 ? 97  ASN A O   1 
ATOM   745  C  CB  . ASN A 1 97  ? 16.222  6.779   -19.567 1.00 16.24 ? 97  ASN A CB  1 
ATOM   746  C  CG  . ASN A 1 97  ? 14.912  6.808   -20.380 1.00 15.53 ? 97  ASN A CG  1 
ATOM   747  O  OD1 . ASN A 1 97  ? 14.027  6.076   -20.058 1.00 13.70 ? 97  ASN A OD1 1 
ATOM   748  N  ND2 . ASN A 1 97  ? 14.865  7.550   -21.480 1.00 18.03 ? 97  ASN A ND2 1 
ATOM   749  N  N   . GLY A 1 98  ? 14.047  6.226   -16.861 1.00 11.90 ? 98  GLY A N   1 
ATOM   750  C  CA  . GLY A 1 98  ? 12.960  6.775   -16.066 1.00 14.67 ? 98  GLY A CA  1 
ATOM   751  C  C   . GLY A 1 98  ? 11.660  7.027   -16.874 1.00 12.01 ? 98  GLY A C   1 
ATOM   752  O  O   . GLY A 1 98  ? 10.654  7.508   -16.334 1.00 13.82 ? 98  GLY A O   1 
ATOM   753  N  N   . PHE A 1 99  ? 11.627  6.697   -18.168 1.00 11.59 ? 99  PHE A N   1 
ATOM   754  C  CA  . PHE A 1 99  ? 10.453  6.906   -19.023 1.00 12.08 ? 99  PHE A CA  1 
ATOM   755  C  C   . PHE A 1 99  ? 10.230  5.640   -19.875 1.00 11.12 ? 99  PHE A C   1 
ATOM   756  O  O   . PHE A 1 99  ? 11.213  5.066   -20.344 1.00 14.21 ? 99  PHE A O   1 
ATOM   757  C  CB  . PHE A 1 99  ? 10.715  8.086   -19.966 1.00 12.46 ? 99  PHE A CB  1 
ATOM   758  C  CG  . PHE A 1 99  ? 10.977  9.404   -19.203 1.00 13.51 ? 99  PHE A CG  1 
ATOM   759  C  CD1 . PHE A 1 99  ? 12.238  9.708   -18.778 1.00 14.45 ? 99  PHE A CD1 1 
ATOM   760  C  CD2 . PHE A 1 99  ? 9.895   10.206  -18.900 1.00 16.06 ? 99  PHE A CD2 1 
ATOM   761  C  CE1 . PHE A 1 99  ? 12.438  10.845  -18.007 1.00 17.07 ? 99  PHE A CE1 1 
ATOM   762  C  CE2 . PHE A 1 99  ? 10.045  11.411  -18.090 1.00 15.39 ? 99  PHE A CE2 1 
ATOM   763  C  CZ  . PHE A 1 99  ? 11.351  11.709  -17.637 1.00 15.75 ? 99  PHE A CZ  1 
ATOM   764  N  N   . VAL A 1 100 ? 8.968   5.274   -20.030 1.00 9.06  ? 100 VAL A N   1 
ATOM   765  C  CA  . VAL A 1 100 ? 8.638   4.130   -20.926 1.00 9.33  ? 100 VAL A CA  1 
ATOM   766  C  C   . VAL A 1 100 ? 8.296   4.704   -22.285 1.00 9.88  ? 100 VAL A C   1 
ATOM   767  O  O   . VAL A 1 100 ? 7.348   5.467   -22.485 1.00 10.19 ? 100 VAL A O   1 
ATOM   768  C  CB  . VAL A 1 100 ? 7.469   3.340   -20.381 1.00 9.68  ? 100 VAL A CB  1 
ATOM   769  C  CG1 . VAL A 1 100 ? 7.066   2.199   -21.435 1.00 9.48  ? 100 VAL A CG1 1 
ATOM   770  C  CG2 . VAL A 1 100 ? 7.820   2.719   -19.049 1.00 11.46 ? 100 VAL A CG2 1 
ATOM   771  N  N   . SER A 1 101 ? 9.107   4.336   -23.282 1.00 8.67  ? 101 SER A N   1 
ATOM   772  C  CA  . SER A 1 101 ? 8.837   4.776   -24.643 1.00 9.80  ? 101 SER A CA  1 
ATOM   773  C  C   . SER A 1 101 ? 7.856   3.804   -25.359 1.00 9.22  ? 101 SER A C   1 
ATOM   774  O  O   . SER A 1 101 ? 7.563   2.712   -24.840 1.00 10.19 ? 101 SER A O   1 
ATOM   775  C  CB  . SER A 1 101 ? 10.107  4.747   -25.465 1.00 11.00 ? 101 SER A CB  1 
ATOM   776  O  OG  . SER A 1 101 ? 10.610  3.390   -25.645 1.00 12.49 ? 101 SER A OG  1 
ATOM   777  N  N   . ALA A 1 102 ? 7.335   4.275   -26.482 1.00 10.52 ? 102 ALA A N   1 
ATOM   778  C  CA  . ALA A 1 102 ? 6.472   3.385   -27.265 1.00 11.72 ? 102 ALA A CA  1 
ATOM   779  C  C   . ALA A 1 102 ? 7.205   2.092   -27.668 1.00 10.57 ? 102 ALA A C   1 
ATOM   780  O  O   . ALA A 1 102 ? 6.591   0.988   -27.531 1.00 11.16 ? 102 ALA A O   1 
ATOM   781  C  CB  . ALA A 1 102 ? 5.979   4.146   -28.508 1.00 11.47 ? 102 ALA A CB  1 
ATOM   782  N  N   . ALA A 1 103 ? 8.463   2.196   -28.095 1.00 10.04 ? 103 ALA A N   1 
ATOM   783  C  CA  . ALA A 1 103 ? 9.171   0.932   -28.433 1.00 10.06 ? 103 ALA A CA  1 
ATOM   784  C  C   . ALA A 1 103 ? 9.306   0.019   -27.178 1.00 9.74  ? 103 ALA A C   1 
ATOM   785  O  O   . ALA A 1 103 ? 9.116   -1.229  -27.271 1.00 10.73 ? 103 ALA A O   1 
ATOM   786  C  CB  . ALA A 1 103 ? 10.541  1.295   -28.999 1.00 13.29 ? 103 ALA A CB  1 
ATOM   787  N  N   . GLU A 1 104 ? 9.653   0.623   -26.015 1.00 9.14  ? 104 GLU A N   1 
ATOM   788  C  CA  . GLU A 1 104 ? 9.720   -0.233  -24.821 1.00 9.44  ? 104 GLU A CA  1 
ATOM   789  C  C   . GLU A 1 104 ? 8.404   -0.877  -24.493 1.00 9.62  ? 104 GLU A C   1 
ATOM   790  O  O   . GLU A 1 104 ? 8.356   -2.037  -24.107 1.00 10.52 ? 104 GLU A O   1 
ATOM   791  C  CB  . GLU A 1 104 ? 10.174  0.628   -23.629 1.00 8.51  ? 104 GLU A CB  1 
ATOM   792  C  CG  . GLU A 1 104 ? 11.710  0.924   -23.746 1.00 8.78  ? 104 GLU A CG  1 
ATOM   793  C  CD  . GLU A 1 104 ? 12.175  1.904   -22.669 1.00 11.97 ? 104 GLU A CD  1 
ATOM   794  O  OE1 . GLU A 1 104 ? 11.387  2.672   -22.127 1.00 10.87 ? 104 GLU A OE1 1 
ATOM   795  O  OE2 . GLU A 1 104 ? 13.427  1.949   -22.420 1.00 11.17 ? 104 GLU A OE2 1 
ATOM   796  N  N   . LEU A 1 105 ? 7.295   -0.112  -24.604 1.00 9.19  ? 105 LEU A N   1 
ATOM   797  C  CA  . LEU A 1 105 ? 6.018   -0.680  -24.234 1.00 8.78  ? 105 LEU A CA  1 
ATOM   798  C  C   . LEU A 1 105 ? 5.642   -1.847  -25.234 1.00 7.85  ? 105 LEU A C   1 
ATOM   799  O  O   . LEU A 1 105 ? 5.169   -2.867  -24.775 1.00 9.31  ? 105 LEU A O   1 
ATOM   800  C  CB  . LEU A 1 105 ? 4.928   0.428   -24.295 1.00 9.75  ? 105 LEU A CB  1 
ATOM   801  C  CG  . LEU A 1 105 ? 3.523   -0.047  -24.032 1.00 9.99  ? 105 LEU A CG  1 
ATOM   802  C  CD1 . LEU A 1 105 ? 3.435   -0.731  -22.601 1.00 10.29 ? 105 LEU A CD1 1 
ATOM   803  C  CD2 . LEU A 1 105 ? 2.561   1.203   -24.123 1.00 12.42 ? 105 LEU A CD2 1 
ATOM   804  N  N   . ARG A 1 106 ? 5.906   -1.637  -26.545 1.00 8.89  ? 106 ARG A N   1 
ATOM   805  C  CA  . ARG A 1 106 ? 5.559   -2.732  -27.481 1.00 9.38  ? 106 ARG A CA  1 
ATOM   806  C  C   . ARG A 1 106 ? 6.361   -3.999  -27.122 1.00 10.31 ? 106 ARG A C   1 
ATOM   807  O  O   . ARG A 1 106 ? 5.812   -5.093  -27.068 1.00 10.58 ? 106 ARG A O   1 
ATOM   808  C  CB  . ARG A 1 106 ? 5.815   -2.296  -28.910 1.00 8.47  ? 106 ARG A CB  1 
ATOM   809  C  CG  . ARG A 1 106 ? 5.239   -3.360  -29.838 1.00 11.16 ? 106 ARG A CG  1 
ATOM   810  C  CD  . ARG A 1 106 ? 5.205   -2.745  -31.240 1.00 12.01 ? 106 ARG A CD  1 
ATOM   811  N  NE  . ARG A 1 106 ? 4.582   -3.685  -32.229 1.00 11.26 ? 106 ARG A NE  1 
ATOM   812  C  CZ  . ARG A 1 106 ? 5.179   -4.215  -33.284 1.00 13.39 ? 106 ARG A CZ  1 
ATOM   813  N  NH1 . ARG A 1 106 ? 6.452   -3.920  -33.574 1.00 12.75 ? 106 ARG A NH1 1 
ATOM   814  N  NH2 . ARG A 1 106 ? 4.507   -5.062  -34.093 1.00 13.47 ? 106 ARG A NH2 1 
ATOM   815  N  N   . HIS A 1 107 ? 7.635   -3.789  -26.835 1.00 10.52 ? 107 HIS A N   1 
ATOM   816  C  CA  . HIS A 1 107 ? 8.461   -4.953  -26.496 1.00 10.67 ? 107 HIS A CA  1 
ATOM   817  C  C   . HIS A 1 107 ? 8.055   -5.628  -25.189 1.00 12.11 ? 107 HIS A C   1 
ATOM   818  O  O   . HIS A 1 107 ? 7.921   -6.881  -25.130 1.00 11.49 ? 107 HIS A O   1 
ATOM   819  C  CB  . HIS A 1 107 ? 9.883   -4.514  -26.349 1.00 11.91 ? 107 HIS A CB  1 
ATOM   820  C  CG  . HIS A 1 107 ? 10.762  -5.642  -25.947 1.00 12.72 ? 107 HIS A CG  1 
ATOM   821  N  ND1 . HIS A 1 107 ? 10.966  -6.709  -26.802 1.00 18.26 ? 107 HIS A ND1 1 
ATOM   822  C  CD2 . HIS A 1 107 ? 11.374  -5.910  -24.777 1.00 14.73 ? 107 HIS A CD2 1 
ATOM   823  C  CE1 . HIS A 1 107 ? 11.693  -7.616  -26.139 1.00 21.12 ? 107 HIS A CE1 1 
ATOM   824  N  NE2 . HIS A 1 107 ? 11.956  -7.147  -24.924 1.00 17.98 ? 107 HIS A NE2 1 
ATOM   825  N  N   . VAL A 1 108 ? 7.789   -4.893  -24.129 1.00 8.88  ? 108 VAL A N   1 
ATOM   826  C  CA  . VAL A 1 108 ? 7.478   -5.566  -22.911 1.00 10.46 ? 108 VAL A CA  1 
ATOM   827  C  C   . VAL A 1 108 ? 6.053   -6.240  -22.997 1.00 10.66 ? 108 VAL A C   1 
ATOM   828  O  O   . VAL A 1 108 ? 5.813   -7.247  -22.354 1.00 11.04 ? 108 VAL A O   1 
ATOM   829  C  CB  . VAL A 1 108 ? 7.550   -4.599  -21.711 1.00 11.62 ? 108 VAL A CB  1 
ATOM   830  C  CG1 . VAL A 1 108 ? 6.367   -3.646  -21.639 1.00 13.42 ? 108 VAL A CG1 1 
ATOM   831  C  CG2 . VAL A 1 108 ? 7.552   -5.414  -20.445 1.00 13.02 ? 108 VAL A CG2 1 
ATOM   832  N  N   . MET A 1 109 ? 5.121   -5.658  -23.792 1.00 10.32 ? 109 MET A N   1 
ATOM   833  C  CA  . MET A 1 109 ? 3.829   -6.350  -23.923 1.00 9.53  ? 109 MET A CA  1 
ATOM   834  C  C   . MET A 1 109 ? 3.986   -7.693  -24.569 1.00 11.70 ? 109 MET A C   1 
ATOM   835  O  O   . MET A 1 109 ? 3.241   -8.611  -24.147 1.00 12.44 ? 109 MET A O   1 
ATOM   836  C  CB  . MET A 1 109 ? 2.845   -5.404  -24.618 1.00 11.65 ? 109 MET A CB  1 
ATOM   837  C  CG  . MET A 1 109 ? 2.558   -4.163  -23.772 1.00 13.58 ? 109 MET A CG  1 
ATOM   838  S  SD  . MET A 1 109 ? 1.847   -4.461  -22.147 1.00 16.58 ? 109 MET A SD  1 
ATOM   839  C  CE  . MET A 1 109 ? 0.499   -5.282  -22.658 1.00 20.74 ? 109 MET A CE  1 
ATOM   840  N  N   . THR A 1 110 ? 4.940   -7.793  -25.494 1.00 12.67 ? 110 THR A N   1 
ATOM   841  C  CA  . THR A 1 110 ? 5.170   -9.167  -26.056 1.00 14.50 ? 110 THR A CA  1 
ATOM   842  C  C   . THR A 1 110 ? 5.620   -10.147 -24.950 1.00 15.36 ? 110 THR A C   1 
ATOM   843  O  O   . THR A 1 110 ? 5.304   -11.309 -24.907 1.00 15.32 ? 110 THR A O   1 
ATOM   844  C  CB  . THR A 1 110 ? 6.151   -9.230  -27.172 1.00 15.55 ? 110 THR A CB  1 
ATOM   845  O  OG1 . THR A 1 110 ? 7.531   -9.144  -26.668 1.00 20.33 ? 110 THR A OG1 1 
ATOM   846  C  CG2 . THR A 1 110 ? 5.762   -8.224  -28.206 1.00 16.05 ? 110 THR A CG2 1 
ATOM   847  N  N   . ARG A 1 111 ? 6.417   -9.688  -23.979 1.00 16.50 ? 111 ARG A N   1 
ATOM   848  C  CA  . ARG A 1 111 ? 6.863   -10.563 -22.898 1.00 17.34 ? 111 ARG A CA  1 
ATOM   849  C  C   . ARG A 1 111 ? 5.761   -10.969 -22.028 1.00 20.14 ? 111 ARG A C   1 
ATOM   850  O  O   . ARG A 1 111 ? 5.897   -12.005 -21.354 1.00 20.05 ? 111 ARG A O   1 
ATOM   851  C  CB  . ARG A 1 111 ? 7.894   -9.772  -22.034 1.00 18.80 ? 111 ARG A CB  1 
ATOM   852  C  CG  . ARG A 1 111 ? 9.086   -9.619  -22.993 1.00 24.56 ? 111 ARG A CG  1 
ATOM   853  C  CD  . ARG A 1 111 ? 10.463  -10.149 -22.624 1.00 21.00 ? 111 ARG A CD  1 
ATOM   854  N  NE  . ARG A 1 111 ? 10.690  -10.695 -21.254 1.00 18.84 ? 111 ARG A NE  1 
ATOM   855  C  CZ  . ARG A 1 111 ? 10.379  -11.920 -20.780 1.00 23.55 ? 111 ARG A CZ  1 
ATOM   856  N  NH1 . ARG A 1 111 ? 9.794   -12.846 -21.601 1.00 24.60 ? 111 ARG A NH1 1 
ATOM   857  N  NH2 . ARG A 1 111 ? 10.500  -12.181 -19.445 1.00 22.79 ? 111 ARG A NH2 1 
ATOM   858  N  N   . LEU A 1 112 ? 4.691   -10.167 -21.965 1.00 16.98 ? 112 LEU A N   1 
ATOM   859  C  CA  . LEU A 1 112 ? 3.520   -10.449 -21.184 1.00 19.11 ? 112 LEU A CA  1 
ATOM   860  C  C   . LEU A 1 112 ? 2.516   -11.227 -21.986 1.00 17.42 ? 112 LEU A C   1 
ATOM   861  O  O   . LEU A 1 112 ? 1.375   -11.400 -21.537 1.00 20.45 ? 112 LEU A O   1 
ATOM   862  C  CB  . LEU A 1 112 ? 2.944   -9.167  -20.627 1.00 18.41 ? 112 LEU A CB  1 
ATOM   863  C  CG  . LEU A 1 112 ? 3.876   -8.570  -19.584 1.00 20.97 ? 112 LEU A CG  1 
ATOM   864  C  CD1 . LEU A 1 112 ? 3.749   -9.324  -18.254 1.00 24.19 ? 112 LEU A CD1 1 
ATOM   865  C  CD2 . LEU A 1 112 ? 5.215   -8.671  -20.063 1.00 26.96 ? 112 LEU A CD2 1 
ATOM   866  N  N   . GLY A 1 113 ? 2.873   -11.557 -23.205 1.00 16.06 ? 113 GLY A N   1 
ATOM   867  C  CA  . GLY A 1 113 ? 1.950   -12.374 -24.069 1.00 15.63 ? 113 GLY A CA  1 
ATOM   868  C  C   . GLY A 1 113 ? 1.008   -11.610 -24.952 1.00 18.14 ? 113 GLY A C   1 
ATOM   869  O  O   . GLY A 1 113 ? 0.077   -12.193 -25.485 1.00 17.36 ? 113 GLY A O   1 
ATOM   870  N  N   . GLU A 1 114 ? 1.208   -10.318 -25.096 1.00 13.74 ? 114 GLU A N   1 
ATOM   871  C  CA  . GLU A 1 114 ? 0.316   -9.495  -25.960 1.00 13.29 ? 114 GLU A CA  1 
ATOM   872  C  C   . GLU A 1 114 ? 1.075   -8.985  -27.160 1.00 12.57 ? 114 GLU A C   1 
ATOM   873  O  O   . GLU A 1 114 ? 2.047   -8.175  -27.027 1.00 14.84 ? 114 GLU A O   1 
ATOM   874  C  CB  . GLU A 1 114 ? -0.250  -8.324  -25.198 1.00 12.39 ? 114 GLU A CB  1 
ATOM   875  C  CG  . GLU A 1 114 ? -1.147  -8.795  -24.060 1.00 17.01 ? 114 GLU A CG  1 
ATOM   876  C  CD  . GLU A 1 114 ? -2.029  -7.649  -23.513 1.00 19.05 ? 114 GLU A CD  1 
ATOM   877  O  OE1 . GLU A 1 114 ? -2.348  -6.759  -24.261 1.00 21.72 ? 114 GLU A OE1 1 
ATOM   878  O  OE2 . GLU A 1 114 ? -2.366  -7.724  -22.335 1.00 26.65 ? 114 GLU A OE2 1 
ATOM   879  N  N   . LYS A 1 115 ? 0.687   -9.339  -28.373 1.00 10.68 ? 115 LYS A N   1 
ATOM   880  C  CA  . LYS A 1 115 ? 1.310   -8.862  -29.586 1.00 11.62 ? 115 LYS A CA  1 
ATOM   881  C  C   . LYS A 1 115 ? 0.421   -7.740  -30.089 1.00 11.45 ? 115 LYS A C   1 
ATOM   882  O  O   . LYS A 1 115 ? -0.691  -7.972  -30.670 1.00 13.48 ? 115 LYS A O   1 
ATOM   883  C  CB  . LYS A 1 115 ? 1.444   -9.991  -30.657 1.00 12.73 ? 115 LYS A CB  1 
ATOM   884  C  CG  . LYS A 1 115 ? 2.521   -11.034 -30.257 1.00 14.91 ? 115 LYS A CG  1 
ATOM   885  C  CD  . LYS A 1 115 ? 2.694   -12.141 -31.331 1.00 17.08 ? 115 LYS A CD  1 
ATOM   886  C  CE  . LYS A 1 115 ? 3.939   -12.894 -30.973 1.00 17.53 ? 115 LYS A CE  1 
ATOM   887  N  NZ  . LYS A 1 115 ? 4.165   -13.889 -32.021 1.00 20.08 ? 115 LYS A NZ  1 
ATOM   888  N  N   . LEU A 1 116 ? 0.887   -6.482  -29.920 1.00 9.43  ? 116 LEU A N   1 
ATOM   889  C  CA  . LEU A 1 116 ? 0.169   -5.338  -30.268 1.00 8.79  ? 116 LEU A CA  1 
ATOM   890  C  C   . LEU A 1 116 ? 0.820   -4.637  -31.442 1.00 9.60  ? 116 LEU A C   1 
ATOM   891  O  O   . LEU A 1 116 ? 2.078   -4.707  -31.570 1.00 11.65 ? 116 LEU A O   1 
ATOM   892  C  CB  . LEU A 1 116 ? 0.111   -4.368  -29.039 1.00 10.96 ? 116 LEU A CB  1 
ATOM   893  C  CG  . LEU A 1 116 ? -0.410  -5.000  -27.735 1.00 12.80 ? 116 LEU A CG  1 
ATOM   894  C  CD1 . LEU A 1 116 ? -0.238  -3.992  -26.602 1.00 14.31 ? 116 LEU A CD1 1 
ATOM   895  C  CD2 . LEU A 1 116 ? -1.828  -5.425  -27.907 1.00 16.50 ? 116 LEU A CD2 1 
ATOM   896  N  N   . SER A 1 117 ? 0.089   -3.950  -32.293 1.00 8.31  ? 117 SER A N   1 
ATOM   897  C  CA  . SER A 1 117 ? 0.637   -3.212  -33.452 1.00 7.32  ? 117 SER A CA  1 
ATOM   898  C  C   . SER A 1 117 ? 1.269   -1.923  -32.954 1.00 9.64  ? 117 SER A C   1 
ATOM   899  O  O   . SER A 1 117 ? 1.005   -1.435  -31.792 1.00 8.78  ? 117 SER A O   1 
ATOM   900  C  CB  . SER A 1 117 ? -0.470  -2.824  -34.382 1.00 10.18 ? 117 SER A CB  1 
ATOM   901  O  OG  . SER A 1 117 ? -1.372  -1.903  -33.827 1.00 10.18 ? 117 SER A OG  1 
ATOM   902  N  N   . ASP A 1 118 ? 2.100   -1.301  -33.788 1.00 8.81  ? 118 ASP A N   1 
ATOM   903  C  CA  . ASP A 1 118 ? 2.686   -0.020  -33.415 1.00 9.40  ? 118 ASP A CA  1 
ATOM   904  C  C   . ASP A 1 118 ? 1.571   0.984   -33.217 1.00 10.50 ? 118 ASP A C   1 
ATOM   905  O  O   . ASP A 1 118 ? 1.678   1.777   -32.263 1.00 10.04 ? 118 ASP A O   1 
ATOM   906  C  CB  . ASP A 1 118 ? 3.581   0.500   -34.535 1.00 11.78 ? 118 ASP A CB  1 
ATOM   907  C  CG  . ASP A 1 118 ? 4.917   -0.184  -34.596 1.00 14.69 ? 118 ASP A CG  1 
ATOM   908  O  OD1 . ASP A 1 118 ? 5.355   -0.850  -33.689 1.00 15.86 ? 118 ASP A OD1 1 
ATOM   909  O  OD2 . ASP A 1 118 ? 5.559   0.094   -35.635 1.00 18.95 ? 118 ASP A OD2 1 
ATOM   910  N  N   . GLU A 1 119 ? 0.473   0.952   -33.999 1.00 9.37  ? 119 GLU A N   1 
ATOM   911  C  CA  . GLU A 1 119 ? -0.571  1.926   -33.766 1.00 10.13 ? 119 GLU A CA  1 
ATOM   912  C  C   . GLU A 1 119 ? -1.241  1.701   -32.427 1.00 10.02 ? 119 GLU A C   1 
ATOM   913  O  O   . GLU A 1 119 ? -1.553  2.706   -31.766 1.00 10.62 ? 119 GLU A O   1 
ATOM   914  C  CB  . GLU A 1 119 ? -1.564  1.811   -34.947 1.00 12.99 ? 119 GLU A CB  1 
ATOM   915  C  CG  . GLU A 1 119 ? -2.702  2.736   -34.751 1.00 17.21 ? 119 GLU A CG  1 
ATOM   916  C  CD  . GLU A 1 119 ? -3.154  3.370   -36.022 1.00 21.75 ? 119 GLU A CD  1 
ATOM   917  O  OE1 . GLU A 1 119 ? -3.214  2.568   -37.002 1.00 23.02 ? 119 GLU A OE1 1 
ATOM   918  O  OE2 . GLU A 1 119 ? -3.419  4.653   -35.979 1.00 21.02 ? 119 GLU A OE2 1 
ATOM   919  N  N   . GLU A 1 120 ? -1.526  0.461   -32.090 1.00 9.17  ? 120 GLU A N   1 
ATOM   920  C  CA  . GLU A 1 120 ? -2.156  0.215   -30.781 1.00 9.75  ? 120 GLU A CA  1 
ATOM   921  C  C   . GLU A 1 120 ? -1.259  0.667   -29.620 1.00 10.09 ? 120 GLU A C   1 
ATOM   922  O  O   . GLU A 1 120 ? -1.784  1.232   -28.648 1.00 11.23 ? 120 GLU A O   1 
ATOM   923  C  CB  . GLU A 1 120 ? -2.442  -1.328  -30.580 1.00 8.83  ? 120 GLU A CB  1 
ATOM   924  C  CG  . GLU A 1 120 ? -3.604  -1.765  -31.453 1.00 9.71  ? 120 GLU A CG  1 
ATOM   925  C  CD  . GLU A 1 120 ? -3.773  -3.288  -31.614 1.00 11.34 ? 120 GLU A CD  1 
ATOM   926  O  OE1 . GLU A 1 120 ? -2.788  -4.029  -31.515 1.00 11.44 ? 120 GLU A OE1 1 
ATOM   927  O  OE2 . GLU A 1 120 ? -4.971  -3.636  -31.926 1.00 13.74 ? 120 GLU A OE2 1 
ATOM   928  N  N   . VAL A 1 121 ? 0.041   0.422   -29.715 1.00 8.15  ? 121 VAL A N   1 
ATOM   929  C  CA  . VAL A 1 121 ? 0.900   0.845   -28.586 1.00 8.52  ? 121 VAL A CA  1 
ATOM   930  C  C   . VAL A 1 121 ? 0.905   2.369   -28.569 1.00 10.88 ? 121 VAL A C   1 
ATOM   931  O  O   . VAL A 1 121 ? 0.918   2.933   -27.467 1.00 10.28 ? 121 VAL A O   1 
ATOM   932  C  CB  . VAL A 1 121 ? 2.293   0.274   -28.865 1.00 10.71 ? 121 VAL A CB  1 
ATOM   933  C  CG1 . VAL A 1 121 ? 3.264   0.901   -27.899 1.00 12.03 ? 121 VAL A CG1 1 
ATOM   934  C  CG2 . VAL A 1 121 ? 2.187   -1.290  -28.667 1.00 12.17 ? 121 VAL A CG2 1 
ATOM   935  N  N   . ASP A 1 122 ? 1.009   3.006   -29.732 1.00 9.08  ? 122 ASP A N   1 
ATOM   936  C  CA  . ASP A 1 122 ? 1.036   4.501   -29.746 1.00 10.55 ? 122 ASP A CA  1 
ATOM   937  C  C   . ASP A 1 122 ? -0.298  5.054   -29.131 1.00 9.44  ? 122 ASP A C   1 
ATOM   938  O  O   . ASP A 1 122 ? -0.181  6.061   -28.392 1.00 11.20 ? 122 ASP A O   1 
ATOM   939  C  CB  . ASP A 1 122 ? 1.278   5.063   -31.148 1.00 11.54 ? 122 ASP A CB  1 
ATOM   940  C  CG  . ASP A 1 122 ? 2.665   4.788   -31.657 1.00 15.46 ? 122 ASP A CG  1 
ATOM   941  O  OD1 . ASP A 1 122 ? 3.534   4.280   -30.850 1.00 16.56 ? 122 ASP A OD1 1 
ATOM   942  O  OD2 . ASP A 1 122 ? 2.804   4.989   -32.838 1.00 15.22 ? 122 ASP A OD2 1 
ATOM   943  N  N   . GLU A 1 123 ? -1.422  4.417   -29.389 1.00 8.87  ? 123 GLU A N   1 
ATOM   944  C  CA  . GLU A 1 123 ? -2.696  4.853   -28.718 1.00 9.92  ? 123 GLU A CA  1 
ATOM   945  C  C   . GLU A 1 123 ? -2.542  4.692   -27.205 1.00 10.17 ? 123 GLU A C   1 
ATOM   946  O  O   . GLU A 1 123 ? -3.005  5.579   -26.471 1.00 11.38 ? 123 GLU A O   1 
ATOM   947  C  CB  . GLU A 1 123 ? -3.835  3.966   -29.240 1.00 10.19 ? 123 GLU A CB  1 
ATOM   948  C  CG  . GLU A 1 123 ? -4.128  4.294   -30.707 1.00 11.19 ? 123 GLU A CG  1 
ATOM   949  C  CD  . GLU A 1 123 ? -5.071  3.372   -31.331 1.00 14.98 ? 123 GLU A CD  1 
ATOM   950  O  OE1 . GLU A 1 123 ? -5.517  3.706   -32.502 1.00 16.04 ? 123 GLU A OE1 1 
ATOM   951  O  OE2 . GLU A 1 123 ? -5.457  2.333   -30.731 1.00 17.44 ? 123 GLU A OE2 1 
ATOM   952  N  N   . MET A 1 124 ? -1.921  3.589   -26.721 1.00 9.41  ? 124 MET A N   1 
ATOM   953  C  CA  . MET A 1 124 ? -1.776  3.405   -25.279 1.00 10.45 ? 124 MET A CA  1 
ATOM   954  C  C   . MET A 1 124 ? -0.893  4.580   -24.716 1.00 10.61 ? 124 MET A C   1 
ATOM   955  O  O   . MET A 1 124 ? -1.163  5.084   -23.607 1.00 11.17 ? 124 MET A O   1 
ATOM   956  C  CB  . MET A 1 124 ? -1.138  2.045   -25.044 1.00 10.61 ? 124 MET A CB  1 
ATOM   957  C  CG  . MET A 1 124 ? -2.107  0.957   -25.305 1.00 11.91 ? 124 MET A CG  1 
ATOM   958  S  SD  . MET A 1 124 ? -1.276  -0.672  -25.282 1.00 16.90 ? 124 MET A SD  1 
ATOM   959  C  CE  . MET A 1 124 ? -1.046  -0.974  -23.671 1.00 19.47 ? 124 MET A CE  1 
ATOM   960  N  N   . ILE A 1 125 ? 0.220   4.880   -25.389 1.00 10.05 ? 125 ILE A N   1 
ATOM   961  C  CA  . ILE A 1 125 ? 1.118   5.943   -24.984 1.00 9.81  ? 125 ILE A CA  1 
ATOM   962  C  C   . ILE A 1 125 ? 0.259   7.264   -24.943 1.00 11.19 ? 125 ILE A C   1 
ATOM   963  O  O   . ILE A 1 125 ? 0.322   7.965   -23.919 1.00 11.75 ? 125 ILE A O   1 
ATOM   964  C  CB  . ILE A 1 125 ? 2.300   6.110   -25.915 1.00 10.54 ? 125 ILE A CB  1 
ATOM   965  C  CG1 . ILE A 1 125 ? 3.235   4.913   -25.847 1.00 12.00 ? 125 ILE A CG1 1 
ATOM   966  C  CG2 . ILE A 1 125 ? 3.099   7.372   -25.554 1.00 11.82 ? 125 ILE A CG2 1 
ATOM   967  C  CD1 . ILE A 1 125 ? 3.997   4.673   -24.486 1.00 11.98 ? 125 ILE A CD1 1 
ATOM   968  N  N   . ARG A 1 126 ? -0.465  7.568   -26.016 1.00 11.32 ? 126 ARG A N   1 
ATOM   969  C  CA  . ARG A 1 126 ? -1.139  8.884   -25.941 1.00 11.50 ? 126 ARG A CA  1 
ATOM   970  C  C   . ARG A 1 126 ? -2.177  8.886   -24.851 1.00 12.27 ? 126 ARG A C   1 
ATOM   971  O  O   . ARG A 1 126 ? -2.339  9.989   -24.260 1.00 16.22 ? 126 ARG A O   1 
ATOM   972  C  CB  . ARG A 1 126 ? -1.797  9.178   -27.271 1.00 13.61 ? 126 ARG A CB  1 
ATOM   973  C  CG  . ARG A 1 126 ? -0.746  9.395   -28.354 1.00 14.40 ? 126 ARG A CG  1 
ATOM   974  C  CD  . ARG A 1 126 ? -1.296  10.136  -29.564 1.00 15.00 ? 126 ARG A CD  1 
ATOM   975  N  NE  . ARG A 1 126 ? -2.454  9.408   -30.195 1.00 13.96 ? 126 ARG A NE  1 
ATOM   976  C  CZ  . ARG A 1 126 ? -2.373  8.375   -31.024 1.00 13.12 ? 126 ARG A CZ  1 
ATOM   977  N  NH1 . ARG A 1 126 ? -1.127  7.886   -31.340 1.00 14.83 ? 126 ARG A NH1 1 
ATOM   978  N  NH2 . ARG A 1 126 ? -3.495  7.860   -31.599 1.00 12.84 ? 126 ARG A NH2 1 
ATOM   979  N  N   . ALA A 1 127 ? -2.884  7.831   -24.605 1.00 11.74 ? 127 ALA A N   1 
ATOM   980  C  CA  . ALA A 1 127 ? -3.915  7.806   -23.496 1.00 12.27 ? 127 ALA A CA  1 
ATOM   981  C  C   . ALA A 1 127 ? -3.250  8.044   -22.166 1.00 14.68 ? 127 ALA A C   1 
ATOM   982  O  O   . ALA A 1 127 ? -3.853  8.696   -21.330 1.00 16.45 ? 127 ALA A O   1 
ATOM   983  C  CB  . ALA A 1 127 ? -4.597  6.522   -23.487 1.00 14.02 ? 127 ALA A CB  1 
ATOM   984  N  N   . ALA A 1 128 ? -2.004  7.527   -21.938 1.00 11.93 ? 128 ALA A N   1 
ATOM   985  C  CA  . ALA A 1 128 ? -1.445  7.667   -20.590 1.00 12.06 ? 128 ALA A CA  1 
ATOM   986  C  C   . ALA A 1 128 ? -0.556  8.862   -20.483 1.00 10.85 ? 128 ALA A C   1 
ATOM   987  O  O   . ALA A 1 128 ? -0.181  9.291   -19.357 1.00 13.36 ? 128 ALA A O   1 
ATOM   988  C  CB  . ALA A 1 128 ? -0.552  6.406   -20.293 1.00 12.50 ? 128 ALA A CB  1 
ATOM   989  N  N   . ASP A 1 129 ? -0.134  9.453   -21.588 1.00 12.34 ? 129 ASP A N   1 
ATOM   990  C  CA  . ASP A 1 129 ? 0.869   10.533  -21.593 1.00 11.33 ? 129 ASP A CA  1 
ATOM   991  C  C   . ASP A 1 129 ? 0.291   11.954  -21.285 1.00 15.67 ? 129 ASP A C   1 
ATOM   992  O  O   . ASP A 1 129 ? 0.120   12.755  -22.204 1.00 17.77 ? 129 ASP A O   1 
ATOM   993  C  CB  . ASP A 1 129 ? 1.585   10.591  -22.996 1.00 12.80 ? 129 ASP A CB  1 
ATOM   994  C  CG  . ASP A 1 129 ? 2.559   11.680  -23.088 1.00 13.99 ? 129 ASP A CG  1 
ATOM   995  O  OD1 . ASP A 1 129 ? 3.059   12.190  -22.063 1.00 14.37 ? 129 ASP A OD1 1 
ATOM   996  O  OD2 . ASP A 1 129 ? 2.868   12.173  -24.194 1.00 14.73 ? 129 ASP A OD2 1 
ATOM   997  N  N   . THR A 1 130 ? 0.093   12.228  -20.020 1.00 11.71 ? 130 THR A N   1 
ATOM   998  C  CA  . THR A 1 130 ? -0.670  13.452  -19.669 1.00 11.78 ? 130 THR A CA  1 
ATOM   999  C  C   . THR A 1 130 ? 0.177   14.701  -19.697 1.00 12.69 ? 130 THR A C   1 
ATOM   1000 O  O   . THR A 1 130 ? -0.378  15.752  -19.478 1.00 12.97 ? 130 THR A O   1 
ATOM   1001 C  CB  . THR A 1 130 ? -1.408  13.152  -18.288 1.00 12.83 ? 130 THR A CB  1 
ATOM   1002 O  OG1 . THR A 1 130 ? -0.563  12.400  -17.378 1.00 12.85 ? 130 THR A OG1 1 
ATOM   1003 C  CG2 . THR A 1 130 ? -2.634  12.226  -18.457 1.00 12.37 ? 130 THR A CG2 1 
ATOM   1004 N  N   . ASP A 1 131 ? 1.470   14.633  -19.954 1.00 12.66 ? 131 ASP A N   1 
ATOM   1005 C  CA  . ASP A 1 131 ? 2.282   15.878  -20.063 1.00 13.61 ? 131 ASP A CA  1 
ATOM   1006 C  C   . ASP A 1 131 ? 2.770   16.146  -21.483 1.00 14.12 ? 131 ASP A C   1 
ATOM   1007 O  O   . ASP A 1 131 ? 3.580   17.050  -21.641 1.00 16.87 ? 131 ASP A O   1 
ATOM   1008 C  CB  . ASP A 1 131 ? 3.440   15.968  -19.044 1.00 14.55 ? 131 ASP A CB  1 
ATOM   1009 C  CG  . ASP A 1 131 ? 4.481   14.833  -19.181 1.00 14.29 ? 131 ASP A CG  1 
ATOM   1010 O  OD1 . ASP A 1 131 ? 4.436   14.138  -20.204 1.00 12.98 ? 131 ASP A OD1 1 
ATOM   1011 O  OD2 . ASP A 1 131 ? 5.316   14.772  -18.273 1.00 18.00 ? 131 ASP A OD2 1 
ATOM   1012 N  N   . GLY A 1 132 ? 2.409   15.263  -22.411 1.00 16.89 ? 132 GLY A N   1 
ATOM   1013 C  CA  . GLY A 1 132 ? 2.693   15.495  -23.834 1.00 17.72 ? 132 GLY A CA  1 
ATOM   1014 C  C   . GLY A 1 132 ? 4.101   15.293  -24.285 1.00 20.31 ? 132 GLY A C   1 
ATOM   1015 O  O   . GLY A 1 132 ? 4.480   15.795  -25.403 1.00 23.02 ? 132 GLY A O   1 
ATOM   1016 N  N   . ASP A 1 133 ? 4.927   14.603  -23.485 1.00 19.54 ? 133 ASP A N   1 
ATOM   1017 C  CA  . ASP A 1 133 ? 6.334   14.406  -23.920 1.00 18.38 ? 133 ASP A CA  1 
ATOM   1018 C  C   . ASP A 1 133 ? 6.559   13.157  -24.799 1.00 17.84 ? 133 ASP A C   1 
ATOM   1019 O  O   . ASP A 1 133 ? 7.727   12.958  -25.236 1.00 20.57 ? 133 ASP A O   1 
ATOM   1020 C  CB  . ASP A 1 133 ? 7.286   14.481  -22.747 1.00 19.84 ? 133 ASP A CB  1 
ATOM   1021 C  CG  . ASP A 1 133 ? 7.209   13.254  -21.815 1.00 16.61 ? 133 ASP A CG  1 
ATOM   1022 O  OD1 . ASP A 1 133 ? 6.219   12.471  -22.039 1.00 16.45 ? 133 ASP A OD1 1 
ATOM   1023 O  OD2 . ASP A 1 133 ? 8.100   13.265  -20.960 1.00 19.77 ? 133 ASP A OD2 1 
ATOM   1024 N  N   . GLY A 1 134 ? 5.480   12.433  -25.052 1.00 15.31 ? 134 GLY A N   1 
ATOM   1025 C  CA  . GLY A 1 134 ? 5.485   11.258  -25.900 1.00 15.90 ? 134 GLY A CA  1 
ATOM   1026 C  C   . GLY A 1 134 ? 5.969   9.997   -25.190 1.00 14.40 ? 134 GLY A C   1 
ATOM   1027 O  O   . GLY A 1 134 ? 6.183   8.961   -25.847 1.00 15.24 ? 134 GLY A O   1 
ATOM   1028 N  N   . GLN A 1 135 ? 6.236   10.101  -23.908 1.00 14.23 ? 135 GLN A N   1 
ATOM   1029 C  CA  . GLN A 1 135 ? 6.661   8.896   -23.119 1.00 13.69 ? 135 GLN A CA  1 
ATOM   1030 C  C   . GLN A 1 135 ? 5.822   8.797   -21.872 1.00 12.85 ? 135 GLN A C   1 
ATOM   1031 O  O   . GLN A 1 135 ? 5.152   9.777   -21.433 1.00 14.33 ? 135 GLN A O   1 
ATOM   1032 C  CB  . GLN A 1 135 ? 8.161   8.937   -22.785 1.00 16.28 ? 135 GLN A CB  1 
ATOM   1033 C  CG  . GLN A 1 135 ? 8.975   9.031   -24.049 1.00 23.23 ? 135 GLN A CG  1 
ATOM   1034 C  CD  . GLN A 1 135 ? 10.351  8.424   -23.970 1.00 22.11 ? 135 GLN A CD  1 
ATOM   1035 O  OE1 . GLN A 1 135 ? 10.615  7.409   -23.356 1.00 24.65 ? 135 GLN A OE1 1 
ATOM   1036 N  NE2 . GLN A 1 135 ? 11.302  9.103   -24.618 1.00 28.96 ? 135 GLN A NE2 1 
ATOM   1037 N  N   . VAL A 1 136 ? 5.841   7.608   -21.263 1.00 10.83 ? 136 VAL A N   1 
ATOM   1038 C  CA  . VAL A 1 136 ? 5.045   7.437   -20.037 1.00 9.91  ? 136 VAL A CA  1 
ATOM   1039 C  C   . VAL A 1 136 ? 6.010   7.448   -18.833 1.00 9.78  ? 136 VAL A C   1 
ATOM   1040 O  O   . VAL A 1 136 ? 6.921   6.590   -18.733 1.00 11.46 ? 136 VAL A O   1 
ATOM   1041 C  CB  . VAL A 1 136 ? 4.274   6.122   -20.058 1.00 8.93  ? 136 VAL A CB  1 
ATOM   1042 C  CG1 . VAL A 1 136 ? 3.512   5.808   -18.793 1.00 10.38 ? 136 VAL A CG1 1 
ATOM   1043 C  CG2 . VAL A 1 136 ? 3.261   6.169   -21.327 1.00 12.90 ? 136 VAL A CG2 1 
ATOM   1044 N  N   . ASN A 1 137 ? 5.839   8.438   -17.956 1.00 9.81  ? 137 ASN A N   1 
ATOM   1045 C  CA  . ASN A 1 137 ? 6.665   8.519   -16.767 1.00 10.05 ? 137 ASN A CA  1 
ATOM   1046 C  C   . ASN A 1 137 ? 6.027   7.714   -15.620 1.00 9.12  ? 137 ASN A C   1 
ATOM   1047 O  O   . ASN A 1 137 ? 4.927   7.104   -15.742 1.00 8.98  ? 137 ASN A O   1 
ATOM   1048 C  CB  . ASN A 1 137 ? 6.968   10.025  -16.456 1.00 8.49  ? 137 ASN A CB  1 
ATOM   1049 C  CG  . ASN A 1 137 ? 5.783   10.791  -15.859 1.00 11.85 ? 137 ASN A CG  1 
ATOM   1050 O  OD1 . ASN A 1 137 ? 5.736   12.104  -16.090 1.00 15.49 ? 137 ASN A OD1 1 
ATOM   1051 N  ND2 . ASN A 1 137 ? 4.908   10.206  -15.140 1.00 7.59  ? 137 ASN A ND2 1 
ATOM   1052 N  N   . TYR A 1 138 ? 6.716   7.612   -14.517 1.00 10.01 ? 138 TYR A N   1 
ATOM   1053 C  CA  . TYR A 1 138 ? 6.242   6.737   -13.434 1.00 9.46  ? 138 TYR A CA  1 
ATOM   1054 C  C   . TYR A 1 138 ? 4.866   7.118   -12.872 1.00 11.63 ? 138 TYR A C   1 
ATOM   1055 O  O   . TYR A 1 138 ? 3.980   6.305   -12.782 1.00 11.67 ? 138 TYR A O   1 
ATOM   1056 C  CB  . TYR A 1 138 ? 7.319   6.751   -12.344 1.00 9.24  ? 138 TYR A CB  1 
ATOM   1057 C  CG  . TYR A 1 138 ? 6.894   6.077   -11.078 1.00 12.10 ? 138 TYR A CG  1 
ATOM   1058 C  CD1 . TYR A 1 138 ? 6.448   4.680   -11.110 1.00 12.71 ? 138 TYR A CD1 1 
ATOM   1059 C  CD2 . TYR A 1 138 ? 6.845   6.794   -9.872  1.00 12.77 ? 138 TYR A CD2 1 
ATOM   1060 C  CE1 . TYR A 1 138 ? 6.002   4.070   -9.930  1.00 13.76 ? 138 TYR A CE1 1 
ATOM   1061 C  CE2 . TYR A 1 138 ? 6.407   6.119   -8.682  1.00 15.61 ? 138 TYR A CE2 1 
ATOM   1062 C  CZ  . TYR A 1 138 ? 6.007   4.758   -8.761  1.00 16.07 ? 138 TYR A CZ  1 
ATOM   1063 O  OH  . TYR A 1 138 ? 5.635   4.169   -7.538  1.00 21.38 ? 138 TYR A OH  1 
ATOM   1064 N  N   . GLU A 1 139 ? 4.688   8.394   -12.596 1.00 9.66  ? 139 GLU A N   1 
ATOM   1065 C  CA  . GLU A 1 139 ? 3.388   8.773   -12.050 1.00 10.69 ? 139 GLU A CA  1 
ATOM   1066 C  C   . GLU A 1 139 ? 2.232   8.562   -13.101 1.00 11.35 ? 139 GLU A C   1 
ATOM   1067 O  O   . GLU A 1 139 ? 1.135   8.111   -12.754 1.00 12.20 ? 139 GLU A O   1 
ATOM   1068 C  CB  . GLU A 1 139 ? 3.355   10.161  -11.420 1.00 11.53 ? 139 GLU A CB  1 
ATOM   1069 C  CG  . GLU A 1 139 ? 3.438   11.363  -12.424 1.00 11.73 ? 139 GLU A CG  1 
ATOM   1070 C  CD  . GLU A 1 139 ? 2.061   11.707  -13.001 1.00 13.13 ? 139 GLU A CD  1 
ATOM   1071 O  OE1 . GLU A 1 139 ? 1.040   11.174  -12.595 1.00 13.76 ? 139 GLU A OE1 1 
ATOM   1072 O  OE2 . GLU A 1 139 ? 1.990   12.476  -13.974 1.00 12.18 ? 139 GLU A OE2 1 
ATOM   1073 N  N   . GLU A 1 140 ? 2.537   8.770   -14.382 1.00 9.50  ? 140 GLU A N   1 
ATOM   1074 C  CA  . GLU A 1 140 ? 1.561   8.548   -15.489 1.00 11.60 ? 140 GLU A CA  1 
ATOM   1075 C  C   . GLU A 1 140 ? 1.216   7.046   -15.519 1.00 12.10 ? 140 GLU A C   1 
ATOM   1076 O  O   . GLU A 1 140 ? 0.017   6.671   -15.699 1.00 11.91 ? 140 GLU A O   1 
ATOM   1077 C  CB  . GLU A 1 140 ? 2.178   8.944   -16.823 1.00 9.59  ? 140 GLU A CB  1 
ATOM   1078 C  CG  . GLU A 1 140 ? 2.170   10.490  -16.964 1.00 9.55  ? 140 GLU A CG  1 
ATOM   1079 C  CD  . GLU A 1 140 ? 2.995   10.917  -18.151 1.00 10.94 ? 140 GLU A CD  1 
ATOM   1080 O  OE1 . GLU A 1 140 ? 3.815   10.151  -18.734 1.00 10.93 ? 140 GLU A OE1 1 
ATOM   1081 O  OE2 . GLU A 1 140 ? 2.840   12.099  -18.557 1.00 11.39 ? 140 GLU A OE2 1 
ATOM   1082 N  N   . PHE A 1 141 ? 2.217   6.186   -15.323 1.00 10.73 ? 141 PHE A N   1 
ATOM   1083 C  CA  . PHE A 1 141 ? 1.994   4.756   -15.301 1.00 10.64 ? 141 PHE A CA  1 
ATOM   1084 C  C   . PHE A 1 141 ? 1.155   4.412   -14.089 1.00 10.67 ? 141 PHE A C   1 
ATOM   1085 O  O   . PHE A 1 141 ? 0.190   3.582   -14.246 1.00 12.84 ? 141 PHE A O   1 
ATOM   1086 C  CB  . PHE A 1 141 ? 3.426   4.110   -15.179 1.00 12.23 ? 141 PHE A CB  1 
ATOM   1087 C  CG  . PHE A 1 141 ? 3.399   2.566   -15.210 1.00 11.65 ? 141 PHE A CG  1 
ATOM   1088 C  CD1 . PHE A 1 141 ? 3.367   1.887   -16.423 1.00 13.69 ? 141 PHE A CD1 1 
ATOM   1089 C  CD2 . PHE A 1 141 ? 3.537   1.873   -14.066 1.00 11.11 ? 141 PHE A CD2 1 
ATOM   1090 C  CE1 . PHE A 1 141 ? 3.494   0.501   -16.491 1.00 13.27 ? 141 PHE A CE1 1 
ATOM   1091 C  CE2 . PHE A 1 141 ? 3.677   0.429   -14.080 1.00 12.27 ? 141 PHE A CE2 1 
ATOM   1092 C  CZ  . PHE A 1 141 ? 3.650   -0.198  -15.284 1.00 12.01 ? 141 PHE A CZ  1 
ATOM   1093 N  N   . VAL A 1 142 ? 1.462   4.953   -12.938 1.00 11.78 ? 142 VAL A N   1 
ATOM   1094 C  CA  . VAL A 1 142 ? 0.651   4.639   -11.770 1.00 14.12 ? 142 VAL A CA  1 
ATOM   1095 C  C   . VAL A 1 142 ? -0.826  5.020   -12.015 1.00 15.93 ? 142 VAL A C   1 
ATOM   1096 O  O   . VAL A 1 142 ? -1.781  4.313   -11.636 1.00 16.31 ? 142 VAL A O   1 
ATOM   1097 C  CB  . VAL A 1 142 ? 1.239   5.295   -10.557 1.00 14.41 ? 142 VAL A CB  1 
ATOM   1098 C  CG1 . VAL A 1 142 ? 0.228   5.209   -9.229  1.00 16.29 ? 142 VAL A CG1 1 
ATOM   1099 C  CG2 . VAL A 1 142 ? 2.614   4.655   -10.228 1.00 15.33 ? 142 VAL A CG2 1 
ATOM   1100 N  N   . ARG A 1 143 ? -1.043  6.175   -12.648 1.00 13.89 ? 143 ARG A N   1 
ATOM   1101 C  CA  . ARG A 1 143 ? -2.461  6.590   -12.876 1.00 15.38 ? 143 ARG A CA  1 
ATOM   1102 C  C   . ARG A 1 143 ? -3.247  5.560   -13.593 1.00 17.89 ? 143 ARG A C   1 
ATOM   1103 O  O   . ARG A 1 143 ? -4.448  5.334   -13.227 1.00 19.27 ? 143 ARG A O   1 
ATOM   1104 C  CB  . ARG A 1 143 ? -2.579  7.863   -13.712 1.00 15.53 ? 143 ARG A CB  1 
ATOM   1105 C  CG  . ARG A 1 143 ? -2.049  9.070   -13.126 1.00 14.47 ? 143 ARG A CG  1 
ATOM   1106 C  CD  . ARG A 1 143 ? -2.547  10.343  -13.931 1.00 19.66 ? 143 ARG A CD  1 
ATOM   1107 N  NE  . ARG A 1 143 ? -1.559  11.429  -13.804 1.00 17.36 ? 143 ARG A NE  1 
ATOM   1108 C  CZ  . ARG A 1 143 ? -1.770  12.678  -14.271 1.00 18.27 ? 143 ARG A CZ  1 
ATOM   1109 N  NH1 . ARG A 1 143 ? -2.966  13.062  -14.845 1.00 15.32 ? 143 ARG A NH1 1 
ATOM   1110 N  NH2 . ARG A 1 143 ? -0.752  13.532  -14.297 1.00 13.64 ? 143 ARG A NH2 1 
ATOM   1111 N  N   . VAL A 1 144 ? -2.674  4.971   -14.621 1.00 16.10 ? 144 VAL A N   1 
ATOM   1112 C  CA  . VAL A 1 144 ? -3.389  3.912   -15.335 1.00 21.90 ? 144 VAL A CA  1 
ATOM   1113 C  C   . VAL A 1 144 ? -3.598  2.696   -14.531 1.00 24.35 ? 144 VAL A C   1 
ATOM   1114 O  O   . VAL A 1 144 ? -4.736  2.121   -14.600 1.00 25.35 ? 144 VAL A O   1 
ATOM   1115 C  CB  . VAL A 1 144 ? -2.627  3.518   -16.612 1.00 26.06 ? 144 VAL A CB  1 
ATOM   1116 C  CG1 . VAL A 1 144 ? -3.337  2.443   -17.412 1.00 28.51 ? 144 VAL A CG1 1 
ATOM   1117 C  CG2 . VAL A 1 144 ? -2.526  4.721   -17.446 1.00 29.03 ? 144 VAL A CG2 1 
ATOM   1118 N  N   . LEU A 1 145 ? -2.582  2.241   -13.827 1.00 24.27 ? 145 LEU A N   1 
ATOM   1119 C  CA  . LEU A 1 145 ? -2.660  0.978   -13.020 1.00 30.03 ? 145 LEU A CA  1 
ATOM   1120 C  C   . LEU A 1 145 ? -3.500  1.041   -11.775 1.00 34.09 ? 145 LEU A C   1 
ATOM   1121 O  O   . LEU A 1 145 ? -3.623  0.019   -10.992 1.00 34.63 ? 145 LEU A O   1 
ATOM   1122 C  CB  . LEU A 1 145 ? -1.282  0.521   -12.594 1.00 39.49 ? 145 LEU A CB  1 
ATOM   1123 C  CG  . LEU A 1 145 ? -1.088  -0.987  -12.272 1.00 43.39 ? 145 LEU A CG  1 
ATOM   1124 C  CD1 . LEU A 1 145 ? -1.686  -1.875  -13.425 1.00 43.72 ? 145 LEU A CD1 1 
ATOM   1125 C  CD2 . LEU A 1 145 ? 0.434   -1.266  -12.137 1.00 45.24 ? 145 LEU A CD2 1 
ATOM   1126 N  N   . VAL A 1 146 ? -4.021  2.239   -11.518 1.00 42.16 ? 146 VAL A N   1 
ATOM   1127 C  CA  . VAL A 1 146 ? -4.848  2.439   -10.350 1.00 45.12 ? 146 VAL A CA  1 
ATOM   1128 C  C   . VAL A 1 146 ? -6.261  2.672   -10.819 1.00 45.59 ? 146 VAL A C   1 
ATOM   1129 O  O   . VAL A 1 146 ? -7.180  2.361   -10.100 1.00 46.82 ? 146 VAL A O   1 
ATOM   1130 C  CB  . VAL A 1 146 ? -4.264  3.603   -9.429  1.00 46.70 ? 146 VAL A CB  1 
ATOM   1131 C  CG1 . VAL A 1 146 ? -5.330  4.098   -8.423  1.00 48.75 ? 146 VAL A CG1 1 
ATOM   1132 C  CG2 . VAL A 1 146 ? -3.020  3.044   -8.657  1.00 47.08 ? 146 VAL A CG2 1 
ATOM   1133 N  N   . SER A 1 147 ? -6.459  3.169   -12.024 1.00 44.15 ? 147 SER A N   1 
ATOM   1134 C  CA  . SER A 1 147 ? -7.831  3.388   -12.486 1.00 45.04 ? 147 SER A CA  1 
ATOM   1135 C  C   . SER A 1 147 ? -8.653  2.074   -12.536 1.00 45.43 ? 147 SER A C   1 
ATOM   1136 O  O   . SER A 1 147 ? -8.203  1.032   -13.072 1.00 45.31 ? 147 SER A O   1 
ATOM   1137 C  CB  . SER A 1 147 ? -7.831  4.055   -13.860 1.00 46.49 ? 147 SER A CB  1 
ATOM   1138 O  OG  . SER A 1 147 ? -7.048  3.299   -14.768 1.00 45.95 ? 147 SER A OG  1 
HETATM 1139 CA CA  . CA  B 2 .   ? -6.543  -4.140  27.327  1.00 8.45  ? 149 CA  A CA  1 
HETATM 1140 CA CA  . CA  C 2 .   ? -13.475 -4.613  18.009  1.00 10.56 ? 150 CA  A CA  1 
HETATM 1141 CA CA  . CA  D 2 .   ? 13.094  4.066   -21.056 1.00 9.74  ? 151 CA  A CA  1 
HETATM 1142 CA CA  . CA  E 2 .   ? 4.662   11.820  -20.383 1.00 11.58 ? 152 CA  A CA  1 
HETATM 1143 O  O   . HOH F 3 .   ? -8.238  -2.933  28.571  1.00 11.17 ? 153 HOH A O   1 
HETATM 1144 O  O   . HOH F 3 .   ? -12.940 -6.733  18.878  1.00 18.33 ? 154 HOH A O   1 
HETATM 1145 O  O   . HOH F 3 .   ? 13.241  5.246   -23.107 1.00 19.16 ? 155 HOH A O   1 
HETATM 1146 O  O   . HOH F 3 .   ? 6.627   12.349  -18.952 1.00 16.51 ? 156 HOH A O   1 
HETATM 1147 O  O   . HOH F 3 .   ? -4.593  -3.544  1.752   1.00 43.09 ? 157 HOH A O   1 
HETATM 1148 O  O   . HOH F 3 .   ? -0.224  -4.095  -7.392  1.00 44.05 ? 158 HOH A O   1 
HETATM 1149 O  O   . HOH F 3 .   ? -18.518 -8.848  16.883  1.00 24.74 ? 159 HOH A O   1 
HETATM 1150 O  O   . HOH F 3 .   ? -12.036 -2.241  30.145  1.00 18.09 ? 160 HOH A O   1 
HETATM 1151 O  O   . HOH F 3 .   ? -5.227  -1.063  30.805  1.00 13.89 ? 161 HOH A O   1 
HETATM 1152 O  O   . HOH F 3 .   ? -7.269  -10.526 21.338  1.00 9.11  ? 162 HOH A O   1 
HETATM 1153 O  O   . HOH F 3 .   ? -8.012  -0.194  29.234  1.00 12.35 ? 163 HOH A O   1 
HETATM 1154 O  O   . HOH F 3 .   ? 1.605   13.964  -16.925 1.00 12.17 ? 164 HOH A O   1 
HETATM 1155 O  O   . HOH F 3 .   ? -2.561  12.367  24.748  1.00 13.34 ? 165 HOH A O   1 
HETATM 1156 O  O   . HOH F 3 .   ? 8.284   6.614   27.476  1.00 12.13 ? 166 HOH A O   1 
HETATM 1157 O  O   . HOH F 3 .   ? -11.901 1.751   23.816  1.00 15.33 ? 167 HOH A O   1 
HETATM 1158 O  O   . HOH F 3 .   ? -1.547  -11.119 -28.468 1.00 11.57 ? 168 HOH A O   1 
HETATM 1159 O  O   . HOH F 3 .   ? 9.261   8.927   -14.584 1.00 13.21 ? 169 HOH A O   1 
HETATM 1160 O  O   . HOH F 3 .   ? 3.240   -6.120  -28.204 1.00 12.10 ? 170 HOH A O   1 
HETATM 1161 O  O   . HOH F 3 .   ? -8.954  -4.165  11.711  1.00 13.67 ? 171 HOH A O   1 
HETATM 1162 O  O   . HOH F 3 .   ? -3.287  2.325   29.741  1.00 14.55 ? 172 HOH A O   1 
HETATM 1163 O  O   . HOH F 3 .   ? 1.037   -0.113  -36.937 1.00 13.52 ? 173 HOH A O   1 
HETATM 1164 O  O   . HOH F 3 .   ? -10.685 0.107   30.299  1.00 13.62 ? 174 HOH A O   1 
HETATM 1165 O  O   . HOH F 3 .   ? 9.697   4.666   -29.162 1.00 15.32 ? 175 HOH A O   1 
HETATM 1166 O  O   . HOH F 3 .   ? 3.944   12.451  25.593  1.00 14.08 ? 176 HOH A O   1 
HETATM 1167 O  O   . HOH F 3 .   ? -8.344  16.677  15.322  1.00 16.49 ? 177 HOH A O   1 
HETATM 1168 O  O   . HOH F 3 .   ? 2.150   6.960   28.745  1.00 16.18 ? 178 HOH A O   1 
HETATM 1169 O  O   . HOH F 3 .   ? -6.127  8.642   26.760  1.00 16.27 ? 179 HOH A O   1 
HETATM 1170 O  O   . HOH F 3 .   ? -10.891 -3.704  28.121  1.00 13.55 ? 180 HOH A O   1 
HETATM 1171 O  O   . HOH F 3 .   ? -2.495  3.656   -21.681 1.00 19.21 ? 181 HOH A O   1 
HETATM 1172 O  O   . HOH F 3 .   ? -11.027 15.449  22.427  1.00 18.41 ? 182 HOH A O   1 
HETATM 1173 O  O   . HOH F 3 .   ? 0.056   8.814   -10.193 1.00 21.11 ? 183 HOH A O   1 
HETATM 1174 O  O   . HOH F 3 .   ? -1.557  1.441   31.730  1.00 19.53 ? 184 HOH A O   1 
HETATM 1175 O  O   . HOH F 3 .   ? -12.402 -6.568  21.575  1.00 18.60 ? 185 HOH A O   1 
HETATM 1176 O  O   . HOH F 3 .   ? 5.728   3.558   -31.866 1.00 17.27 ? 186 HOH A O   1 
HETATM 1177 O  O   . HOH F 3 .   ? -4.441  5.873   -33.802 1.00 16.49 ? 187 HOH A O   1 
HETATM 1178 O  O   . HOH F 3 .   ? 13.127  3.514   -14.055 1.00 28.71 ? 188 HOH A O   1 
HETATM 1179 O  O   . HOH F 3 .   ? -1.569  8.469   -17.192 1.00 16.44 ? 189 HOH A O   1 
HETATM 1180 O  O   . HOH F 3 .   ? 7.860   -0.972  -35.951 1.00 19.51 ? 190 HOH A O   1 
HETATM 1181 O  O   . HOH F 3 .   ? -13.381 -3.827  26.798  1.00 25.13 ? 191 HOH A O   1 
HETATM 1182 O  O   . HOH F 3 .   ? -3.029  -0.859  32.663  1.00 18.73 ? 192 HOH A O   1 
HETATM 1183 O  O   . HOH F 3 .   ? 9.602   -2.690  -29.594 1.00 19.05 ? 193 HOH A O   1 
HETATM 1184 O  O   . HOH F 3 .   ? -9.348  16.802  18.552  1.00 23.65 ? 194 HOH A O   1 
HETATM 1185 O  O   . HOH F 3 .   ? -2.328  -11.230 27.904  1.00 23.51 ? 195 HOH A O   1 
HETATM 1186 O  O   . HOH F 3 .   ? -8.852  15.528  24.683  1.00 22.65 ? 196 HOH A O   1 
HETATM 1187 O  O   . HOH F 3 .   ? 10.873  -2.931  -23.301 1.00 17.81 ? 197 HOH A O   1 
HETATM 1188 O  O   . HOH F 3 .   ? -17.822 -7.233  22.311  1.00 20.96 ? 198 HOH A O   1 
HETATM 1189 O  O   . HOH F 3 .   ? -0.975  1.665   -20.479 1.00 25.27 ? 199 HOH A O   1 
HETATM 1190 O  O   . HOH F 3 .   ? 7.685   7.074   -27.154 1.00 19.96 ? 200 HOH A O   1 
HETATM 1191 O  O   . HOH F 3 .   ? 4.277   -12.509 -27.329 1.00 19.71 ? 201 HOH A O   1 
HETATM 1192 O  O   . HOH F 3 .   ? -2.340  -9.280  25.236  1.00 18.74 ? 202 HOH A O   1 
HETATM 1193 O  O   . HOH F 3 .   ? -13.656 1.230   9.951   1.00 23.74 ? 203 HOH A O   1 
HETATM 1194 O  O   . HOH F 3 .   ? -0.413  11.564  -10.158 1.00 31.13 ? 204 HOH A O   1 
HETATM 1195 O  O   . HOH F 3 .   ? -2.192  7.818   -9.300  1.00 27.08 ? 205 HOH A O   1 
HETATM 1196 O  O   . HOH F 3 .   ? -16.677 -3.490  24.042  1.00 19.77 ? 206 HOH A O   1 
HETATM 1197 O  O   . HOH F 3 .   ? 1.623   8.659   -30.736 1.00 20.70 ? 207 HOH A O   1 
HETATM 1198 O  O   . HOH F 3 .   ? 11.413  -0.394  -2.742  1.00 27.60 ? 208 HOH A O   1 
HETATM 1199 O  O   . HOH F 3 .   ? -1.441  5.610   -33.131 1.00 23.15 ? 209 HOH A O   1 
HETATM 1200 O  O   . HOH F 3 .   ? 3.641   2.407   -7.116  1.00 20.52 ? 210 HOH A O   1 
HETATM 1201 O  O   . HOH F 3 .   ? -13.824 11.316  17.588  1.00 22.47 ? 211 HOH A O   1 
HETATM 1202 O  O   . HOH F 3 .   ? 6.370   7.569   29.334  1.00 24.87 ? 212 HOH A O   1 
HETATM 1203 O  O   . HOH F 3 .   ? 0.065   8.379   29.929  1.00 21.03 ? 213 HOH A O   1 
HETATM 1204 O  O   . HOH F 3 .   ? 0.045   -7.271  27.353  1.00 24.66 ? 214 HOH A O   1 
HETATM 1205 O  O   . HOH F 3 .   ? 8.539   -2.343  -32.064 1.00 19.98 ? 215 HOH A O   1 
HETATM 1206 O  O   . HOH F 3 .   ? -1.981  6.896   30.664  1.00 24.08 ? 216 HOH A O   1 
HETATM 1207 O  O   . HOH F 3 .   ? 2.255   -14.269 -27.726 1.00 18.14 ? 217 HOH A O   1 
HETATM 1208 O  O   . HOH F 3 .   ? 14.257  0.755   -15.068 1.00 21.02 ? 218 HOH A O   1 
HETATM 1209 O  O   . HOH F 3 .   ? 0.552   0.176   -19.583 1.00 32.63 ? 219 HOH A O   1 
HETATM 1210 O  O   . HOH F 3 .   ? -14.211 -4.894  24.405  1.00 18.49 ? 220 HOH A O   1 
HETATM 1211 O  O   . HOH F 3 .   ? 1.696   11.431  -26.522 1.00 24.65 ? 221 HOH A O   1 
HETATM 1212 O  O   . HOH F 3 .   ? -11.024 3.451   26.844  1.00 20.11 ? 222 HOH A O   1 
HETATM 1213 O  O   . HOH F 3 .   ? -12.716 -10.371 21.055  1.00 23.49 ? 223 HOH A O   1 
HETATM 1214 O  O   . HOH F 3 .   ? -9.970  -6.398  10.314  1.00 22.81 ? 224 HOH A O   1 
HETATM 1215 O  O   . HOH F 3 .   ? 13.295  3.299   -26.483 1.00 29.62 ? 225 HOH A O   1 
HETATM 1216 O  O   . HOH F 3 .   ? -16.641 -0.763  12.386  1.00 21.46 ? 226 HOH A O   1 
HETATM 1217 O  O   . HOH F 3 .   ? 4.052   8.722   28.722  1.00 24.23 ? 227 HOH A O   1 
HETATM 1218 O  O   . HOH F 3 .   ? -16.590 2.906   15.189  1.00 22.53 ? 228 HOH A O   1 
HETATM 1219 O  O   . HOH F 3 .   ? -3.594  -4.388  -23.051 1.00 41.28 ? 229 HOH A O   1 
HETATM 1220 O  O   . HOH F 3 .   ? 3.509   2.444   26.772  1.00 27.98 ? 230 HOH A O   1 
HETATM 1221 O  O   . HOH F 3 .   ? -13.864 -8.297  15.235  1.00 26.06 ? 231 HOH A O   1 
HETATM 1222 O  O   . HOH F 3 .   ? -7.190  -2.225  -31.273 1.00 27.07 ? 232 HOH A O   1 
HETATM 1223 O  O   . HOH F 3 .   ? 11.090  -4.289  -20.923 1.00 17.68 ? 233 HOH A O   1 
HETATM 1224 O  O   . HOH F 3 .   ? -4.852  6.525   29.035  1.00 27.00 ? 234 HOH A O   1 
HETATM 1225 O  O   . HOH F 3 .   ? 0.847   5.193   -34.655 1.00 23.90 ? 235 HOH A O   1 
HETATM 1226 O  O   . HOH F 3 .   ? -20.578 -7.397  15.651  1.00 30.39 ? 236 HOH A O   1 
HETATM 1227 O  O   . HOH F 3 .   ? -14.684 -7.631  24.057  1.00 24.80 ? 237 HOH A O   1 
HETATM 1228 O  O   . HOH F 3 .   ? 8.697   -12.924 22.283  1.00 30.20 ? 238 HOH A O   1 
HETATM 1229 O  O   . HOH F 3 .   ? 3.281   -24.682 12.990  1.00 43.92 ? 239 HOH A O   1 
HETATM 1230 O  O   . HOH F 3 .   ? -14.951 -9.541  21.473  1.00 31.32 ? 240 HOH A O   1 
HETATM 1231 O  O   . HOH F 3 .   ? 1.363   1.113   31.269  1.00 31.25 ? 241 HOH A O   1 
HETATM 1232 O  O   . HOH F 3 .   ? 16.399  10.569  -17.558 1.00 36.13 ? 242 HOH A O   1 
HETATM 1233 O  O   . HOH F 3 .   ? 0.969   2.928   -6.226  1.00 29.43 ? 243 HOH A O   1 
HETATM 1234 O  O   . HOH F 3 .   ? 5.303   1.391   -30.910 1.00 27.03 ? 244 HOH A O   1 
HETATM 1235 O  O   . HOH F 3 .   ? 15.012  0.634   -24.381 1.00 24.56 ? 245 HOH A O   1 
HETATM 1236 O  O   . HOH F 3 .   ? -13.545 3.261   20.907  1.00 27.09 ? 246 HOH A O   1 
HETATM 1237 O  O   . HOH F 3 .   ? -4.467  6.717   34.861  1.00 28.70 ? 247 HOH A O   1 
HETATM 1238 O  O   . HOH F 3 .   ? -0.108  -13.411 -29.023 1.00 27.65 ? 248 HOH A O   1 
HETATM 1239 O  O   . HOH F 3 .   ? 3.293   4.979   30.137  1.00 30.79 ? 249 HOH A O   1 
HETATM 1240 O  O   . HOH F 3 .   ? 18.343  2.693   -13.864 1.00 28.33 ? 250 HOH A O   1 
HETATM 1241 O  O   . HOH F 3 .   ? 8.611   0.034   -32.943 1.00 29.12 ? 251 HOH A O   1 
HETATM 1242 O  O   . HOH F 3 .   ? -15.426 1.334   13.631  1.00 22.35 ? 252 HOH A O   1 
HETATM 1243 O  O   . HOH F 3 .   ? 12.469  4.872   -29.049 1.00 31.92 ? 253 HOH A O   1 
HETATM 1244 O  O   . HOH F 3 .   ? 4.570   -12.676 -34.791 1.00 31.43 ? 254 HOH A O   1 
HETATM 1245 O  O   . HOH F 3 .   ? -5.940  12.112  25.284  1.00 31.45 ? 255 HOH A O   1 
HETATM 1246 O  O   . HOH F 3 .   ? -7.881  11.346  30.699  1.00 43.79 ? 256 HOH A O   1 
HETATM 1247 O  O   . HOH F 3 .   ? 3.663   6.903   -29.230 1.00 30.94 ? 257 HOH A O   1 
HETATM 1248 O  O   . HOH F 3 .   ? 4.047   -6.900  -30.974 1.00 26.63 ? 258 HOH A O   1 
HETATM 1249 O  O   . HOH F 3 .   ? -10.587 -6.053  31.524  1.00 28.02 ? 259 HOH A O   1 
HETATM 1250 O  O   . HOH F 3 .   ? 9.345   12.025  -14.475 1.00 29.67 ? 260 HOH A O   1 
HETATM 1251 O  O   . HOH F 3 .   ? 16.140  0.023   -12.261 1.00 32.98 ? 261 HOH A O   1 
HETATM 1252 O  O   . HOH F 3 .   ? -11.750 -3.757  32.333  1.00 22.15 ? 262 HOH A O   1 
HETATM 1253 O  O   . HOH F 3 .   ? -3.614  -1.890  -35.193 1.00 23.55 ? 263 HOH A O   1 
HETATM 1254 O  O   . HOH F 3 .   ? 5.612   -6.306  -10.535 1.00 27.62 ? 264 HOH A O   1 
HETATM 1255 O  O   . HOH F 3 .   ? 13.355  1.857   -31.338 1.00 32.30 ? 265 HOH A O   1 
HETATM 1256 O  O   . HOH F 3 .   ? 11.252  0.357   -32.984 1.00 33.59 ? 266 HOH A O   1 
HETATM 1257 O  O   . HOH F 3 .   ? 7.888   -6.116  -30.727 1.00 34.04 ? 267 HOH A O   1 
HETATM 1258 O  O   . HOH F 3 .   ? 15.329  13.152  -16.555 1.00 41.11 ? 268 HOH A O   1 
HETATM 1259 O  O   . HOH F 3 .   ? 18.460  10.028  -19.803 1.00 36.52 ? 269 HOH A O   1 
HETATM 1260 O  O   . HOH F 3 .   ? 3.236   11.152  29.959  1.00 31.78 ? 270 HOH A O   1 
HETATM 1261 O  O   . HOH F 3 .   ? -7.847  -11.476 11.523  1.00 38.24 ? 271 HOH A O   1 
HETATM 1262 O  O   . HOH F 3 .   ? 17.450  9.069   -22.230 1.00 31.22 ? 272 HOH A O   1 
HETATM 1263 O  O   . HOH F 3 .   ? 6.898   -13.871 -19.672 1.00 33.31 ? 273 HOH A O   1 
HETATM 1264 O  O   . HOH F 3 .   ? -6.625  2.093   -25.956 1.00 48.93 ? 274 HOH A O   1 
HETATM 1265 O  O   . HOH F 3 .   ? -7.657  18.077  24.590  1.00 43.10 ? 275 HOH A O   1 
HETATM 1266 O  O   . HOH F 3 .   ? 18.010  3.291   -25.155 1.00 40.25 ? 276 HOH A O   1 
HETATM 1267 O  O   . HOH F 3 .   ? -4.823  0.675   -28.371 1.00 34.66 ? 277 HOH A O   1 
HETATM 1268 O  O   . HOH F 3 .   ? -5.415  16.351  26.185  1.00 43.49 ? 278 HOH A O   1 
HETATM 1269 O  O   . HOH F 3 .   ? -1.614  18.400  27.134  1.00 34.56 ? 279 HOH A O   1 
HETATM 1270 O  O   . HOH F 3 .   ? -14.443 -1.226  28.578  1.00 36.67 ? 280 HOH A O   1 
HETATM 1271 O  O   . HOH F 3 .   ? 6.633   2.081   24.673  1.00 34.72 ? 281 HOH A O   1 
HETATM 1272 O  O   . HOH F 3 .   ? 0.521   -23.536 15.109  1.00 41.88 ? 282 HOH A O   1 
HETATM 1273 O  O   . HOH F 3 .   ? -14.731 1.943   17.076  1.00 27.89 ? 283 HOH A O   1 
HETATM 1274 O  O   . HOH F 3 .   ? -11.881 6.175   30.072  1.00 29.21 ? 284 HOH A O   1 
HETATM 1275 O  O   . HOH F 3 .   ? 9.194   15.015  -25.838 1.00 41.12 ? 285 HOH A O   1 
HETATM 1276 O  O   . HOH F 3 .   ? -8.337  3.156   -29.326 1.00 37.66 ? 286 HOH A O   1 
HETATM 1277 O  O   . HOH F 3 .   ? -9.270  7.782   25.659  1.00 29.91 ? 287 HOH A O   1 
HETATM 1278 O  O   . HOH F 3 .   ? -6.691  1.921   -16.698 1.00 46.90 ? 288 HOH A O   1 
HETATM 1279 O  O   . HOH F 3 .   ? 3.479   8.850   17.227  1.00 37.18 ? 289 HOH A O   1 
HETATM 1280 O  O   . HOH F 3 .   ? -1.687  -1.409  -37.723 1.00 39.78 ? 290 HOH A O   1 
HETATM 1281 O  O   . HOH F 3 .   ? -13.448 4.107   18.511  1.00 33.91 ? 291 HOH A O   1 
HETATM 1282 O  O   . HOH F 3 .   ? -11.081 8.397   23.062  1.00 33.24 ? 292 HOH A O   1 
HETATM 1283 O  O   . HOH F 3 .   ? 0.244   -19.481 16.343  1.00 41.16 ? 293 HOH A O   1 
HETATM 1284 O  O   . HOH F 3 .   ? 6.368   -15.288 -31.194 1.00 32.17 ? 294 HOH A O   1 
HETATM 1285 O  O   . HOH F 3 .   ? 8.033   16.619  -19.032 1.00 40.31 ? 295 HOH A O   1 
HETATM 1286 O  O   . HOH F 3 .   ? -19.904 -6.965  20.871  1.00 38.59 ? 296 HOH A O   1 
HETATM 1287 O  O   . HOH F 3 .   ? -2.646  5.961   9.907   1.00 34.85 ? 297 HOH A O   1 
HETATM 1288 O  O   . HOH F 3 .   ? 1.262   -0.265  14.999  1.00 42.98 ? 298 HOH A O   1 
HETATM 1289 O  O   . HOH F 3 .   ? 11.398  -11.045 10.701  1.00 40.48 ? 299 HOH A O   1 
HETATM 1290 O  O   . HOH F 3 .   ? 6.625   -10.621 -31.355 1.00 35.16 ? 300 HOH A O   1 
HETATM 1291 O  O   . HOH F 3 .   ? 0.571   10.669  31.054  1.00 32.92 ? 301 HOH A O   1 
HETATM 1292 O  O   . HOH F 3 .   ? 9.318   -7.543  -29.326 1.00 33.57 ? 302 HOH A O   1 
HETATM 1293 O  O   . HOH F 3 .   ? -0.992  0.714   -2.300  1.00 34.09 ? 303 HOH A O   1 
HETATM 1294 O  O   . HOH F 3 .   ? 6.018   20.319  -26.623 1.00 43.63 ? 304 HOH A O   1 
HETATM 1295 O  O   . HOH F 3 .   ? -2.256  -12.374 -26.397 1.00 31.32 ? 305 HOH A O   1 
HETATM 1296 O  O   . HOH F 3 .   ? 15.804  5.667   -13.878 1.00 26.85 ? 306 HOH A O   1 
HETATM 1297 O  O   . HOH F 3 .   ? 14.402  -4.422  -26.363 1.00 34.78 ? 307 HOH A O   1 
HETATM 1298 O  O   . HOH F 3 .   ? -4.368  11.111  31.006  1.00 47.38 ? 308 HOH A O   1 
HETATM 1299 O  O   . HOH F 3 .   ? -3.239  -1.289  -17.015 1.00 40.65 ? 309 HOH A O   1 
HETATM 1300 O  O   . HOH F 3 .   ? 2.668   0.749   7.043   1.00 45.33 ? 310 HOH A O   1 
HETATM 1301 O  O   . HOH F 3 .   ? -0.595  -7.635  -33.472 1.00 25.14 ? 311 HOH A O   1 
HETATM 1302 O  O   . HOH F 3 .   ? 1.411   3.953   17.981  1.00 38.34 ? 312 HOH A O   1 
HETATM 1303 O  O   . HOH F 3 .   ? 4.970   5.814   -5.074  1.00 37.26 ? 313 HOH A O   1 
HETATM 1304 O  O   . HOH F 3 .   ? -0.346  5.698   3.027   1.00 42.19 ? 314 HOH A O   1 
HETATM 1305 O  O   . HOH F 3 .   ? -0.896  -8.836  3.413   1.00 33.15 ? 315 HOH A O   1 
HETATM 1306 O  O   . HOH F 3 .   ? 10.535  11.644  -21.867 1.00 33.09 ? 316 HOH A O   1 
HETATM 1307 O  O   . HOH F 3 .   ? -3.214  -0.461  -6.439  1.00 32.57 ? 317 HOH A O   1 
HETATM 1308 O  O   . HOH F 3 .   ? 2.894   10.207  -28.693 1.00 31.74 ? 318 HOH A O   1 
HETATM 1309 O  O   . HOH F 3 .   ? 5.147   7.850   -33.643 1.00 43.59 ? 319 HOH A O   1 
HETATM 1310 O  O   . HOH F 3 .   ? -10.315 14.981  26.813  1.00 39.11 ? 320 HOH A O   1 
HETATM 1311 O  O   . HOH F 3 .   ? 22.837  1.361   -20.395 1.00 34.49 ? 321 HOH A O   1 
HETATM 1312 O  O   . HOH F 3 .   ? 0.398   14.625  27.713  1.00 31.62 ? 322 HOH A O   1 
HETATM 1313 O  O   . HOH F 3 .   ? -13.176 0.709   26.386  1.00 35.71 ? 323 HOH A O   1 
HETATM 1314 O  O   . HOH F 3 .   ? 12.614  -1.713  -31.130 1.00 45.26 ? 324 HOH A O   1 
HETATM 1315 O  O   . HOH F 3 .   ? 2.319   -12.958 -16.647 1.00 48.93 ? 325 HOH A O   1 
HETATM 1316 O  O   . HOH F 3 .   ? 8.071   -10.283 -8.943  1.00 38.83 ? 326 HOH A O   1 
HETATM 1317 O  O   . HOH F 3 .   ? 4.254   -9.363  -3.718  1.00 33.30 ? 327 HOH A O   1 
HETATM 1318 O  O   . HOH F 3 .   ? -0.527  14.898  33.262  1.00 47.04 ? 328 HOH A O   1 
HETATM 1319 O  O   . HOH F 3 .   ? 7.467   -17.969 9.247   1.00 38.43 ? 329 HOH A O   1 
HETATM 1320 O  O   . HOH F 3 .   ? 7.780   1.900   -4.426  1.00 34.44 ? 330 HOH A O   1 
HETATM 1321 O  O   . HOH F 3 .   ? 0.919   0.724   4.053   1.00 31.95 ? 331 HOH A O   1 
HETATM 1322 O  O   . HOH F 3 .   ? 17.360  -0.709  -23.748 1.00 30.44 ? 332 HOH A O   1 
HETATM 1323 O  O   . HOH F 3 .   ? 20.860  1.666   -23.441 1.00 47.98 ? 333 HOH A O   1 
HETATM 1324 O  O   . HOH F 3 .   ? 3.948   10.511  -7.924  1.00 33.04 ? 334 HOH A O   1 
HETATM 1325 O  O   . HOH F 3 .   ? -0.855  0.958   -5.238  1.00 32.85 ? 335 HOH A O   1 
HETATM 1326 O  O   . HOH F 3 .   ? 4.826   -7.839  -13.579 1.00 47.13 ? 336 HOH A O   1 
HETATM 1327 O  O   . HOH F 3 .   ? 3.462   18.109  -26.471 1.00 44.97 ? 337 HOH A O   1 
HETATM 1328 O  O   . HOH F 3 .   ? 10.452  -10.708 17.232  1.00 37.90 ? 338 HOH A O   1 
HETATM 1329 O  O   . HOH F 3 .   ? -12.384 19.295  24.320  1.00 45.99 ? 339 HOH A O   1 
HETATM 1330 O  O   . HOH F 3 .   ? -0.765  -14.605 -25.100 1.00 34.77 ? 340 HOH A O   1 
HETATM 1331 O  O   . HOH F 3 .   ? 0.457   7.691   15.987  1.00 44.23 ? 341 HOH A O   1 
HETATM 1332 O  O   . HOH F 3 .   ? 8.414   -20.151 12.217  1.00 42.30 ? 342 HOH A O   1 
HETATM 1333 O  O   . HOH F 3 .   ? 21.327  6.665   -24.883 1.00 41.51 ? 343 HOH A O   1 
HETATM 1334 O  O   . HOH F 3 .   ? -4.614  8.733   -9.906  1.00 36.41 ? 344 HOH A O   1 
HETATM 1335 O  O   . HOH F 3 .   ? -3.379  -13.275 6.240   1.00 45.65 ? 345 HOH A O   1 
HETATM 1336 O  O   . HOH F 3 .   ? -14.209 8.804   21.840  1.00 42.50 ? 346 HOH A O   1 
HETATM 1337 O  O   . HOH F 3 .   ? -4.170  -0.850  7.696   1.00 35.87 ? 347 HOH A O   1 
HETATM 1338 O  O   . HOH F 3 .   ? -6.025  7.257   -12.013 1.00 38.59 ? 348 HOH A O   1 
HETATM 1339 O  O   . HOH F 3 .   ? -8.906  20.748  25.588  1.00 47.90 ? 349 HOH A O   1 
HETATM 1340 O  O   . HOH F 3 .   ? -1.309  1.945   15.348  1.00 43.29 ? 350 HOH A O   1 
HETATM 1341 O  O   . HOH F 3 .   ? -8.883  -5.473  2.781   1.00 47.44 ? 351 HOH A O   1 
HETATM 1342 O  O   . HOH F 3 .   ? 18.106  -3.209  -20.560 1.00 44.92 ? 352 HOH A O   1 
HETATM 1343 O  O   . HOH F 3 .   ? -0.226  -9.846  24.217  1.00 35.31 ? 353 HOH A O   1 
HETATM 1344 O  O   . HOH F 3 .   ? 9.589   15.334  -19.765 1.00 40.58 ? 354 HOH A O   1 
HETATM 1345 O  O   . HOH F 3 .   ? 13.806  14.335  -18.342 1.00 43.85 ? 355 HOH A O   1 
HETATM 1346 O  O   . HOH F 3 .   ? 2.424   8.414   -8.366  1.00 37.16 ? 356 HOH A O   1 
HETATM 1347 O  O   . HOH F 3 .   ? -13.443 14.476  23.083  1.00 33.89 ? 357 HOH A O   1 
HETATM 1348 O  O   . HOH F 3 .   ? -18.786 1.429   20.406  1.00 48.96 ? 358 HOH A O   1 
HETATM 1349 O  O   . HOH F 3 .   ? 0.357   -18.513 10.501  1.00 47.93 ? 359 HOH A O   1 
HETATM 1350 O  O   . HOH F 3 .   ? 6.161   6.232   -31.571 1.00 39.80 ? 360 HOH A O   1 
HETATM 1351 O  O   . HOH F 3 .   ? 7.186   -17.939 13.360  1.00 45.99 ? 361 HOH A O   1 
HETATM 1352 O  O   . HOH F 3 .   ? 6.051   -8.587  -11.440 1.00 43.81 ? 362 HOH A O   1 
HETATM 1353 O  O   . HOH F 3 .   ? -13.679 4.265   26.182  1.00 47.20 ? 363 HOH A O   1 
HETATM 1354 O  O   . HOH F 3 .   ? 12.489  -4.729  -30.704 1.00 45.92 ? 364 HOH A O   1 
HETATM 1355 O  O   . HOH F 3 .   ? -21.234 -8.608  19.294  1.00 41.10 ? 365 HOH A O   1 
HETATM 1356 O  O   . HOH F 3 .   ? 9.175   -8.070  -10.208 1.00 40.72 ? 366 HOH A O   1 
HETATM 1357 O  O   . HOH F 3 .   ? 12.755  -3.334  -3.527  1.00 38.30 ? 367 HOH A O   1 
HETATM 1358 O  O   . HOH F 3 .   ? 6.163   -7.017  -15.402 1.00 45.52 ? 368 HOH A O   1 
HETATM 1359 O  O   . HOH F 3 .   ? -0.771  -2.585  33.303  1.00 37.27 ? 369 HOH A O   1 
HETATM 1360 O  O   . HOH F 3 .   ? -16.749 5.419   18.765  1.00 35.29 ? 370 HOH A O   1 
HETATM 1361 O  O   . HOH F 3 .   ? -7.469  0.651   -7.924  1.00 43.32 ? 371 HOH A O   1 
HETATM 1362 O  O   . HOH F 3 .   ? 6.474   3.328   29.394  1.00 35.82 ? 372 HOH A O   1 
HETATM 1363 O  O   . HOH F 3 .   ? -4.316  13.176  28.347  1.00 43.87 ? 373 HOH A O   1 
HETATM 1364 O  O   . HOH F 3 .   ? -9.255  -8.849  10.850  1.00 40.08 ? 374 HOH A O   1 
HETATM 1365 O  O   . HOH F 3 .   ? 5.423   14.623  -28.455 1.00 48.54 ? 375 HOH A O   1 
HETATM 1366 O  O   . HOH F 3 .   ? -6.520  1.594   -19.637 1.00 42.50 ? 376 HOH A O   1 
HETATM 1367 O  O   . HOH F 3 .   ? 11.597  -17.055 10.369  1.00 43.89 ? 377 HOH A O   1 
HETATM 1368 O  O   . HOH F 3 .   ? 5.517   9.104   -28.668 1.00 36.09 ? 378 HOH A O   1 
HETATM 1369 O  O   . HOH F 3 .   ? 19.805  5.051   -15.796 1.00 41.20 ? 379 HOH A O   1 
HETATM 1370 O  O   . HOH F 3 .   ? 2.251   12.750  -8.885  1.00 36.87 ? 380 HOH A O   1 
HETATM 1371 O  O   . HOH F 3 .   ? 9.865   -5.334  -29.586 1.00 48.21 ? 381 HOH A O   1 
HETATM 1372 O  O   . HOH F 3 .   ? 7.647   14.336  -16.015 1.00 47.22 ? 382 HOH A O   1 
HETATM 1373 O  O   . HOH F 3 .   ? -5.156  3.062   10.703  1.00 45.47 ? 383 HOH A O   1 
HETATM 1374 O  O   . HOH F 3 .   ? 4.253   -2.358  5.266   1.00 43.15 ? 384 HOH A O   1 
HETATM 1375 O  O   . HOH F 3 .   ? -1.267  12.726  32.937  1.00 47.00 ? 385 HOH A O   1 
HETATM 1376 O  O   . HOH F 3 .   ? 0.235   -8.740  1.281   1.00 47.08 ? 386 HOH A O   1 
HETATM 1377 O  O   . HOH F 3 .   ? 10.562  17.809  -17.164 1.00 45.21 ? 387 HOH A O   1 
HETATM 1378 O  O   . HOH F 3 .   ? -1.690  1.261   4.274   1.00 35.72 ? 388 HOH A O   1 
HETATM 1379 O  O   . HOH F 3 .   ? -2.493  14.588  27.482  1.00 38.71 ? 389 HOH A O   1 
HETATM 1380 O  O   . HOH F 3 .   ? -2.131  -16.757 5.708   1.00 45.89 ? 390 HOH A O   1 
HETATM 1381 O  O   . HOH F 3 .   ? 1.650   9.151   1.151   1.00 45.21 ? 391 HOH A O   1 
HETATM 1382 O  O   . HOH F 3 .   ? 5.837   -11.542 -9.451  1.00 48.69 ? 392 HOH A O   1 
HETATM 1383 O  O   . HOH F 3 .   ? 13.848  8.896   -25.214 1.00 41.51 ? 393 HOH A O   1 
HETATM 1384 O  O   . HOH F 3 .   ? 7.015   17.575  -28.486 1.00 41.96 ? 394 HOH A O   1 
HETATM 1385 O  O   . HOH F 3 .   ? -6.772  -9.824  5.995   1.00 41.39 ? 395 HOH A O   1 
HETATM 1386 O  O   . HOH F 3 .   ? 18.359  -0.474  -17.552 1.00 33.35 ? 396 HOH A O   1 
HETATM 1387 O  O   . HOH F 3 .   ? -2.620  -4.913  -9.157  1.00 47.18 ? 397 HOH A O   1 
HETATM 1388 O  O   . HOH F 3 .   ? -4.639  7.252   6.290   1.00 48.42 ? 398 HOH A O   1 
HETATM 1389 O  O   . HOH F 3 .   ? 6.338   -19.627 5.153   1.00 35.91 ? 399 HOH A O   1 
HETATM 1390 O  O   . HOH F 3 .   ? 23.471  3.374   -23.912 1.00 45.16 ? 400 HOH A O   1 
HETATM 1391 O  O   . HOH F 3 .   ? 19.637  7.173   -18.424 1.00 43.48 ? 401 HOH A O   1 
HETATM 1392 O  O   . HOH F 3 .   ? -13.158 6.932   23.453  1.00 45.99 ? 402 HOH A O   1 
HETATM 1393 O  O   . HOH F 3 .   ? 5.670   -12.702 3.391   1.00 47.36 ? 403 HOH A O   1 
HETATM 1394 O  O   . HOH F 3 .   ? -11.327 -9.037  12.650  1.00 43.90 ? 404 HOH A O   1 
HETATM 1395 O  O   . HOH F 3 .   ? 6.197   11.083  16.904  1.00 39.84 ? 405 HOH A O   1 
HETATM 1396 O  O   . HOH F 3 .   ? 10.570  -2.560  15.547  1.00 48.52 ? 406 HOH A O   1 
HETATM 1397 O  O   . HOH F 3 .   ? -5.309  -11.323 0.664   1.00 48.56 ? 407 HOH A O   1 
HETATM 1398 O  O   . HOH F 3 .   ? -7.038  -7.999  32.500  1.00 45.77 ? 408 HOH A O   1 
HETATM 1399 O  O   . HOH F 3 .   ? -5.784  7.938   -6.912  1.00 44.12 ? 409 HOH A O   1 
HETATM 1400 O  O   . HOH F 3 .   ? -12.045 -8.627  23.318  1.00 36.17 ? 410 HOH A O   1 
HETATM 1401 O  O   . HOH F 3 .   ? -10.377 -10.150 25.051  1.00 40.61 ? 411 HOH A O   1 
HETATM 1402 O  O   . HOH F 3 .   ? -8.335  -6.312  33.584  1.00 38.14 ? 412 HOH A O   1 
# 
